data_5KX4
# 
_entry.id   5KX4 
# 
_audit_conform.dict_name       mmcif_pdbx.dic 
_audit_conform.dict_version    5.398 
_audit_conform.dict_location   http://mmcif.pdb.org/dictionaries/ascii/mmcif_pdbx.dic 
# 
loop_
_database_2.database_id 
_database_2.database_code 
_database_2.pdbx_database_accession 
_database_2.pdbx_DOI 
PDB   5KX4         pdb_00005kx4 10.2210/pdb5kx4/pdb 
WWPDB D_1000222378 ?            ?                   
# 
loop_
_pdbx_audit_revision_history.ordinal 
_pdbx_audit_revision_history.data_content_type 
_pdbx_audit_revision_history.major_revision 
_pdbx_audit_revision_history.minor_revision 
_pdbx_audit_revision_history.revision_date 
1 'Structure model' 1 0 2016-07-27 
2 'Structure model' 1 1 2016-08-10 
3 'Structure model' 1 2 2017-07-05 
4 'Structure model' 1 3 2017-11-22 
5 'Structure model' 1 4 2024-11-06 
# 
_pdbx_audit_revision_details.ordinal             1 
_pdbx_audit_revision_details.revision_ordinal    1 
_pdbx_audit_revision_details.data_content_type   'Structure model' 
_pdbx_audit_revision_details.provider            repository 
_pdbx_audit_revision_details.type                'Initial release' 
_pdbx_audit_revision_details.description         ? 
_pdbx_audit_revision_details.details             ? 
# 
loop_
_pdbx_audit_revision_group.ordinal 
_pdbx_audit_revision_group.revision_ordinal 
_pdbx_audit_revision_group.data_content_type 
_pdbx_audit_revision_group.group 
1 2 'Structure model' 'Database references'    
2 2 'Structure model' 'Structure summary'      
3 3 'Structure model' 'Database references'    
4 4 'Structure model' 'Refinement description' 
5 5 'Structure model' 'Data collection'        
6 5 'Structure model' 'Database references'    
7 5 'Structure model' 'Derived calculations'   
8 5 'Structure model' 'Structure summary'      
# 
loop_
_pdbx_audit_revision_category.ordinal 
_pdbx_audit_revision_category.revision_ordinal 
_pdbx_audit_revision_category.data_content_type 
_pdbx_audit_revision_category.category 
1 3 'Structure model' citation                  
2 3 'Structure model' citation_author           
3 4 'Structure model' software                  
4 5 'Structure model' chem_comp_atom            
5 5 'Structure model' chem_comp_bond            
6 5 'Structure model' database_2                
7 5 'Structure model' pdbx_entry_details        
8 5 'Structure model' pdbx_modification_feature 
9 5 'Structure model' struct_conn               
# 
loop_
_pdbx_audit_revision_item.ordinal 
_pdbx_audit_revision_item.revision_ordinal 
_pdbx_audit_revision_item.data_content_type 
_pdbx_audit_revision_item.item 
1  3 'Structure model' '_citation.journal_abbrev'            
2  3 'Structure model' '_citation.journal_id_CSD'            
3  3 'Structure model' '_citation.journal_id_ISSN'           
4  3 'Structure model' '_citation.journal_volume'            
5  3 'Structure model' '_citation.page_first'                
6  3 'Structure model' '_citation.page_last'                 
7  3 'Structure model' '_citation.pdbx_database_id_DOI'      
8  3 'Structure model' '_citation.pdbx_database_id_PubMed'   
9  3 'Structure model' '_citation.title'                     
10 3 'Structure model' '_citation.year'                      
11 4 'Structure model' '_software.classification'            
12 5 'Structure model' '_database_2.pdbx_DOI'                
13 5 'Structure model' '_database_2.pdbx_database_accession' 
14 5 'Structure model' '_struct_conn.pdbx_dist_value'        
15 5 'Structure model' '_struct_conn.pdbx_value_order'       
16 5 'Structure model' '_struct_conn.ptnr1_auth_asym_id'     
17 5 'Structure model' '_struct_conn.ptnr1_auth_seq_id'      
18 5 'Structure model' '_struct_conn.ptnr1_label_asym_id'    
19 5 'Structure model' '_struct_conn.ptnr1_label_seq_id'     
20 5 'Structure model' '_struct_conn.ptnr2_auth_asym_id'     
21 5 'Structure model' '_struct_conn.ptnr2_auth_seq_id'      
22 5 'Structure model' '_struct_conn.ptnr2_label_asym_id'    
23 5 'Structure model' '_struct_conn.ptnr2_label_seq_id'     
# 
_pdbx_database_PDB_obs_spr.id               SPRSDE 
_pdbx_database_PDB_obs_spr.date             2016-07-27 
_pdbx_database_PDB_obs_spr.pdb_id           5KX4 
_pdbx_database_PDB_obs_spr.replace_pdb_id   4LU2 
_pdbx_database_PDB_obs_spr.details          ? 
# 
_pdbx_database_status.status_code                     REL 
_pdbx_database_status.status_code_sf                  REL 
_pdbx_database_status.status_code_mr                  ? 
_pdbx_database_status.entry_id                        5KX4 
_pdbx_database_status.recvd_initial_deposition_date   2016-07-20 
_pdbx_database_status.SG_entry                        N 
_pdbx_database_status.deposit_site                    RCSB 
_pdbx_database_status.process_site                    RCSB 
_pdbx_database_status.status_code_cs                  ? 
_pdbx_database_status.methods_development_category    ? 
_pdbx_database_status.pdb_format_compatible           Y 
_pdbx_database_status.status_code_nmr_data            ? 
# 
_audit_author.name           'Asojo, O.A.' 
_audit_author.pdbx_ordinal   1 
# 
_citation.abstract                  ? 
_citation.abstract_id_CAS           ? 
_citation.book_id_ISBN              ? 
_citation.book_publisher            ? 
_citation.book_publisher_city       ? 
_citation.book_title                ? 
_citation.coordinate_linkage        ? 
_citation.country                   US 
_citation.database_id_Medline       ? 
_citation.details                   ? 
_citation.id                        primary 
_citation.journal_abbrev            'PLoS Negl Trop Dis' 
_citation.journal_id_ASTM           ? 
_citation.journal_id_CSD            ? 
_citation.journal_id_ISSN           1935-2735 
_citation.journal_full              ? 
_citation.journal_issue             ? 
_citation.journal_volume            11 
_citation.language                  ? 
_citation.page_first                e0005374 
_citation.page_last                 e0005374 
_citation.title                     'Structure of SALO, a leishmaniasis vaccine candidate from the sand fly Lutzomyia longipalpis.' 
_citation.year                      2017 
_citation.database_id_CSD           ? 
_citation.pdbx_database_id_DOI      10.1371/journal.pntd.0005374 
_citation.pdbx_database_id_PubMed   28278244 
_citation.unpublished_flag          ? 
# 
loop_
_citation_author.citation_id 
_citation_author.name 
_citation_author.ordinal 
_citation_author.identifier_ORCID 
primary 'Asojo, O.A.'       1  ? 
primary 'Kelleher, A.'      2  ? 
primary 'Liu, Z.'           3  ? 
primary 'Pollet, J.'        4  ? 
primary 'Hudspeth, E.M.'    5  ? 
primary 'Rezende, W.C.'     6  ? 
primary 'Groen, M.J.'       7  ? 
primary 'Seid, C.A.'        8  ? 
primary 'Abdeladhim, M.'    9  ? 
primary 'Townsend, S.'      10 ? 
primary 'de Castro, W.'     11 ? 
primary 'Mendes-Sousa, A.'  12 ? 
primary 'Bartholomeu, D.C.' 13 ? 
primary 'Fujiwara, R.T.'    14 ? 
primary 'Bottazzi, M.E.'    15 ? 
primary 'Hotez, P.J.'       16 ? 
primary 'Zhan, B.'          17 ? 
primary 'Oliveira, F.'      18 ? 
primary 'Kamhawi, S.'       19 ? 
primary 'Valenzuela, J.G.'  20 ? 
# 
loop_
_entity.id 
_entity.type 
_entity.src_method 
_entity.pdbx_description 
_entity.formula_weight 
_entity.pdbx_number_of_molecules 
_entity.pdbx_ec 
_entity.pdbx_mutation 
_entity.pdbx_fragment 
_entity.details 
1 polymer man '10.7 kDa salivary protein' 11924.151 2  ? ? ? ? 
2 water   nat water                       18.015    18 ? ? ? ? 
# 
_entity_poly.entity_id                      1 
_entity_poly.type                           'polypeptide(L)' 
_entity_poly.nstd_linkage                   no 
_entity_poly.nstd_monomer                   no 
_entity_poly.pdbx_seq_one_letter_code       
;EFSEDCENIFHDNAYLLKLDCEAGRVDPVEYDDISDEEIYEITVDVGVSSEDQEKVAKIIRECIAQVSTQDCTKFSEIYD
CYMKKKICNYYPENMHHHHHH
;
_entity_poly.pdbx_seq_one_letter_code_can   
;EFSEDCENIFHDNAYLLKLDCEAGRVDPVEYDDISDEEIYEITVDVGVSSEDQEKVAKIIRECIAQVSTQDCTKFSEIYD
CYMKKKICNYYPENMHHHHHH
;
_entity_poly.pdbx_strand_id                 A,B 
_entity_poly.pdbx_target_identifier         ? 
# 
_pdbx_entity_nonpoly.entity_id   2 
_pdbx_entity_nonpoly.name        water 
_pdbx_entity_nonpoly.comp_id     HOH 
# 
loop_
_entity_poly_seq.entity_id 
_entity_poly_seq.num 
_entity_poly_seq.mon_id 
_entity_poly_seq.hetero 
1 1   GLU n 
1 2   PHE n 
1 3   SER n 
1 4   GLU n 
1 5   ASP n 
1 6   CYS n 
1 7   GLU n 
1 8   ASN n 
1 9   ILE n 
1 10  PHE n 
1 11  HIS n 
1 12  ASP n 
1 13  ASN n 
1 14  ALA n 
1 15  TYR n 
1 16  LEU n 
1 17  LEU n 
1 18  LYS n 
1 19  LEU n 
1 20  ASP n 
1 21  CYS n 
1 22  GLU n 
1 23  ALA n 
1 24  GLY n 
1 25  ARG n 
1 26  VAL n 
1 27  ASP n 
1 28  PRO n 
1 29  VAL n 
1 30  GLU n 
1 31  TYR n 
1 32  ASP n 
1 33  ASP n 
1 34  ILE n 
1 35  SER n 
1 36  ASP n 
1 37  GLU n 
1 38  GLU n 
1 39  ILE n 
1 40  TYR n 
1 41  GLU n 
1 42  ILE n 
1 43  THR n 
1 44  VAL n 
1 45  ASP n 
1 46  VAL n 
1 47  GLY n 
1 48  VAL n 
1 49  SER n 
1 50  SER n 
1 51  GLU n 
1 52  ASP n 
1 53  GLN n 
1 54  GLU n 
1 55  LYS n 
1 56  VAL n 
1 57  ALA n 
1 58  LYS n 
1 59  ILE n 
1 60  ILE n 
1 61  ARG n 
1 62  GLU n 
1 63  CYS n 
1 64  ILE n 
1 65  ALA n 
1 66  GLN n 
1 67  VAL n 
1 68  SER n 
1 69  THR n 
1 70  GLN n 
1 71  ASP n 
1 72  CYS n 
1 73  THR n 
1 74  LYS n 
1 75  PHE n 
1 76  SER n 
1 77  GLU n 
1 78  ILE n 
1 79  TYR n 
1 80  ASP n 
1 81  CYS n 
1 82  TYR n 
1 83  MET n 
1 84  LYS n 
1 85  LYS n 
1 86  LYS n 
1 87  ILE n 
1 88  CYS n 
1 89  ASN n 
1 90  TYR n 
1 91  TYR n 
1 92  PRO n 
1 93  GLU n 
1 94  ASN n 
1 95  MET n 
1 96  HIS n 
1 97  HIS n 
1 98  HIS n 
1 99  HIS n 
1 100 HIS n 
1 101 HIS n 
# 
_entity_src_gen.entity_id                          1 
_entity_src_gen.pdbx_src_id                        1 
_entity_src_gen.pdbx_alt_source_flag               sample 
_entity_src_gen.pdbx_seq_type                      'Biological sequence' 
_entity_src_gen.pdbx_beg_seq_num                   1 
_entity_src_gen.pdbx_end_seq_num                   101 
_entity_src_gen.gene_src_common_name               'Sand fly' 
_entity_src_gen.gene_src_genus                     ? 
_entity_src_gen.pdbx_gene_src_gene                 ? 
_entity_src_gen.gene_src_species                   ? 
_entity_src_gen.gene_src_strain                    ? 
_entity_src_gen.gene_src_tissue                    ? 
_entity_src_gen.gene_src_tissue_fraction           ? 
_entity_src_gen.gene_src_details                   ? 
_entity_src_gen.pdbx_gene_src_fragment             ? 
_entity_src_gen.pdbx_gene_src_scientific_name      'Lutzomyia longipalpis' 
_entity_src_gen.pdbx_gene_src_ncbi_taxonomy_id     7200 
_entity_src_gen.pdbx_gene_src_variant              ? 
_entity_src_gen.pdbx_gene_src_cell_line            ? 
_entity_src_gen.pdbx_gene_src_atcc                 ? 
_entity_src_gen.pdbx_gene_src_organ                ? 
_entity_src_gen.pdbx_gene_src_organelle            ? 
_entity_src_gen.pdbx_gene_src_cell                 ? 
_entity_src_gen.pdbx_gene_src_cellular_location    ? 
_entity_src_gen.host_org_common_name               ? 
_entity_src_gen.pdbx_host_org_scientific_name      'Komagataella pastoris GS115' 
_entity_src_gen.pdbx_host_org_ncbi_taxonomy_id     644223 
_entity_src_gen.host_org_genus                     ? 
_entity_src_gen.pdbx_host_org_gene                 ? 
_entity_src_gen.pdbx_host_org_organ                ? 
_entity_src_gen.host_org_species                   ? 
_entity_src_gen.pdbx_host_org_tissue               ? 
_entity_src_gen.pdbx_host_org_tissue_fraction      ? 
_entity_src_gen.pdbx_host_org_strain               ? 
_entity_src_gen.pdbx_host_org_variant              ? 
_entity_src_gen.pdbx_host_org_cell_line            ? 
_entity_src_gen.pdbx_host_org_atcc                 ? 
_entity_src_gen.pdbx_host_org_culture_collection   ? 
_entity_src_gen.pdbx_host_org_cell                 ? 
_entity_src_gen.pdbx_host_org_organelle            ? 
_entity_src_gen.pdbx_host_org_cellular_location    ? 
_entity_src_gen.pdbx_host_org_vector_type          ? 
_entity_src_gen.pdbx_host_org_vector               ? 
_entity_src_gen.host_org_details                   ? 
_entity_src_gen.expression_system_id               ? 
_entity_src_gen.plasmid_name                       ? 
_entity_src_gen.plasmid_details                    ? 
_entity_src_gen.pdbx_description                   ? 
# 
loop_
_chem_comp.id 
_chem_comp.type 
_chem_comp.mon_nstd_flag 
_chem_comp.name 
_chem_comp.pdbx_synonyms 
_chem_comp.formula 
_chem_comp.formula_weight 
ALA 'L-peptide linking' y ALANINE         ? 'C3 H7 N O2'     89.093  
ARG 'L-peptide linking' y ARGININE        ? 'C6 H15 N4 O2 1' 175.209 
ASN 'L-peptide linking' y ASPARAGINE      ? 'C4 H8 N2 O3'    132.118 
ASP 'L-peptide linking' y 'ASPARTIC ACID' ? 'C4 H7 N O4'     133.103 
CYS 'L-peptide linking' y CYSTEINE        ? 'C3 H7 N O2 S'   121.158 
GLN 'L-peptide linking' y GLUTAMINE       ? 'C5 H10 N2 O3'   146.144 
GLU 'L-peptide linking' y 'GLUTAMIC ACID' ? 'C5 H9 N O4'     147.129 
GLY 'peptide linking'   y GLYCINE         ? 'C2 H5 N O2'     75.067  
HIS 'L-peptide linking' y HISTIDINE       ? 'C6 H10 N3 O2 1' 156.162 
HOH non-polymer         . WATER           ? 'H2 O'           18.015  
ILE 'L-peptide linking' y ISOLEUCINE      ? 'C6 H13 N O2'    131.173 
LEU 'L-peptide linking' y LEUCINE         ? 'C6 H13 N O2'    131.173 
LYS 'L-peptide linking' y LYSINE          ? 'C6 H15 N2 O2 1' 147.195 
MET 'L-peptide linking' y METHIONINE      ? 'C5 H11 N O2 S'  149.211 
PHE 'L-peptide linking' y PHENYLALANINE   ? 'C9 H11 N O2'    165.189 
PRO 'L-peptide linking' y PROLINE         ? 'C5 H9 N O2'     115.130 
SER 'L-peptide linking' y SERINE          ? 'C3 H7 N O3'     105.093 
THR 'L-peptide linking' y THREONINE       ? 'C4 H9 N O3'     119.119 
TYR 'L-peptide linking' y TYROSINE        ? 'C9 H11 N O3'    181.189 
VAL 'L-peptide linking' y VALINE          ? 'C5 H11 N O2'    117.146 
# 
loop_
_pdbx_poly_seq_scheme.asym_id 
_pdbx_poly_seq_scheme.entity_id 
_pdbx_poly_seq_scheme.seq_id 
_pdbx_poly_seq_scheme.mon_id 
_pdbx_poly_seq_scheme.ndb_seq_num 
_pdbx_poly_seq_scheme.pdb_seq_num 
_pdbx_poly_seq_scheme.auth_seq_num 
_pdbx_poly_seq_scheme.pdb_mon_id 
_pdbx_poly_seq_scheme.auth_mon_id 
_pdbx_poly_seq_scheme.pdb_strand_id 
_pdbx_poly_seq_scheme.pdb_ins_code 
_pdbx_poly_seq_scheme.hetero 
A 1 1   GLU 1   1   1  GLU GLU A . n 
A 1 2   PHE 2   2   2  PHE PHE A . n 
A 1 3   SER 3   3   3  SER SER A . n 
A 1 4   GLU 4   4   4  GLU GLU A . n 
A 1 5   ASP 5   5   5  ASP ASP A . n 
A 1 6   CYS 6   6   6  CYS CYS A . n 
A 1 7   GLU 7   7   7  GLU GLU A . n 
A 1 8   ASN 8   8   8  ASN ASN A . n 
A 1 9   ILE 9   9   9  ILE ILE A . n 
A 1 10  PHE 10  10  10 PHE PHE A . n 
A 1 11  HIS 11  11  11 HIS HIS A . n 
A 1 12  ASP 12  12  12 ASP ASP A . n 
A 1 13  ASN 13  13  13 ASN ASN A . n 
A 1 14  ALA 14  14  14 ALA ALA A . n 
A 1 15  TYR 15  15  15 TYR TYR A . n 
A 1 16  LEU 16  16  16 LEU LEU A . n 
A 1 17  LEU 17  17  17 LEU LEU A . n 
A 1 18  LYS 18  18  18 LYS LYS A . n 
A 1 19  LEU 19  19  19 LEU LEU A . n 
A 1 20  ASP 20  20  20 ASP ASP A . n 
A 1 21  CYS 21  21  21 CYS CYS A . n 
A 1 22  GLU 22  22  22 GLU GLU A . n 
A 1 23  ALA 23  23  23 ALA ALA A . n 
A 1 24  GLY 24  24  24 GLY GLY A . n 
A 1 25  ARG 25  25  25 ARG ARG A . n 
A 1 26  VAL 26  26  26 VAL VAL A . n 
A 1 27  ASP 27  27  27 ASP ASP A . n 
A 1 28  PRO 28  28  28 PRO PRO A . n 
A 1 29  VAL 29  29  29 VAL VAL A . n 
A 1 30  GLU 30  30  30 GLU GLU A . n 
A 1 31  TYR 31  31  31 TYR TYR A . n 
A 1 32  ASP 32  32  32 ASP ASP A . n 
A 1 33  ASP 33  33  33 ASP ASP A . n 
A 1 34  ILE 34  34  34 ILE ILE A . n 
A 1 35  SER 35  35  35 SER SER A . n 
A 1 36  ASP 36  36  36 ASP ASP A . n 
A 1 37  GLU 37  37  37 GLU GLU A . n 
A 1 38  GLU 38  38  38 GLU GLU A . n 
A 1 39  ILE 39  39  39 ILE ILE A . n 
A 1 40  TYR 40  40  40 TYR TYR A . n 
A 1 41  GLU 41  41  41 GLU GLU A . n 
A 1 42  ILE 42  42  42 ILE ILE A . n 
A 1 43  THR 43  43  43 THR THR A . n 
A 1 44  VAL 44  44  44 VAL VAL A . n 
A 1 45  ASP 45  45  45 ASP ASP A . n 
A 1 46  VAL 46  46  46 VAL VAL A . n 
A 1 47  GLY 47  47  47 GLY GLY A . n 
A 1 48  VAL 48  48  48 VAL VAL A . n 
A 1 49  SER 49  49  49 SER SER A . n 
A 1 50  SER 50  50  50 SER SER A . n 
A 1 51  GLU 51  51  51 GLU GLU A . n 
A 1 52  ASP 52  52  52 ASP ASP A . n 
A 1 53  GLN 53  53  53 GLN GLN A . n 
A 1 54  GLU 54  54  54 GLU GLU A . n 
A 1 55  LYS 55  55  55 LYS LYS A . n 
A 1 56  VAL 56  56  56 VAL VAL A . n 
A 1 57  ALA 57  57  57 ALA ALA A . n 
A 1 58  LYS 58  58  58 LYS LYS A . n 
A 1 59  ILE 59  59  59 ILE ILE A . n 
A 1 60  ILE 60  60  60 ILE ILE A . n 
A 1 61  ARG 61  61  61 ARG ARG A . n 
A 1 62  GLU 62  62  62 GLU GLU A . n 
A 1 63  CYS 63  63  63 CYS CYS A . n 
A 1 64  ILE 64  64  64 ILE ILE A . n 
A 1 65  ALA 65  65  65 ALA ALA A . n 
A 1 66  GLN 66  66  66 GLN GLN A . n 
A 1 67  VAL 67  67  67 VAL VAL A . n 
A 1 68  SER 68  68  68 SER SER A . n 
A 1 69  THR 69  69  69 THR THR A . n 
A 1 70  GLN 70  70  70 GLN GLN A . n 
A 1 71  ASP 71  71  71 ASP ASP A . n 
A 1 72  CYS 72  72  72 CYS CYS A . n 
A 1 73  THR 73  73  73 THR THR A . n 
A 1 74  LYS 74  74  74 LYS LYS A . n 
A 1 75  PHE 75  75  75 PHE PHE A . n 
A 1 76  SER 76  76  76 SER SER A . n 
A 1 77  GLU 77  77  77 GLU GLU A . n 
A 1 78  ILE 78  78  78 ILE ILE A . n 
A 1 79  TYR 79  79  79 TYR TYR A . n 
A 1 80  ASP 80  80  80 ASP ASP A . n 
A 1 81  CYS 81  81  81 CYS CYS A . n 
A 1 82  TYR 82  82  82 TYR TYR A . n 
A 1 83  MET 83  83  83 MET MET A . n 
A 1 84  LYS 84  84  84 LYS LYS A . n 
A 1 85  LYS 85  85  85 LYS LYS A . n 
A 1 86  LYS 86  86  86 LYS LYS A . n 
A 1 87  ILE 87  87  87 ILE ILE A . n 
A 1 88  CYS 88  88  88 CYS CYS A . n 
A 1 89  ASN 89  89  89 ASN ASN A . n 
A 1 90  TYR 90  90  90 TYR TYR A . n 
A 1 91  TYR 91  91  91 TYR TYR A . n 
A 1 92  PRO 92  92  92 PRO PRO A . n 
A 1 93  GLU 93  93  93 GLU GLU A . n 
A 1 94  ASN 94  94  94 ASN ASN A . n 
A 1 95  MET 95  95  95 MET MET A . n 
A 1 96  HIS 96  96  ?  ?   ?   A . n 
A 1 97  HIS 97  97  ?  ?   ?   A . n 
A 1 98  HIS 98  98  ?  ?   ?   A . n 
A 1 99  HIS 99  99  ?  ?   ?   A . n 
A 1 100 HIS 100 100 ?  ?   ?   A . n 
A 1 101 HIS 101 101 ?  ?   ?   A . n 
B 1 1   GLU 1   1   1  GLU GLU B . n 
B 1 2   PHE 2   2   2  PHE PHE B . n 
B 1 3   SER 3   3   3  SER SER B . n 
B 1 4   GLU 4   4   4  GLU GLU B . n 
B 1 5   ASP 5   5   5  ASP ASP B . n 
B 1 6   CYS 6   6   6  CYS CYS B . n 
B 1 7   GLU 7   7   7  GLU GLU B . n 
B 1 8   ASN 8   8   8  ASN ASN B . n 
B 1 9   ILE 9   9   9  ILE ILE B . n 
B 1 10  PHE 10  10  10 PHE PHE B . n 
B 1 11  HIS 11  11  11 HIS HIS B . n 
B 1 12  ASP 12  12  12 ASP ASP B . n 
B 1 13  ASN 13  13  13 ASN ASN B . n 
B 1 14  ALA 14  14  14 ALA ALA B . n 
B 1 15  TYR 15  15  15 TYR TYR B . n 
B 1 16  LEU 16  16  16 LEU LEU B . n 
B 1 17  LEU 17  17  17 LEU LEU B . n 
B 1 18  LYS 18  18  18 LYS LYS B . n 
B 1 19  LEU 19  19  19 LEU LEU B . n 
B 1 20  ASP 20  20  20 ASP ASP B . n 
B 1 21  CYS 21  21  21 CYS CYS B . n 
B 1 22  GLU 22  22  22 GLU GLU B . n 
B 1 23  ALA 23  23  23 ALA ALA B . n 
B 1 24  GLY 24  24  24 GLY GLY B . n 
B 1 25  ARG 25  25  25 ARG ARG B . n 
B 1 26  VAL 26  26  26 VAL VAL B . n 
B 1 27  ASP 27  27  27 ASP ASP B . n 
B 1 28  PRO 28  28  28 PRO PRO B . n 
B 1 29  VAL 29  29  29 VAL VAL B . n 
B 1 30  GLU 30  30  30 GLU GLU B . n 
B 1 31  TYR 31  31  31 TYR TYR B . n 
B 1 32  ASP 32  32  32 ASP ASP B . n 
B 1 33  ASP 33  33  33 ASP ASP B . n 
B 1 34  ILE 34  34  34 ILE ILE B . n 
B 1 35  SER 35  35  35 SER SER B . n 
B 1 36  ASP 36  36  36 ASP ASP B . n 
B 1 37  GLU 37  37  37 GLU GLU B . n 
B 1 38  GLU 38  38  38 GLU GLU B . n 
B 1 39  ILE 39  39  39 ILE ILE B . n 
B 1 40  TYR 40  40  40 TYR TYR B . n 
B 1 41  GLU 41  41  41 GLU GLU B . n 
B 1 42  ILE 42  42  42 ILE ILE B . n 
B 1 43  THR 43  43  43 THR THR B . n 
B 1 44  VAL 44  44  44 VAL VAL B . n 
B 1 45  ASP 45  45  45 ASP ASP B . n 
B 1 46  VAL 46  46  46 VAL VAL B . n 
B 1 47  GLY 47  47  47 GLY GLY B . n 
B 1 48  VAL 48  48  48 VAL VAL B . n 
B 1 49  SER 49  49  49 SER SER B . n 
B 1 50  SER 50  50  50 SER SER B . n 
B 1 51  GLU 51  51  51 GLU GLU B . n 
B 1 52  ASP 52  52  52 ASP ASP B . n 
B 1 53  GLN 53  53  53 GLN GLN B . n 
B 1 54  GLU 54  54  54 GLU GLU B . n 
B 1 55  LYS 55  55  55 LYS LYS B . n 
B 1 56  VAL 56  56  56 VAL VAL B . n 
B 1 57  ALA 57  57  57 ALA ALA B . n 
B 1 58  LYS 58  58  58 LYS LYS B . n 
B 1 59  ILE 59  59  59 ILE ILE B . n 
B 1 60  ILE 60  60  60 ILE ILE B . n 
B 1 61  ARG 61  61  61 ARG ARG B . n 
B 1 62  GLU 62  62  62 GLU GLU B . n 
B 1 63  CYS 63  63  63 CYS CYS B . n 
B 1 64  ILE 64  64  64 ILE ILE B . n 
B 1 65  ALA 65  65  65 ALA ALA B . n 
B 1 66  GLN 66  66  66 GLN GLN B . n 
B 1 67  VAL 67  67  67 VAL VAL B . n 
B 1 68  SER 68  68  68 SER SER B . n 
B 1 69  THR 69  69  69 THR THR B . n 
B 1 70  GLN 70  70  70 GLN GLN B . n 
B 1 71  ASP 71  71  71 ASP ASP B . n 
B 1 72  CYS 72  72  72 CYS CYS B . n 
B 1 73  THR 73  73  73 THR THR B . n 
B 1 74  LYS 74  74  74 LYS LYS B . n 
B 1 75  PHE 75  75  75 PHE PHE B . n 
B 1 76  SER 76  76  76 SER SER B . n 
B 1 77  GLU 77  77  77 GLU GLU B . n 
B 1 78  ILE 78  78  78 ILE ILE B . n 
B 1 79  TYR 79  79  79 TYR TYR B . n 
B 1 80  ASP 80  80  80 ASP ASP B . n 
B 1 81  CYS 81  81  81 CYS CYS B . n 
B 1 82  TYR 82  82  82 TYR TYR B . n 
B 1 83  MET 83  83  83 MET MET B . n 
B 1 84  LYS 84  84  84 LYS LYS B . n 
B 1 85  LYS 85  85  85 LYS LYS B . n 
B 1 86  LYS 86  86  86 LYS LYS B . n 
B 1 87  ILE 87  87  87 ILE ILE B . n 
B 1 88  CYS 88  88  88 CYS CYS B . n 
B 1 89  ASN 89  89  89 ASN ASN B . n 
B 1 90  TYR 90  90  90 TYR TYR B . n 
B 1 91  TYR 91  91  91 TYR TYR B . n 
B 1 92  PRO 92  92  92 PRO PRO B . n 
B 1 93  GLU 93  93  93 GLU GLU B . n 
B 1 94  ASN 94  94  ?  ?   ?   B . n 
B 1 95  MET 95  95  ?  ?   ?   B . n 
B 1 96  HIS 96  96  ?  ?   ?   B . n 
B 1 97  HIS 97  97  ?  ?   ?   B . n 
B 1 98  HIS 98  98  ?  ?   ?   B . n 
B 1 99  HIS 99  99  ?  ?   ?   B . n 
B 1 100 HIS 100 100 ?  ?   ?   B . n 
B 1 101 HIS 101 101 ?  ?   ?   B . n 
# 
loop_
_pdbx_nonpoly_scheme.asym_id 
_pdbx_nonpoly_scheme.entity_id 
_pdbx_nonpoly_scheme.mon_id 
_pdbx_nonpoly_scheme.ndb_seq_num 
_pdbx_nonpoly_scheme.pdb_seq_num 
_pdbx_nonpoly_scheme.auth_seq_num 
_pdbx_nonpoly_scheme.pdb_mon_id 
_pdbx_nonpoly_scheme.auth_mon_id 
_pdbx_nonpoly_scheme.pdb_strand_id 
_pdbx_nonpoly_scheme.pdb_ins_code 
C 2 HOH 1  201 5  HOH HOH A . 
C 2 HOH 2  202 28 HOH HOH A . 
C 2 HOH 3  203 15 HOH HOH A . 
C 2 HOH 4  204 3  HOH HOH A . 
C 2 HOH 5  205 1  HOH HOH A . 
C 2 HOH 6  206 29 HOH HOH A . 
C 2 HOH 7  207 2  HOH HOH A . 
C 2 HOH 8  208 16 HOH HOH A . 
C 2 HOH 9  209 9  HOH HOH A . 
C 2 HOH 10 210 13 HOH HOH A . 
C 2 HOH 11 211 12 HOH HOH A . 
C 2 HOH 12 212 4  HOH HOH A . 
D 2 HOH 1  201 20 HOH HOH B . 
D 2 HOH 2  202 7  HOH HOH B . 
D 2 HOH 3  203 10 HOH HOH B . 
D 2 HOH 4  204 14 HOH HOH B . 
D 2 HOH 5  205 6  HOH HOH B . 
D 2 HOH 6  206 18 HOH HOH B . 
# 
loop_
_software.citation_id 
_software.classification 
_software.compiler_name 
_software.compiler_version 
_software.contact_author 
_software.contact_author_email 
_software.date 
_software.description 
_software.dependencies 
_software.hardware 
_software.language 
_software.location 
_software.mods 
_software.name 
_software.os 
_software.os_version 
_software.type 
_software.version 
_software.pdbx_ordinal 
? refinement       ? ? ? ? ? ? ? ? ? ? ? PHENIX  ? ? ? '(dev_2405: ???)' 1 
? 'data reduction' ? ? ? ? ? ? ? ? ? ? ? iMOSFLM ? ? ? .                 2 
? 'data scaling'   ? ? ? ? ? ? ? ? ? ? ? SCALA   ? ? ? .                 3 
? 'model building' ? ? ? ? ? ? ? ? ? ? ? SHELXE  ? ? ? .                 4 
# 
_cell.angle_alpha                  90.00 
_cell.angle_alpha_esd              ? 
_cell.angle_beta                   90.00 
_cell.angle_beta_esd               ? 
_cell.angle_gamma                  90.00 
_cell.angle_gamma_esd              ? 
_cell.entry_id                     5KX4 
_cell.details                      ? 
_cell.formula_units_Z              ? 
_cell.length_a                     65.280 
_cell.length_a_esd                 ? 
_cell.length_b                     65.280 
_cell.length_b_esd                 ? 
_cell.length_c                     39.310 
_cell.length_c_esd                 ? 
_cell.volume                       ? 
_cell.volume_esd                   ? 
_cell.Z_PDB                        8 
_cell.reciprocal_angle_alpha       ? 
_cell.reciprocal_angle_beta        ? 
_cell.reciprocal_angle_gamma       ? 
_cell.reciprocal_angle_alpha_esd   ? 
_cell.reciprocal_angle_beta_esd    ? 
_cell.reciprocal_angle_gamma_esd   ? 
_cell.reciprocal_length_a          ? 
_cell.reciprocal_length_b          ? 
_cell.reciprocal_length_c          ? 
_cell.reciprocal_length_a_esd      ? 
_cell.reciprocal_length_b_esd      ? 
_cell.reciprocal_length_c_esd      ? 
_cell.pdbx_unique_axis             ? 
# 
_symmetry.entry_id                         5KX4 
_symmetry.cell_setting                     ? 
_symmetry.Int_Tables_number                77 
_symmetry.space_group_name_Hall            ? 
_symmetry.space_group_name_H-M             'P 42' 
_symmetry.pdbx_full_space_group_name_H-M   ? 
# 
_exptl.absorpt_coefficient_mu     ? 
_exptl.absorpt_correction_T_max   ? 
_exptl.absorpt_correction_T_min   ? 
_exptl.absorpt_correction_type    ? 
_exptl.absorpt_process_details    ? 
_exptl.entry_id                   5KX4 
_exptl.crystals_number            1 
_exptl.details                    ? 
_exptl.method                     'X-RAY DIFFRACTION' 
_exptl.method_details             ? 
# 
_exptl_crystal.colour                      ? 
_exptl_crystal.density_diffrn              ? 
_exptl_crystal.density_Matthews            ? 
_exptl_crystal.density_method              ? 
_exptl_crystal.density_percent_sol         ? 
_exptl_crystal.description                 ? 
_exptl_crystal.F_000                       ? 
_exptl_crystal.id                          1 
_exptl_crystal.preparation                 ? 
_exptl_crystal.size_max                    ? 
_exptl_crystal.size_mid                    ? 
_exptl_crystal.size_min                    ? 
_exptl_crystal.size_rad                    ? 
_exptl_crystal.colour_lustre               ? 
_exptl_crystal.colour_modifier             ? 
_exptl_crystal.colour_primary              ? 
_exptl_crystal.density_meas                ? 
_exptl_crystal.density_meas_esd            ? 
_exptl_crystal.density_meas_gt             ? 
_exptl_crystal.density_meas_lt             ? 
_exptl_crystal.density_meas_temp           ? 
_exptl_crystal.density_meas_temp_esd       ? 
_exptl_crystal.density_meas_temp_gt        ? 
_exptl_crystal.density_meas_temp_lt        ? 
_exptl_crystal.pdbx_crystal_image_url      ? 
_exptl_crystal.pdbx_crystal_image_format   ? 
_exptl_crystal.pdbx_mosaicity              ? 
_exptl_crystal.pdbx_mosaicity_esd          ? 
# 
_exptl_crystal_grow.apparatus       ? 
_exptl_crystal_grow.atmosphere      ? 
_exptl_crystal_grow.crystal_id      1 
_exptl_crystal_grow.details         ? 
_exptl_crystal_grow.method          'VAPOR DIFFUSION, SITTING DROP' 
_exptl_crystal_grow.method_ref      ? 
_exptl_crystal_grow.pH              8.0 
_exptl_crystal_grow.pressure        ? 
_exptl_crystal_grow.pressure_esd    ? 
_exptl_crystal_grow.seeding         ? 
_exptl_crystal_grow.seeding_ref     ? 
_exptl_crystal_grow.temp            298 
_exptl_crystal_grow.temp_details    ? 
_exptl_crystal_grow.temp_esd        ? 
_exptl_crystal_grow.time            ? 
_exptl_crystal_grow.pdbx_details    '0.02M calcium chloride, 30% v/v MPD and 0.1 M sodium acetate pH 4.6.' 
_exptl_crystal_grow.pdbx_pH_range   ? 
# 
_diffrn.ambient_environment    ? 
_diffrn.ambient_temp           100 
_diffrn.ambient_temp_details   ? 
_diffrn.ambient_temp_esd       ? 
_diffrn.crystal_id             1 
_diffrn.crystal_support        ? 
_diffrn.crystal_treatment      ? 
_diffrn.details                ? 
_diffrn.id                     1 
_diffrn.ambient_pressure       ? 
_diffrn.ambient_pressure_esd   ? 
_diffrn.ambient_pressure_gt    ? 
_diffrn.ambient_pressure_lt    ? 
_diffrn.ambient_temp_gt        ? 
_diffrn.ambient_temp_lt        ? 
# 
_diffrn_detector.details                      ? 
_diffrn_detector.detector                     'IMAGE PLATE' 
_diffrn_detector.diffrn_id                    1 
_diffrn_detector.type                         'RIGAKU RAXIS HTC' 
_diffrn_detector.area_resol_mean              ? 
_diffrn_detector.dtime                        ? 
_diffrn_detector.pdbx_frames_total            ? 
_diffrn_detector.pdbx_collection_time_total   ? 
_diffrn_detector.pdbx_collection_date         2012-12-25 
# 
_diffrn_radiation.collimation                      ? 
_diffrn_radiation.diffrn_id                        1 
_diffrn_radiation.filter_edge                      ? 
_diffrn_radiation.inhomogeneity                    ? 
_diffrn_radiation.monochromator                    ? 
_diffrn_radiation.polarisn_norm                    ? 
_diffrn_radiation.polarisn_ratio                   ? 
_diffrn_radiation.probe                            ? 
_diffrn_radiation.type                             ? 
_diffrn_radiation.xray_symbol                      ? 
_diffrn_radiation.wavelength_id                    1 
_diffrn_radiation.pdbx_monochromatic_or_laue_m_l   M 
_diffrn_radiation.pdbx_wavelength_list             ? 
_diffrn_radiation.pdbx_wavelength                  ? 
_diffrn_radiation.pdbx_diffrn_protocol             'SINGLE WAVELENGTH' 
_diffrn_radiation.pdbx_analyzer                    ? 
_diffrn_radiation.pdbx_scattering_type             x-ray 
# 
_diffrn_radiation_wavelength.id           1 
_diffrn_radiation_wavelength.wavelength   1.514 
_diffrn_radiation_wavelength.wt           1.0 
# 
_diffrn_source.current                     ? 
_diffrn_source.details                     ? 
_diffrn_source.diffrn_id                   1 
_diffrn_source.power                       ? 
_diffrn_source.size                        ? 
_diffrn_source.source                      'ROTATING ANODE' 
_diffrn_source.target                      ? 
_diffrn_source.type                        'RIGAKU FR-E SUPERBRIGHT' 
_diffrn_source.voltage                     ? 
_diffrn_source.take-off_angle              ? 
_diffrn_source.pdbx_wavelength_list        1.514 
_diffrn_source.pdbx_wavelength             ? 
_diffrn_source.pdbx_synchrotron_beamline   ? 
_diffrn_source.pdbx_synchrotron_site       ? 
# 
_reflns.B_iso_Wilson_estimate            29.4 
_reflns.entry_id                         5KX4 
_reflns.data_reduction_details           ? 
_reflns.data_reduction_method            ? 
_reflns.d_resolution_high                1.94 
_reflns.d_resolution_low                 46.7 
_reflns.details                          ? 
_reflns.limit_h_max                      ? 
_reflns.limit_h_min                      ? 
_reflns.limit_k_max                      ? 
_reflns.limit_k_min                      ? 
_reflns.limit_l_max                      ? 
_reflns.limit_l_min                      ? 
_reflns.number_all                       ? 
_reflns.number_obs                       12748 
_reflns.observed_criterion               ? 
_reflns.observed_criterion_F_max         ? 
_reflns.observed_criterion_F_min         ? 
_reflns.observed_criterion_I_max         ? 
_reflns.observed_criterion_I_min         ? 
_reflns.observed_criterion_sigma_F       ? 
_reflns.observed_criterion_sigma_I       ? 
_reflns.percent_possible_obs             100 
_reflns.R_free_details                   ? 
_reflns.Rmerge_F_all                     ? 
_reflns.Rmerge_F_obs                     ? 
_reflns.Friedel_coverage                 ? 
_reflns.number_gt                        ? 
_reflns.threshold_expression             ? 
_reflns.pdbx_redundancy                  20 
_reflns.pdbx_Rmerge_I_obs                0.081 
_reflns.pdbx_Rmerge_I_all                ? 
_reflns.pdbx_Rsym_value                  ? 
_reflns.pdbx_netI_over_av_sigmaI         ? 
_reflns.pdbx_netI_over_sigmaI            23.44 
_reflns.pdbx_res_netI_over_av_sigmaI_2   ? 
_reflns.pdbx_res_netI_over_sigmaI_2      ? 
_reflns.pdbx_chi_squared                 ? 
_reflns.pdbx_scaling_rejects             ? 
_reflns.pdbx_d_res_high_opt              ? 
_reflns.pdbx_d_res_low_opt               ? 
_reflns.pdbx_d_res_opt_method            ? 
_reflns.phase_calculation_details        ? 
_reflns.pdbx_Rrim_I_all                  ? 
_reflns.pdbx_Rpim_I_all                  ? 
_reflns.pdbx_d_opt                       ? 
_reflns.pdbx_number_measured_all         ? 
_reflns.pdbx_diffrn_id                   1 
_reflns.pdbx_ordinal                     1 
_reflns.pdbx_CC_half                     ? 
_reflns.pdbx_R_split                     ? 
# 
_reflns_shell.d_res_high                  1.94 
_reflns_shell.d_res_low                   2.04 
_reflns_shell.meanI_over_sigI_all         ? 
_reflns_shell.meanI_over_sigI_obs         6 
_reflns_shell.number_measured_all         ? 
_reflns_shell.number_measured_obs         ? 
_reflns_shell.number_possible             ? 
_reflns_shell.number_unique_all           ? 
_reflns_shell.number_unique_obs           ? 
_reflns_shell.percent_possible_all        100 
_reflns_shell.percent_possible_obs        ? 
_reflns_shell.Rmerge_F_all                ? 
_reflns_shell.Rmerge_F_obs                ? 
_reflns_shell.Rmerge_I_all                ? 
_reflns_shell.Rmerge_I_obs                0.521 
_reflns_shell.meanI_over_sigI_gt          ? 
_reflns_shell.meanI_over_uI_all           ? 
_reflns_shell.meanI_over_uI_gt            ? 
_reflns_shell.number_measured_gt          ? 
_reflns_shell.number_unique_gt            ? 
_reflns_shell.percent_possible_gt         ? 
_reflns_shell.Rmerge_F_gt                 ? 
_reflns_shell.Rmerge_I_gt                 ? 
_reflns_shell.pdbx_redundancy             19.6 
_reflns_shell.pdbx_Rsym_value             ? 
_reflns_shell.pdbx_chi_squared            ? 
_reflns_shell.pdbx_netI_over_sigmaI_all   ? 
_reflns_shell.pdbx_netI_over_sigmaI_obs   ? 
_reflns_shell.pdbx_Rrim_I_all             ? 
_reflns_shell.pdbx_Rpim_I_all             ? 
_reflns_shell.pdbx_rejects                ? 
_reflns_shell.pdbx_ordinal                1 
_reflns_shell.pdbx_diffrn_id              1 
_reflns_shell.pdbx_CC_half                ? 
_reflns_shell.pdbx_R_split                ? 
# 
_refine.aniso_B[1][1]                            ? 
_refine.aniso_B[1][2]                            ? 
_refine.aniso_B[1][3]                            ? 
_refine.aniso_B[2][2]                            ? 
_refine.aniso_B[2][3]                            ? 
_refine.aniso_B[3][3]                            ? 
_refine.B_iso_max                                ? 
_refine.B_iso_mean                               ? 
_refine.B_iso_min                                ? 
_refine.correlation_coeff_Fo_to_Fc               ? 
_refine.correlation_coeff_Fo_to_Fc_free          ? 
_refine.details                                  ? 
_refine.diff_density_max                         ? 
_refine.diff_density_max_esd                     ? 
_refine.diff_density_min                         ? 
_refine.diff_density_min_esd                     ? 
_refine.diff_density_rms                         ? 
_refine.diff_density_rms_esd                     ? 
_refine.entry_id                                 5KX4 
_refine.pdbx_refine_id                           'X-RAY DIFFRACTION' 
_refine.ls_abs_structure_details                 ? 
_refine.ls_abs_structure_Flack                   ? 
_refine.ls_abs_structure_Flack_esd               ? 
_refine.ls_abs_structure_Rogers                  ? 
_refine.ls_abs_structure_Rogers_esd              ? 
_refine.ls_d_res_high                            1.940 
_refine.ls_d_res_low                             23.438 
_refine.ls_extinction_coef                       ? 
_refine.ls_extinction_coef_esd                   ? 
_refine.ls_extinction_expression                 ? 
_refine.ls_extinction_method                     ? 
_refine.ls_goodness_of_fit_all                   ? 
_refine.ls_goodness_of_fit_all_esd               ? 
_refine.ls_goodness_of_fit_obs                   ? 
_refine.ls_goodness_of_fit_obs_esd               ? 
_refine.ls_hydrogen_treatment                    ? 
_refine.ls_matrix_type                           ? 
_refine.ls_number_constraints                    ? 
_refine.ls_number_parameters                     ? 
_refine.ls_number_reflns_all                     ? 
_refine.ls_number_reflns_obs                     12404 
_refine.ls_number_reflns_R_free                  684 
_refine.ls_number_reflns_R_work                  ? 
_refine.ls_number_restraints                     ? 
_refine.ls_percent_reflns_obs                    99.50 
_refine.ls_percent_reflns_R_free                 5.51 
_refine.ls_R_factor_all                          ? 
_refine.ls_R_factor_obs                          0.1665 
_refine.ls_R_factor_R_free                       0.1885 
_refine.ls_R_factor_R_free_error                 ? 
_refine.ls_R_factor_R_free_error_details         ? 
_refine.ls_R_factor_R_work                       0.1652 
_refine.ls_R_Fsqd_factor_obs                     ? 
_refine.ls_R_I_factor_obs                        ? 
_refine.ls_redundancy_reflns_all                 ? 
_refine.ls_redundancy_reflns_obs                 ? 
_refine.ls_restrained_S_all                      ? 
_refine.ls_restrained_S_obs                      ? 
_refine.ls_shift_over_esd_max                    ? 
_refine.ls_shift_over_esd_mean                   ? 
_refine.ls_structure_factor_coef                 ? 
_refine.ls_weighting_details                     ? 
_refine.ls_weighting_scheme                      ? 
_refine.ls_wR_factor_all                         ? 
_refine.ls_wR_factor_obs                         ? 
_refine.ls_wR_factor_R_free                      ? 
_refine.ls_wR_factor_R_work                      ? 
_refine.occupancy_max                            ? 
_refine.occupancy_min                            ? 
_refine.solvent_model_details                    ? 
_refine.solvent_model_param_bsol                 ? 
_refine.solvent_model_param_ksol                 ? 
_refine.ls_R_factor_gt                           ? 
_refine.ls_goodness_of_fit_gt                    ? 
_refine.ls_goodness_of_fit_ref                   ? 
_refine.ls_shift_over_su_max                     ? 
_refine.ls_shift_over_su_max_lt                  ? 
_refine.ls_shift_over_su_mean                    ? 
_refine.ls_shift_over_su_mean_lt                 ? 
_refine.pdbx_ls_sigma_I                          ? 
_refine.pdbx_ls_sigma_F                          0.00 
_refine.pdbx_ls_sigma_Fsqd                       ? 
_refine.pdbx_data_cutoff_high_absF               ? 
_refine.pdbx_data_cutoff_high_rms_absF           ? 
_refine.pdbx_data_cutoff_low_absF                ? 
_refine.pdbx_isotropic_thermal_model             ? 
_refine.pdbx_ls_cross_valid_method               'FREE R-VALUE' 
_refine.pdbx_method_to_determine_struct          ? 
_refine.pdbx_starting_model                      ? 
_refine.pdbx_stereochemistry_target_values       ? 
_refine.pdbx_R_Free_selection_details            ? 
_refine.pdbx_stereochem_target_val_spec_case     ? 
_refine.pdbx_overall_ESU_R                       ? 
_refine.pdbx_overall_ESU_R_Free                  ? 
_refine.pdbx_solvent_vdw_probe_radii             1.11 
_refine.pdbx_solvent_ion_probe_radii             ? 
_refine.pdbx_solvent_shrinkage_radii             0.90 
_refine.pdbx_real_space_R                        ? 
_refine.pdbx_density_correlation                 ? 
_refine.pdbx_pd_number_of_powder_patterns        ? 
_refine.pdbx_pd_number_of_points                 ? 
_refine.pdbx_pd_meas_number_of_points            ? 
_refine.pdbx_pd_proc_ls_prof_R_factor            ? 
_refine.pdbx_pd_proc_ls_prof_wR_factor           ? 
_refine.pdbx_pd_Marquardt_correlation_coeff      ? 
_refine.pdbx_pd_Fsqrd_R_factor                   ? 
_refine.pdbx_pd_ls_matrix_band_width             ? 
_refine.pdbx_overall_phase_error                 19.86 
_refine.pdbx_overall_SU_R_free_Cruickshank_DPI   ? 
_refine.pdbx_overall_SU_R_free_Blow_DPI          ? 
_refine.pdbx_overall_SU_R_Blow_DPI               ? 
_refine.pdbx_TLS_residual_ADP_flag               ? 
_refine.pdbx_diffrn_id                           1 
_refine.overall_SU_B                             ? 
_refine.overall_SU_ML                            0.18 
_refine.overall_SU_R_Cruickshank_DPI             ? 
_refine.overall_SU_R_free                        ? 
_refine.overall_FOM_free_R_set                   ? 
_refine.overall_FOM_work_R_set                   ? 
_refine.pdbx_average_fsc_overall                 ? 
_refine.pdbx_average_fsc_work                    ? 
_refine.pdbx_average_fsc_free                    ? 
# 
_refine_hist.pdbx_refine_id                   'X-RAY DIFFRACTION' 
_refine_hist.cycle_id                         LAST 
_refine_hist.pdbx_number_atoms_protein        1528 
_refine_hist.pdbx_number_atoms_nucleic_acid   0 
_refine_hist.pdbx_number_atoms_ligand         0 
_refine_hist.number_atoms_solvent             18 
_refine_hist.number_atoms_total               1546 
_refine_hist.d_res_high                       1.940 
_refine_hist.d_res_low                        23.438 
# 
loop_
_refine_ls_restr.pdbx_refine_id 
_refine_ls_restr.criterion 
_refine_ls_restr.dev_ideal 
_refine_ls_restr.dev_ideal_target 
_refine_ls_restr.number 
_refine_ls_restr.rejects 
_refine_ls_restr.type 
_refine_ls_restr.weight 
_refine_ls_restr.pdbx_restraint_function 
'X-RAY DIFFRACTION' ? 0.009  ? 1585 ? f_bond_d           ? ? 
'X-RAY DIFFRACTION' ? 1.074  ? 2143 ? f_angle_d          ? ? 
'X-RAY DIFFRACTION' ? 14.591 ? 989  ? f_dihedral_angle_d ? ? 
'X-RAY DIFFRACTION' ? 0.057  ? 231  ? f_chiral_restr     ? ? 
'X-RAY DIFFRACTION' ? 0.007  ? 282  ? f_plane_restr      ? ? 
# 
loop_
_refine_ls_shell.pdbx_refine_id 
_refine_ls_shell.d_res_high 
_refine_ls_shell.d_res_low 
_refine_ls_shell.number_reflns_all 
_refine_ls_shell.number_reflns_obs 
_refine_ls_shell.number_reflns_R_free 
_refine_ls_shell.number_reflns_R_work 
_refine_ls_shell.percent_reflns_obs 
_refine_ls_shell.percent_reflns_R_free 
_refine_ls_shell.R_factor_all 
_refine_ls_shell.R_factor_obs 
_refine_ls_shell.R_factor_R_free 
_refine_ls_shell.R_factor_R_free_error 
_refine_ls_shell.R_factor_R_work 
_refine_ls_shell.redundancy_reflns_all 
_refine_ls_shell.redundancy_reflns_obs 
_refine_ls_shell.wR_factor_all 
_refine_ls_shell.wR_factor_obs 
_refine_ls_shell.wR_factor_R_free 
_refine_ls_shell.wR_factor_R_work 
_refine_ls_shell.pdbx_total_number_of_bins_used 
_refine_ls_shell.pdbx_phase_error 
_refine_ls_shell.pdbx_fsc_work 
_refine_ls_shell.pdbx_fsc_free 
'X-RAY DIFFRACTION' 1.9400 2.0897 . . 142 2327 100.00 . . . .      . .      . . . . . . . . . . 
'X-RAY DIFFRACTION' 2.0897 2.2998 . . 147 2301 100.00 . . . 0.1743 . 0.1392 . . . . . . . . . . 
'X-RAY DIFFRACTION' 2.2998 2.6322 . . 145 2337 100.00 . . . 0.2572 . 0.1799 . . . . . . . . . . 
'X-RAY DIFFRACTION' 2.6322 3.3149 . . 114 2369 100.00 . . . 0.2096 . 0.1907 . . . . . . . . . . 
'X-RAY DIFFRACTION' 3.3149 23.438 . . 136 2386 99.00  . . . 0.1666 . 0.1565 . . . . . . . . . . 
# 
_struct.entry_id                     5KX4 
_struct.title                        'Structure of SALO' 
_struct.pdbx_model_details           ? 
_struct.pdbx_formula_weight          ? 
_struct.pdbx_formula_weight_method   ? 
_struct.pdbx_model_type_details      ? 
_struct.pdbx_CASP_flag               N 
# 
_struct_keywords.entry_id        5KX4 
_struct_keywords.text            'Insect protein, odorant-binding protein' 
_struct_keywords.pdbx_keywords   'odorant-binding protein' 
# 
loop_
_struct_asym.id 
_struct_asym.pdbx_blank_PDB_chainid_flag 
_struct_asym.pdbx_modified 
_struct_asym.entity_id 
_struct_asym.details 
A N N 1 ? 
B N N 1 ? 
C N N 2 ? 
D N N 2 ? 
# 
_struct_ref.id                         1 
_struct_ref.db_name                    UNP 
_struct_ref.db_code                    Q5WPZ4_LUTLO 
_struct_ref.pdbx_db_accession          Q5WPZ4 
_struct_ref.pdbx_db_isoform            ? 
_struct_ref.entity_id                  1 
_struct_ref.pdbx_seq_one_letter_code   
;SEDCENIFHDNAYLLKLDCEAGRVDPVEYDDISDEEIYEITVDVGVSSEDQEKVAKIIRECIAQVSTQDCTKFSEIYDCY
MKKKICNYYPENM
;
_struct_ref.pdbx_align_begin           23 
# 
loop_
_struct_ref_seq.align_id 
_struct_ref_seq.ref_id 
_struct_ref_seq.pdbx_PDB_id_code 
_struct_ref_seq.pdbx_strand_id 
_struct_ref_seq.seq_align_beg 
_struct_ref_seq.pdbx_seq_align_beg_ins_code 
_struct_ref_seq.seq_align_end 
_struct_ref_seq.pdbx_seq_align_end_ins_code 
_struct_ref_seq.pdbx_db_accession 
_struct_ref_seq.db_align_beg 
_struct_ref_seq.pdbx_db_align_beg_ins_code 
_struct_ref_seq.db_align_end 
_struct_ref_seq.pdbx_db_align_end_ins_code 
_struct_ref_seq.pdbx_auth_seq_align_beg 
_struct_ref_seq.pdbx_auth_seq_align_end 
1 1 5KX4 A 3 ? 95 ? Q5WPZ4 23 ? 115 ? 3 95 
2 1 5KX4 B 3 ? 95 ? Q5WPZ4 23 ? 115 ? 3 95 
# 
loop_
_struct_ref_seq_dif.align_id 
_struct_ref_seq_dif.pdbx_pdb_id_code 
_struct_ref_seq_dif.mon_id 
_struct_ref_seq_dif.pdbx_pdb_strand_id 
_struct_ref_seq_dif.seq_num 
_struct_ref_seq_dif.pdbx_pdb_ins_code 
_struct_ref_seq_dif.pdbx_seq_db_name 
_struct_ref_seq_dif.pdbx_seq_db_accession_code 
_struct_ref_seq_dif.db_mon_id 
_struct_ref_seq_dif.pdbx_seq_db_seq_num 
_struct_ref_seq_dif.details 
_struct_ref_seq_dif.pdbx_auth_seq_num 
_struct_ref_seq_dif.pdbx_ordinal 
1 5KX4 GLU A 1   ? UNP Q5WPZ4 ? ? 'expression tag' 1   1  
1 5KX4 PHE A 2   ? UNP Q5WPZ4 ? ? 'expression tag' 2   2  
1 5KX4 HIS A 96  ? UNP Q5WPZ4 ? ? 'expression tag' 96  3  
1 5KX4 HIS A 97  ? UNP Q5WPZ4 ? ? 'expression tag' 97  4  
1 5KX4 HIS A 98  ? UNP Q5WPZ4 ? ? 'expression tag' 98  5  
1 5KX4 HIS A 99  ? UNP Q5WPZ4 ? ? 'expression tag' 99  6  
1 5KX4 HIS A 100 ? UNP Q5WPZ4 ? ? 'expression tag' 100 7  
1 5KX4 HIS A 101 ? UNP Q5WPZ4 ? ? 'expression tag' 101 8  
2 5KX4 GLU B 1   ? UNP Q5WPZ4 ? ? 'expression tag' 1   9  
2 5KX4 PHE B 2   ? UNP Q5WPZ4 ? ? 'expression tag' 2   10 
2 5KX4 HIS B 96  ? UNP Q5WPZ4 ? ? 'expression tag' 96  11 
2 5KX4 HIS B 97  ? UNP Q5WPZ4 ? ? 'expression tag' 97  12 
2 5KX4 HIS B 98  ? UNP Q5WPZ4 ? ? 'expression tag' 98  13 
2 5KX4 HIS B 99  ? UNP Q5WPZ4 ? ? 'expression tag' 99  14 
2 5KX4 HIS B 100 ? UNP Q5WPZ4 ? ? 'expression tag' 100 15 
2 5KX4 HIS B 101 ? UNP Q5WPZ4 ? ? 'expression tag' 101 16 
# 
loop_
_pdbx_struct_assembly.id 
_pdbx_struct_assembly.details 
_pdbx_struct_assembly.method_details 
_pdbx_struct_assembly.oligomeric_details 
_pdbx_struct_assembly.oligomeric_count 
1 author_defined_assembly              ?    monomeric 1 
2 author_defined_assembly              ?    monomeric 1 
3 author_and_software_defined_assembly PISA dimeric   2 
# 
loop_
_pdbx_struct_assembly_prop.biol_id 
_pdbx_struct_assembly_prop.type 
_pdbx_struct_assembly_prop.value 
_pdbx_struct_assembly_prop.details 
3 'ABSA (A^2)' 1730 ? 
3 MORE         -4   ? 
3 'SSA (A^2)'  9750 ? 
# 
loop_
_pdbx_struct_assembly_gen.assembly_id 
_pdbx_struct_assembly_gen.oper_expression 
_pdbx_struct_assembly_gen.asym_id_list 
1 1 A,C     
2 1 B,D     
3 1 A,B,C,D 
# 
_pdbx_struct_oper_list.id                   1 
_pdbx_struct_oper_list.type                 'identity operation' 
_pdbx_struct_oper_list.name                 1_555 
_pdbx_struct_oper_list.symmetry_operation   x,y,z 
_pdbx_struct_oper_list.matrix[1][1]         1.0000000000 
_pdbx_struct_oper_list.matrix[1][2]         0.0000000000 
_pdbx_struct_oper_list.matrix[1][3]         0.0000000000 
_pdbx_struct_oper_list.vector[1]            0.0000000000 
_pdbx_struct_oper_list.matrix[2][1]         0.0000000000 
_pdbx_struct_oper_list.matrix[2][2]         1.0000000000 
_pdbx_struct_oper_list.matrix[2][3]         0.0000000000 
_pdbx_struct_oper_list.vector[2]            0.0000000000 
_pdbx_struct_oper_list.matrix[3][1]         0.0000000000 
_pdbx_struct_oper_list.matrix[3][2]         0.0000000000 
_pdbx_struct_oper_list.matrix[3][3]         1.0000000000 
_pdbx_struct_oper_list.vector[3]            0.0000000000 
# 
loop_
_struct_conf.conf_type_id 
_struct_conf.id 
_struct_conf.pdbx_PDB_helix_id 
_struct_conf.beg_label_comp_id 
_struct_conf.beg_label_asym_id 
_struct_conf.beg_label_seq_id 
_struct_conf.pdbx_beg_PDB_ins_code 
_struct_conf.end_label_comp_id 
_struct_conf.end_label_asym_id 
_struct_conf.end_label_seq_id 
_struct_conf.pdbx_end_PDB_ins_code 
_struct_conf.beg_auth_comp_id 
_struct_conf.beg_auth_asym_id 
_struct_conf.beg_auth_seq_id 
_struct_conf.end_auth_comp_id 
_struct_conf.end_auth_asym_id 
_struct_conf.end_auth_seq_id 
_struct_conf.pdbx_PDB_helix_class 
_struct_conf.details 
_struct_conf.pdbx_PDB_helix_length 
HELX_P HELX_P1  AA1 SER A 3  ? ALA A 23 ? SER A 3  ALA A 23 1 ? 21 
HELX_P HELX_P2  AA2 ASP A 27 ? ASP A 32 ? ASP A 27 ASP A 32 5 ? 6  
HELX_P HELX_P3  AA3 SER A 35 ? THR A 43 ? SER A 35 THR A 43 1 ? 9  
HELX_P HELX_P4  AA4 VAL A 44 ? GLY A 47 ? VAL A 44 GLY A 47 5 ? 4  
HELX_P HELX_P5  AA5 ASP A 52 ? VAL A 67 ? ASP A 52 VAL A 67 1 ? 16 
HELX_P HELX_P6  AA6 THR A 73 ? LYS A 85 ? THR A 73 LYS A 85 1 ? 13 
HELX_P HELX_P7  AA7 LYS A 86 ? TYR A 91 ? LYS A 86 TYR A 91 5 ? 6  
HELX_P HELX_P8  AA8 SER B 3  ? ALA B 23 ? SER B 3  ALA B 23 1 ? 21 
HELX_P HELX_P9  AA9 ASP B 27 ? ASP B 32 ? ASP B 27 ASP B 32 5 ? 6  
HELX_P HELX_P10 AB1 SER B 35 ? THR B 43 ? SER B 35 THR B 43 1 ? 9  
HELX_P HELX_P11 AB2 VAL B 44 ? GLY B 47 ? VAL B 44 GLY B 47 5 ? 4  
HELX_P HELX_P12 AB3 SER B 49 ? GLU B 51 ? SER B 49 GLU B 51 5 ? 3  
HELX_P HELX_P13 AB4 ASP B 52 ? VAL B 67 ? ASP B 52 VAL B 67 1 ? 16 
HELX_P HELX_P14 AB5 THR B 73 ? LYS B 85 ? THR B 73 LYS B 85 1 ? 13 
HELX_P HELX_P15 AB6 LYS B 86 ? TYR B 91 ? LYS B 86 TYR B 91 5 ? 6  
# 
_struct_conf_type.id          HELX_P 
_struct_conf_type.criteria    ? 
_struct_conf_type.reference   ? 
# 
loop_
_struct_conn.id 
_struct_conn.conn_type_id 
_struct_conn.pdbx_leaving_atom_flag 
_struct_conn.pdbx_PDB_id 
_struct_conn.ptnr1_label_asym_id 
_struct_conn.ptnr1_label_comp_id 
_struct_conn.ptnr1_label_seq_id 
_struct_conn.ptnr1_label_atom_id 
_struct_conn.pdbx_ptnr1_label_alt_id 
_struct_conn.pdbx_ptnr1_PDB_ins_code 
_struct_conn.pdbx_ptnr1_standard_comp_id 
_struct_conn.ptnr1_symmetry 
_struct_conn.ptnr2_label_asym_id 
_struct_conn.ptnr2_label_comp_id 
_struct_conn.ptnr2_label_seq_id 
_struct_conn.ptnr2_label_atom_id 
_struct_conn.pdbx_ptnr2_label_alt_id 
_struct_conn.pdbx_ptnr2_PDB_ins_code 
_struct_conn.ptnr1_auth_asym_id 
_struct_conn.ptnr1_auth_comp_id 
_struct_conn.ptnr1_auth_seq_id 
_struct_conn.ptnr2_auth_asym_id 
_struct_conn.ptnr2_auth_comp_id 
_struct_conn.ptnr2_auth_seq_id 
_struct_conn.ptnr2_symmetry 
_struct_conn.pdbx_ptnr3_label_atom_id 
_struct_conn.pdbx_ptnr3_label_seq_id 
_struct_conn.pdbx_ptnr3_label_comp_id 
_struct_conn.pdbx_ptnr3_label_asym_id 
_struct_conn.pdbx_ptnr3_label_alt_id 
_struct_conn.pdbx_ptnr3_PDB_ins_code 
_struct_conn.details 
_struct_conn.pdbx_dist_value 
_struct_conn.pdbx_value_order 
_struct_conn.pdbx_role 
disulf1 disulf ? ? A CYS 6  SG ? ? ? 1_555 A CYS 88 SG ? ? A CYS 6  A CYS 88 1_555 ? ? ? ? ? ? ? 1.856 ?    ? 
disulf2 disulf ? ? A CYS 21 SG ? ? ? 1_555 A CYS 72 SG ? ? A CYS 21 A CYS 72 1_555 ? ? ? ? ? ? ? 2.119 ?    ? 
disulf3 disulf ? ? A CYS 63 SG ? ? ? 1_555 A CYS 81 SG ? ? A CYS 63 A CYS 81 1_555 ? ? ? ? ? ? ? 1.547 sing ? 
disulf4 disulf ? ? B CYS 6  SG ? ? ? 1_555 B CYS 88 SG ? ? B CYS 6  B CYS 88 1_555 ? ? ? ? ? ? ? 1.783 sing ? 
disulf5 disulf ? ? B CYS 21 SG ? ? ? 1_555 B CYS 72 SG ? ? B CYS 21 B CYS 72 1_555 ? ? ? ? ? ? ? 2.178 ?    ? 
disulf6 disulf ? ? B CYS 63 SG ? ? ? 1_555 B CYS 81 SG ? ? B CYS 63 B CYS 81 1_555 ? ? ? ? ? ? ? 1.956 ?    ? 
# 
_struct_conn_type.id          disulf 
_struct_conn_type.criteria    ? 
_struct_conn_type.reference   ? 
# 
loop_
_pdbx_modification_feature.ordinal 
_pdbx_modification_feature.label_comp_id 
_pdbx_modification_feature.label_asym_id 
_pdbx_modification_feature.label_seq_id 
_pdbx_modification_feature.label_alt_id 
_pdbx_modification_feature.modified_residue_label_comp_id 
_pdbx_modification_feature.modified_residue_label_asym_id 
_pdbx_modification_feature.modified_residue_label_seq_id 
_pdbx_modification_feature.modified_residue_label_alt_id 
_pdbx_modification_feature.auth_comp_id 
_pdbx_modification_feature.auth_asym_id 
_pdbx_modification_feature.auth_seq_id 
_pdbx_modification_feature.PDB_ins_code 
_pdbx_modification_feature.symmetry 
_pdbx_modification_feature.modified_residue_auth_comp_id 
_pdbx_modification_feature.modified_residue_auth_asym_id 
_pdbx_modification_feature.modified_residue_auth_seq_id 
_pdbx_modification_feature.modified_residue_PDB_ins_code 
_pdbx_modification_feature.modified_residue_symmetry 
_pdbx_modification_feature.comp_id_linking_atom 
_pdbx_modification_feature.modified_residue_id_linking_atom 
_pdbx_modification_feature.modified_residue_id 
_pdbx_modification_feature.ref_pcm_id 
_pdbx_modification_feature.ref_comp_id 
_pdbx_modification_feature.type 
_pdbx_modification_feature.category 
1 CYS A 6  ? CYS A 88 ? CYS A 6  ? 1_555 CYS A 88 ? 1_555 SG SG . . . None 'Disulfide bridge' 
2 CYS A 21 ? CYS A 72 ? CYS A 21 ? 1_555 CYS A 72 ? 1_555 SG SG . . . None 'Disulfide bridge' 
3 CYS A 63 ? CYS A 81 ? CYS A 63 ? 1_555 CYS A 81 ? 1_555 SG SG . . . None 'Disulfide bridge' 
4 CYS B 6  ? CYS B 88 ? CYS B 6  ? 1_555 CYS B 88 ? 1_555 SG SG . . . None 'Disulfide bridge' 
5 CYS B 21 ? CYS B 72 ? CYS B 21 ? 1_555 CYS B 72 ? 1_555 SG SG . . . None 'Disulfide bridge' 
6 CYS B 63 ? CYS B 81 ? CYS B 63 ? 1_555 CYS B 81 ? 1_555 SG SG . . . None 'Disulfide bridge' 
# 
_pdbx_entry_details.entry_id                   5KX4 
_pdbx_entry_details.compound_details           ? 
_pdbx_entry_details.source_details             ? 
_pdbx_entry_details.nonpolymer_details         ? 
_pdbx_entry_details.sequence_details           ? 
_pdbx_entry_details.has_ligand_of_interest     ? 
_pdbx_entry_details.has_protein_modification   Y 
# 
_pdbx_validate_rmsd_bond.id                        1 
_pdbx_validate_rmsd_bond.PDB_model_num             1 
_pdbx_validate_rmsd_bond.auth_atom_id_1            CD 
_pdbx_validate_rmsd_bond.auth_asym_id_1            A 
_pdbx_validate_rmsd_bond.auth_comp_id_1            GLU 
_pdbx_validate_rmsd_bond.auth_seq_id_1             93 
_pdbx_validate_rmsd_bond.PDB_ins_code_1            ? 
_pdbx_validate_rmsd_bond.label_alt_id_1            ? 
_pdbx_validate_rmsd_bond.auth_atom_id_2            OE2 
_pdbx_validate_rmsd_bond.auth_asym_id_2            A 
_pdbx_validate_rmsd_bond.auth_comp_id_2            GLU 
_pdbx_validate_rmsd_bond.auth_seq_id_2             93 
_pdbx_validate_rmsd_bond.PDB_ins_code_2            ? 
_pdbx_validate_rmsd_bond.label_alt_id_2            ? 
_pdbx_validate_rmsd_bond.bond_value                1.180 
_pdbx_validate_rmsd_bond.bond_target_value         1.252 
_pdbx_validate_rmsd_bond.bond_deviation            -0.072 
_pdbx_validate_rmsd_bond.bond_standard_deviation   0.011 
_pdbx_validate_rmsd_bond.linker_flag               N 
# 
_pdbx_validate_rmsd_angle.id                         1 
_pdbx_validate_rmsd_angle.PDB_model_num              1 
_pdbx_validate_rmsd_angle.auth_atom_id_1             CB 
_pdbx_validate_rmsd_angle.auth_asym_id_1             A 
_pdbx_validate_rmsd_angle.auth_comp_id_1             ASP 
_pdbx_validate_rmsd_angle.auth_seq_id_1              20 
_pdbx_validate_rmsd_angle.PDB_ins_code_1             ? 
_pdbx_validate_rmsd_angle.label_alt_id_1             ? 
_pdbx_validate_rmsd_angle.auth_atom_id_2             CG 
_pdbx_validate_rmsd_angle.auth_asym_id_2             A 
_pdbx_validate_rmsd_angle.auth_comp_id_2             ASP 
_pdbx_validate_rmsd_angle.auth_seq_id_2              20 
_pdbx_validate_rmsd_angle.PDB_ins_code_2             ? 
_pdbx_validate_rmsd_angle.label_alt_id_2             ? 
_pdbx_validate_rmsd_angle.auth_atom_id_3             OD1 
_pdbx_validate_rmsd_angle.auth_asym_id_3             A 
_pdbx_validate_rmsd_angle.auth_comp_id_3             ASP 
_pdbx_validate_rmsd_angle.auth_seq_id_3              20 
_pdbx_validate_rmsd_angle.PDB_ins_code_3             ? 
_pdbx_validate_rmsd_angle.label_alt_id_3             ? 
_pdbx_validate_rmsd_angle.angle_value                124.10 
_pdbx_validate_rmsd_angle.angle_target_value         118.30 
_pdbx_validate_rmsd_angle.angle_deviation            5.80 
_pdbx_validate_rmsd_angle.angle_standard_deviation   0.90 
_pdbx_validate_rmsd_angle.linker_flag                N 
# 
loop_
_pdbx_validate_torsion.id 
_pdbx_validate_torsion.PDB_model_num 
_pdbx_validate_torsion.auth_comp_id 
_pdbx_validate_torsion.auth_asym_id 
_pdbx_validate_torsion.auth_seq_id 
_pdbx_validate_torsion.PDB_ins_code 
_pdbx_validate_torsion.label_alt_id 
_pdbx_validate_torsion.phi 
_pdbx_validate_torsion.psi 
1 1 THR A 43 ? ? -115.49 -85.22 
2 1 THR B 43 ? ? -123.05 -79.95 
# 
loop_
_pdbx_unobs_or_zero_occ_residues.id 
_pdbx_unobs_or_zero_occ_residues.PDB_model_num 
_pdbx_unobs_or_zero_occ_residues.polymer_flag 
_pdbx_unobs_or_zero_occ_residues.occupancy_flag 
_pdbx_unobs_or_zero_occ_residues.auth_asym_id 
_pdbx_unobs_or_zero_occ_residues.auth_comp_id 
_pdbx_unobs_or_zero_occ_residues.auth_seq_id 
_pdbx_unobs_or_zero_occ_residues.PDB_ins_code 
_pdbx_unobs_or_zero_occ_residues.label_asym_id 
_pdbx_unobs_or_zero_occ_residues.label_comp_id 
_pdbx_unobs_or_zero_occ_residues.label_seq_id 
1  1 Y 1 A HIS 96  ? A HIS 96  
2  1 Y 1 A HIS 97  ? A HIS 97  
3  1 Y 1 A HIS 98  ? A HIS 98  
4  1 Y 1 A HIS 99  ? A HIS 99  
5  1 Y 1 A HIS 100 ? A HIS 100 
6  1 Y 1 A HIS 101 ? A HIS 101 
7  1 Y 1 B ASN 94  ? B ASN 94  
8  1 Y 1 B MET 95  ? B MET 95  
9  1 Y 1 B HIS 96  ? B HIS 96  
10 1 Y 1 B HIS 97  ? B HIS 97  
11 1 Y 1 B HIS 98  ? B HIS 98  
12 1 Y 1 B HIS 99  ? B HIS 99  
13 1 Y 1 B HIS 100 ? B HIS 100 
14 1 Y 1 B HIS 101 ? B HIS 101 
# 
loop_
_chem_comp_atom.comp_id 
_chem_comp_atom.atom_id 
_chem_comp_atom.type_symbol 
_chem_comp_atom.pdbx_aromatic_flag 
_chem_comp_atom.pdbx_stereo_config 
_chem_comp_atom.pdbx_ordinal 
ALA N    N N N 1   
ALA CA   C N S 2   
ALA C    C N N 3   
ALA O    O N N 4   
ALA CB   C N N 5   
ALA OXT  O N N 6   
ALA H    H N N 7   
ALA H2   H N N 8   
ALA HA   H N N 9   
ALA HB1  H N N 10  
ALA HB2  H N N 11  
ALA HB3  H N N 12  
ALA HXT  H N N 13  
ARG N    N N N 14  
ARG CA   C N S 15  
ARG C    C N N 16  
ARG O    O N N 17  
ARG CB   C N N 18  
ARG CG   C N N 19  
ARG CD   C N N 20  
ARG NE   N N N 21  
ARG CZ   C N N 22  
ARG NH1  N N N 23  
ARG NH2  N N N 24  
ARG OXT  O N N 25  
ARG H    H N N 26  
ARG H2   H N N 27  
ARG HA   H N N 28  
ARG HB2  H N N 29  
ARG HB3  H N N 30  
ARG HG2  H N N 31  
ARG HG3  H N N 32  
ARG HD2  H N N 33  
ARG HD3  H N N 34  
ARG HE   H N N 35  
ARG HH11 H N N 36  
ARG HH12 H N N 37  
ARG HH21 H N N 38  
ARG HH22 H N N 39  
ARG HXT  H N N 40  
ASN N    N N N 41  
ASN CA   C N S 42  
ASN C    C N N 43  
ASN O    O N N 44  
ASN CB   C N N 45  
ASN CG   C N N 46  
ASN OD1  O N N 47  
ASN ND2  N N N 48  
ASN OXT  O N N 49  
ASN H    H N N 50  
ASN H2   H N N 51  
ASN HA   H N N 52  
ASN HB2  H N N 53  
ASN HB3  H N N 54  
ASN HD21 H N N 55  
ASN HD22 H N N 56  
ASN HXT  H N N 57  
ASP N    N N N 58  
ASP CA   C N S 59  
ASP C    C N N 60  
ASP O    O N N 61  
ASP CB   C N N 62  
ASP CG   C N N 63  
ASP OD1  O N N 64  
ASP OD2  O N N 65  
ASP OXT  O N N 66  
ASP H    H N N 67  
ASP H2   H N N 68  
ASP HA   H N N 69  
ASP HB2  H N N 70  
ASP HB3  H N N 71  
ASP HD2  H N N 72  
ASP HXT  H N N 73  
CYS N    N N N 74  
CYS CA   C N R 75  
CYS C    C N N 76  
CYS O    O N N 77  
CYS CB   C N N 78  
CYS SG   S N N 79  
CYS OXT  O N N 80  
CYS H    H N N 81  
CYS H2   H N N 82  
CYS HA   H N N 83  
CYS HB2  H N N 84  
CYS HB3  H N N 85  
CYS HG   H N N 86  
CYS HXT  H N N 87  
GLN N    N N N 88  
GLN CA   C N S 89  
GLN C    C N N 90  
GLN O    O N N 91  
GLN CB   C N N 92  
GLN CG   C N N 93  
GLN CD   C N N 94  
GLN OE1  O N N 95  
GLN NE2  N N N 96  
GLN OXT  O N N 97  
GLN H    H N N 98  
GLN H2   H N N 99  
GLN HA   H N N 100 
GLN HB2  H N N 101 
GLN HB3  H N N 102 
GLN HG2  H N N 103 
GLN HG3  H N N 104 
GLN HE21 H N N 105 
GLN HE22 H N N 106 
GLN HXT  H N N 107 
GLU N    N N N 108 
GLU CA   C N S 109 
GLU C    C N N 110 
GLU O    O N N 111 
GLU CB   C N N 112 
GLU CG   C N N 113 
GLU CD   C N N 114 
GLU OE1  O N N 115 
GLU OE2  O N N 116 
GLU OXT  O N N 117 
GLU H    H N N 118 
GLU H2   H N N 119 
GLU HA   H N N 120 
GLU HB2  H N N 121 
GLU HB3  H N N 122 
GLU HG2  H N N 123 
GLU HG3  H N N 124 
GLU HE2  H N N 125 
GLU HXT  H N N 126 
GLY N    N N N 127 
GLY CA   C N N 128 
GLY C    C N N 129 
GLY O    O N N 130 
GLY OXT  O N N 131 
GLY H    H N N 132 
GLY H2   H N N 133 
GLY HA2  H N N 134 
GLY HA3  H N N 135 
GLY HXT  H N N 136 
HIS N    N N N 137 
HIS CA   C N S 138 
HIS C    C N N 139 
HIS O    O N N 140 
HIS CB   C N N 141 
HIS CG   C Y N 142 
HIS ND1  N Y N 143 
HIS CD2  C Y N 144 
HIS CE1  C Y N 145 
HIS NE2  N Y N 146 
HIS OXT  O N N 147 
HIS H    H N N 148 
HIS H2   H N N 149 
HIS HA   H N N 150 
HIS HB2  H N N 151 
HIS HB3  H N N 152 
HIS HD1  H N N 153 
HIS HD2  H N N 154 
HIS HE1  H N N 155 
HIS HE2  H N N 156 
HIS HXT  H N N 157 
HOH O    O N N 158 
HOH H1   H N N 159 
HOH H2   H N N 160 
ILE N    N N N 161 
ILE CA   C N S 162 
ILE C    C N N 163 
ILE O    O N N 164 
ILE CB   C N S 165 
ILE CG1  C N N 166 
ILE CG2  C N N 167 
ILE CD1  C N N 168 
ILE OXT  O N N 169 
ILE H    H N N 170 
ILE H2   H N N 171 
ILE HA   H N N 172 
ILE HB   H N N 173 
ILE HG12 H N N 174 
ILE HG13 H N N 175 
ILE HG21 H N N 176 
ILE HG22 H N N 177 
ILE HG23 H N N 178 
ILE HD11 H N N 179 
ILE HD12 H N N 180 
ILE HD13 H N N 181 
ILE HXT  H N N 182 
LEU N    N N N 183 
LEU CA   C N S 184 
LEU C    C N N 185 
LEU O    O N N 186 
LEU CB   C N N 187 
LEU CG   C N N 188 
LEU CD1  C N N 189 
LEU CD2  C N N 190 
LEU OXT  O N N 191 
LEU H    H N N 192 
LEU H2   H N N 193 
LEU HA   H N N 194 
LEU HB2  H N N 195 
LEU HB3  H N N 196 
LEU HG   H N N 197 
LEU HD11 H N N 198 
LEU HD12 H N N 199 
LEU HD13 H N N 200 
LEU HD21 H N N 201 
LEU HD22 H N N 202 
LEU HD23 H N N 203 
LEU HXT  H N N 204 
LYS N    N N N 205 
LYS CA   C N S 206 
LYS C    C N N 207 
LYS O    O N N 208 
LYS CB   C N N 209 
LYS CG   C N N 210 
LYS CD   C N N 211 
LYS CE   C N N 212 
LYS NZ   N N N 213 
LYS OXT  O N N 214 
LYS H    H N N 215 
LYS H2   H N N 216 
LYS HA   H N N 217 
LYS HB2  H N N 218 
LYS HB3  H N N 219 
LYS HG2  H N N 220 
LYS HG3  H N N 221 
LYS HD2  H N N 222 
LYS HD3  H N N 223 
LYS HE2  H N N 224 
LYS HE3  H N N 225 
LYS HZ1  H N N 226 
LYS HZ2  H N N 227 
LYS HZ3  H N N 228 
LYS HXT  H N N 229 
MET N    N N N 230 
MET CA   C N S 231 
MET C    C N N 232 
MET O    O N N 233 
MET CB   C N N 234 
MET CG   C N N 235 
MET SD   S N N 236 
MET CE   C N N 237 
MET OXT  O N N 238 
MET H    H N N 239 
MET H2   H N N 240 
MET HA   H N N 241 
MET HB2  H N N 242 
MET HB3  H N N 243 
MET HG2  H N N 244 
MET HG3  H N N 245 
MET HE1  H N N 246 
MET HE2  H N N 247 
MET HE3  H N N 248 
MET HXT  H N N 249 
PHE N    N N N 250 
PHE CA   C N S 251 
PHE C    C N N 252 
PHE O    O N N 253 
PHE CB   C N N 254 
PHE CG   C Y N 255 
PHE CD1  C Y N 256 
PHE CD2  C Y N 257 
PHE CE1  C Y N 258 
PHE CE2  C Y N 259 
PHE CZ   C Y N 260 
PHE OXT  O N N 261 
PHE H    H N N 262 
PHE H2   H N N 263 
PHE HA   H N N 264 
PHE HB2  H N N 265 
PHE HB3  H N N 266 
PHE HD1  H N N 267 
PHE HD2  H N N 268 
PHE HE1  H N N 269 
PHE HE2  H N N 270 
PHE HZ   H N N 271 
PHE HXT  H N N 272 
PRO N    N N N 273 
PRO CA   C N S 274 
PRO C    C N N 275 
PRO O    O N N 276 
PRO CB   C N N 277 
PRO CG   C N N 278 
PRO CD   C N N 279 
PRO OXT  O N N 280 
PRO H    H N N 281 
PRO HA   H N N 282 
PRO HB2  H N N 283 
PRO HB3  H N N 284 
PRO HG2  H N N 285 
PRO HG3  H N N 286 
PRO HD2  H N N 287 
PRO HD3  H N N 288 
PRO HXT  H N N 289 
SER N    N N N 290 
SER CA   C N S 291 
SER C    C N N 292 
SER O    O N N 293 
SER CB   C N N 294 
SER OG   O N N 295 
SER OXT  O N N 296 
SER H    H N N 297 
SER H2   H N N 298 
SER HA   H N N 299 
SER HB2  H N N 300 
SER HB3  H N N 301 
SER HG   H N N 302 
SER HXT  H N N 303 
THR N    N N N 304 
THR CA   C N S 305 
THR C    C N N 306 
THR O    O N N 307 
THR CB   C N R 308 
THR OG1  O N N 309 
THR CG2  C N N 310 
THR OXT  O N N 311 
THR H    H N N 312 
THR H2   H N N 313 
THR HA   H N N 314 
THR HB   H N N 315 
THR HG1  H N N 316 
THR HG21 H N N 317 
THR HG22 H N N 318 
THR HG23 H N N 319 
THR HXT  H N N 320 
TYR N    N N N 321 
TYR CA   C N S 322 
TYR C    C N N 323 
TYR O    O N N 324 
TYR CB   C N N 325 
TYR CG   C Y N 326 
TYR CD1  C Y N 327 
TYR CD2  C Y N 328 
TYR CE1  C Y N 329 
TYR CE2  C Y N 330 
TYR CZ   C Y N 331 
TYR OH   O N N 332 
TYR OXT  O N N 333 
TYR H    H N N 334 
TYR H2   H N N 335 
TYR HA   H N N 336 
TYR HB2  H N N 337 
TYR HB3  H N N 338 
TYR HD1  H N N 339 
TYR HD2  H N N 340 
TYR HE1  H N N 341 
TYR HE2  H N N 342 
TYR HH   H N N 343 
TYR HXT  H N N 344 
VAL N    N N N 345 
VAL CA   C N S 346 
VAL C    C N N 347 
VAL O    O N N 348 
VAL CB   C N N 349 
VAL CG1  C N N 350 
VAL CG2  C N N 351 
VAL OXT  O N N 352 
VAL H    H N N 353 
VAL H2   H N N 354 
VAL HA   H N N 355 
VAL HB   H N N 356 
VAL HG11 H N N 357 
VAL HG12 H N N 358 
VAL HG13 H N N 359 
VAL HG21 H N N 360 
VAL HG22 H N N 361 
VAL HG23 H N N 362 
VAL HXT  H N N 363 
# 
loop_
_chem_comp_bond.comp_id 
_chem_comp_bond.atom_id_1 
_chem_comp_bond.atom_id_2 
_chem_comp_bond.value_order 
_chem_comp_bond.pdbx_aromatic_flag 
_chem_comp_bond.pdbx_stereo_config 
_chem_comp_bond.pdbx_ordinal 
ALA N   CA   sing N N 1   
ALA N   H    sing N N 2   
ALA N   H2   sing N N 3   
ALA CA  C    sing N N 4   
ALA CA  CB   sing N N 5   
ALA CA  HA   sing N N 6   
ALA C   O    doub N N 7   
ALA C   OXT  sing N N 8   
ALA CB  HB1  sing N N 9   
ALA CB  HB2  sing N N 10  
ALA CB  HB3  sing N N 11  
ALA OXT HXT  sing N N 12  
ARG N   CA   sing N N 13  
ARG N   H    sing N N 14  
ARG N   H2   sing N N 15  
ARG CA  C    sing N N 16  
ARG CA  CB   sing N N 17  
ARG CA  HA   sing N N 18  
ARG C   O    doub N N 19  
ARG C   OXT  sing N N 20  
ARG CB  CG   sing N N 21  
ARG CB  HB2  sing N N 22  
ARG CB  HB3  sing N N 23  
ARG CG  CD   sing N N 24  
ARG CG  HG2  sing N N 25  
ARG CG  HG3  sing N N 26  
ARG CD  NE   sing N N 27  
ARG CD  HD2  sing N N 28  
ARG CD  HD3  sing N N 29  
ARG NE  CZ   sing N N 30  
ARG NE  HE   sing N N 31  
ARG CZ  NH1  sing N N 32  
ARG CZ  NH2  doub N N 33  
ARG NH1 HH11 sing N N 34  
ARG NH1 HH12 sing N N 35  
ARG NH2 HH21 sing N N 36  
ARG NH2 HH22 sing N N 37  
ARG OXT HXT  sing N N 38  
ASN N   CA   sing N N 39  
ASN N   H    sing N N 40  
ASN N   H2   sing N N 41  
ASN CA  C    sing N N 42  
ASN CA  CB   sing N N 43  
ASN CA  HA   sing N N 44  
ASN C   O    doub N N 45  
ASN C   OXT  sing N N 46  
ASN CB  CG   sing N N 47  
ASN CB  HB2  sing N N 48  
ASN CB  HB3  sing N N 49  
ASN CG  OD1  doub N N 50  
ASN CG  ND2  sing N N 51  
ASN ND2 HD21 sing N N 52  
ASN ND2 HD22 sing N N 53  
ASN OXT HXT  sing N N 54  
ASP N   CA   sing N N 55  
ASP N   H    sing N N 56  
ASP N   H2   sing N N 57  
ASP CA  C    sing N N 58  
ASP CA  CB   sing N N 59  
ASP CA  HA   sing N N 60  
ASP C   O    doub N N 61  
ASP C   OXT  sing N N 62  
ASP CB  CG   sing N N 63  
ASP CB  HB2  sing N N 64  
ASP CB  HB3  sing N N 65  
ASP CG  OD1  doub N N 66  
ASP CG  OD2  sing N N 67  
ASP OD2 HD2  sing N N 68  
ASP OXT HXT  sing N N 69  
CYS N   CA   sing N N 70  
CYS N   H    sing N N 71  
CYS N   H2   sing N N 72  
CYS CA  C    sing N N 73  
CYS CA  CB   sing N N 74  
CYS CA  HA   sing N N 75  
CYS C   O    doub N N 76  
CYS C   OXT  sing N N 77  
CYS CB  SG   sing N N 78  
CYS CB  HB2  sing N N 79  
CYS CB  HB3  sing N N 80  
CYS SG  HG   sing N N 81  
CYS OXT HXT  sing N N 82  
GLN N   CA   sing N N 83  
GLN N   H    sing N N 84  
GLN N   H2   sing N N 85  
GLN CA  C    sing N N 86  
GLN CA  CB   sing N N 87  
GLN CA  HA   sing N N 88  
GLN C   O    doub N N 89  
GLN C   OXT  sing N N 90  
GLN CB  CG   sing N N 91  
GLN CB  HB2  sing N N 92  
GLN CB  HB3  sing N N 93  
GLN CG  CD   sing N N 94  
GLN CG  HG2  sing N N 95  
GLN CG  HG3  sing N N 96  
GLN CD  OE1  doub N N 97  
GLN CD  NE2  sing N N 98  
GLN NE2 HE21 sing N N 99  
GLN NE2 HE22 sing N N 100 
GLN OXT HXT  sing N N 101 
GLU N   CA   sing N N 102 
GLU N   H    sing N N 103 
GLU N   H2   sing N N 104 
GLU CA  C    sing N N 105 
GLU CA  CB   sing N N 106 
GLU CA  HA   sing N N 107 
GLU C   O    doub N N 108 
GLU C   OXT  sing N N 109 
GLU CB  CG   sing N N 110 
GLU CB  HB2  sing N N 111 
GLU CB  HB3  sing N N 112 
GLU CG  CD   sing N N 113 
GLU CG  HG2  sing N N 114 
GLU CG  HG3  sing N N 115 
GLU CD  OE1  doub N N 116 
GLU CD  OE2  sing N N 117 
GLU OE2 HE2  sing N N 118 
GLU OXT HXT  sing N N 119 
GLY N   CA   sing N N 120 
GLY N   H    sing N N 121 
GLY N   H2   sing N N 122 
GLY CA  C    sing N N 123 
GLY CA  HA2  sing N N 124 
GLY CA  HA3  sing N N 125 
GLY C   O    doub N N 126 
GLY C   OXT  sing N N 127 
GLY OXT HXT  sing N N 128 
HIS N   CA   sing N N 129 
HIS N   H    sing N N 130 
HIS N   H2   sing N N 131 
HIS CA  C    sing N N 132 
HIS CA  CB   sing N N 133 
HIS CA  HA   sing N N 134 
HIS C   O    doub N N 135 
HIS C   OXT  sing N N 136 
HIS CB  CG   sing N N 137 
HIS CB  HB2  sing N N 138 
HIS CB  HB3  sing N N 139 
HIS CG  ND1  sing Y N 140 
HIS CG  CD2  doub Y N 141 
HIS ND1 CE1  doub Y N 142 
HIS ND1 HD1  sing N N 143 
HIS CD2 NE2  sing Y N 144 
HIS CD2 HD2  sing N N 145 
HIS CE1 NE2  sing Y N 146 
HIS CE1 HE1  sing N N 147 
HIS NE2 HE2  sing N N 148 
HIS OXT HXT  sing N N 149 
HOH O   H1   sing N N 150 
HOH O   H2   sing N N 151 
ILE N   CA   sing N N 152 
ILE N   H    sing N N 153 
ILE N   H2   sing N N 154 
ILE CA  C    sing N N 155 
ILE CA  CB   sing N N 156 
ILE CA  HA   sing N N 157 
ILE C   O    doub N N 158 
ILE C   OXT  sing N N 159 
ILE CB  CG1  sing N N 160 
ILE CB  CG2  sing N N 161 
ILE CB  HB   sing N N 162 
ILE CG1 CD1  sing N N 163 
ILE CG1 HG12 sing N N 164 
ILE CG1 HG13 sing N N 165 
ILE CG2 HG21 sing N N 166 
ILE CG2 HG22 sing N N 167 
ILE CG2 HG23 sing N N 168 
ILE CD1 HD11 sing N N 169 
ILE CD1 HD12 sing N N 170 
ILE CD1 HD13 sing N N 171 
ILE OXT HXT  sing N N 172 
LEU N   CA   sing N N 173 
LEU N   H    sing N N 174 
LEU N   H2   sing N N 175 
LEU CA  C    sing N N 176 
LEU CA  CB   sing N N 177 
LEU CA  HA   sing N N 178 
LEU C   O    doub N N 179 
LEU C   OXT  sing N N 180 
LEU CB  CG   sing N N 181 
LEU CB  HB2  sing N N 182 
LEU CB  HB3  sing N N 183 
LEU CG  CD1  sing N N 184 
LEU CG  CD2  sing N N 185 
LEU CG  HG   sing N N 186 
LEU CD1 HD11 sing N N 187 
LEU CD1 HD12 sing N N 188 
LEU CD1 HD13 sing N N 189 
LEU CD2 HD21 sing N N 190 
LEU CD2 HD22 sing N N 191 
LEU CD2 HD23 sing N N 192 
LEU OXT HXT  sing N N 193 
LYS N   CA   sing N N 194 
LYS N   H    sing N N 195 
LYS N   H2   sing N N 196 
LYS CA  C    sing N N 197 
LYS CA  CB   sing N N 198 
LYS CA  HA   sing N N 199 
LYS C   O    doub N N 200 
LYS C   OXT  sing N N 201 
LYS CB  CG   sing N N 202 
LYS CB  HB2  sing N N 203 
LYS CB  HB3  sing N N 204 
LYS CG  CD   sing N N 205 
LYS CG  HG2  sing N N 206 
LYS CG  HG3  sing N N 207 
LYS CD  CE   sing N N 208 
LYS CD  HD2  sing N N 209 
LYS CD  HD3  sing N N 210 
LYS CE  NZ   sing N N 211 
LYS CE  HE2  sing N N 212 
LYS CE  HE3  sing N N 213 
LYS NZ  HZ1  sing N N 214 
LYS NZ  HZ2  sing N N 215 
LYS NZ  HZ3  sing N N 216 
LYS OXT HXT  sing N N 217 
MET N   CA   sing N N 218 
MET N   H    sing N N 219 
MET N   H2   sing N N 220 
MET CA  C    sing N N 221 
MET CA  CB   sing N N 222 
MET CA  HA   sing N N 223 
MET C   O    doub N N 224 
MET C   OXT  sing N N 225 
MET CB  CG   sing N N 226 
MET CB  HB2  sing N N 227 
MET CB  HB3  sing N N 228 
MET CG  SD   sing N N 229 
MET CG  HG2  sing N N 230 
MET CG  HG3  sing N N 231 
MET SD  CE   sing N N 232 
MET CE  HE1  sing N N 233 
MET CE  HE2  sing N N 234 
MET CE  HE3  sing N N 235 
MET OXT HXT  sing N N 236 
PHE N   CA   sing N N 237 
PHE N   H    sing N N 238 
PHE N   H2   sing N N 239 
PHE CA  C    sing N N 240 
PHE CA  CB   sing N N 241 
PHE CA  HA   sing N N 242 
PHE C   O    doub N N 243 
PHE C   OXT  sing N N 244 
PHE CB  CG   sing N N 245 
PHE CB  HB2  sing N N 246 
PHE CB  HB3  sing N N 247 
PHE CG  CD1  doub Y N 248 
PHE CG  CD2  sing Y N 249 
PHE CD1 CE1  sing Y N 250 
PHE CD1 HD1  sing N N 251 
PHE CD2 CE2  doub Y N 252 
PHE CD2 HD2  sing N N 253 
PHE CE1 CZ   doub Y N 254 
PHE CE1 HE1  sing N N 255 
PHE CE2 CZ   sing Y N 256 
PHE CE2 HE2  sing N N 257 
PHE CZ  HZ   sing N N 258 
PHE OXT HXT  sing N N 259 
PRO N   CA   sing N N 260 
PRO N   CD   sing N N 261 
PRO N   H    sing N N 262 
PRO CA  C    sing N N 263 
PRO CA  CB   sing N N 264 
PRO CA  HA   sing N N 265 
PRO C   O    doub N N 266 
PRO C   OXT  sing N N 267 
PRO CB  CG   sing N N 268 
PRO CB  HB2  sing N N 269 
PRO CB  HB3  sing N N 270 
PRO CG  CD   sing N N 271 
PRO CG  HG2  sing N N 272 
PRO CG  HG3  sing N N 273 
PRO CD  HD2  sing N N 274 
PRO CD  HD3  sing N N 275 
PRO OXT HXT  sing N N 276 
SER N   CA   sing N N 277 
SER N   H    sing N N 278 
SER N   H2   sing N N 279 
SER CA  C    sing N N 280 
SER CA  CB   sing N N 281 
SER CA  HA   sing N N 282 
SER C   O    doub N N 283 
SER C   OXT  sing N N 284 
SER CB  OG   sing N N 285 
SER CB  HB2  sing N N 286 
SER CB  HB3  sing N N 287 
SER OG  HG   sing N N 288 
SER OXT HXT  sing N N 289 
THR N   CA   sing N N 290 
THR N   H    sing N N 291 
THR N   H2   sing N N 292 
THR CA  C    sing N N 293 
THR CA  CB   sing N N 294 
THR CA  HA   sing N N 295 
THR C   O    doub N N 296 
THR C   OXT  sing N N 297 
THR CB  OG1  sing N N 298 
THR CB  CG2  sing N N 299 
THR CB  HB   sing N N 300 
THR OG1 HG1  sing N N 301 
THR CG2 HG21 sing N N 302 
THR CG2 HG22 sing N N 303 
THR CG2 HG23 sing N N 304 
THR OXT HXT  sing N N 305 
TYR N   CA   sing N N 306 
TYR N   H    sing N N 307 
TYR N   H2   sing N N 308 
TYR CA  C    sing N N 309 
TYR CA  CB   sing N N 310 
TYR CA  HA   sing N N 311 
TYR C   O    doub N N 312 
TYR C   OXT  sing N N 313 
TYR CB  CG   sing N N 314 
TYR CB  HB2  sing N N 315 
TYR CB  HB3  sing N N 316 
TYR CG  CD1  doub Y N 317 
TYR CG  CD2  sing Y N 318 
TYR CD1 CE1  sing Y N 319 
TYR CD1 HD1  sing N N 320 
TYR CD2 CE2  doub Y N 321 
TYR CD2 HD2  sing N N 322 
TYR CE1 CZ   doub Y N 323 
TYR CE1 HE1  sing N N 324 
TYR CE2 CZ   sing Y N 325 
TYR CE2 HE2  sing N N 326 
TYR CZ  OH   sing N N 327 
TYR OH  HH   sing N N 328 
TYR OXT HXT  sing N N 329 
VAL N   CA   sing N N 330 
VAL N   H    sing N N 331 
VAL N   H2   sing N N 332 
VAL CA  C    sing N N 333 
VAL CA  CB   sing N N 334 
VAL CA  HA   sing N N 335 
VAL C   O    doub N N 336 
VAL C   OXT  sing N N 337 
VAL CB  CG1  sing N N 338 
VAL CB  CG2  sing N N 339 
VAL CB  HB   sing N N 340 
VAL CG1 HG11 sing N N 341 
VAL CG1 HG12 sing N N 342 
VAL CG1 HG13 sing N N 343 
VAL CG2 HG21 sing N N 344 
VAL CG2 HG22 sing N N 345 
VAL CG2 HG23 sing N N 346 
VAL OXT HXT  sing N N 347 
# 
_atom_sites.entry_id                    5KX4 
_atom_sites.fract_transf_matrix[1][1]   0.00287189 
_atom_sites.fract_transf_matrix[1][2]   0.01410282 
_atom_sites.fract_transf_matrix[1][3]   -0.00524734 
_atom_sites.fract_transf_matrix[2][1]   0.00987471 
_atom_sites.fract_transf_matrix[2][2]   0.00226451 
_atom_sites.fract_transf_matrix[2][3]   0.01149060 
_atom_sites.fract_transf_matrix[3][1]   0.01885471 
_atom_sites.fract_transf_matrix[3][2]   -0.00919423 
_atom_sites.fract_transf_matrix[3][3]   -0.01439128 
_atom_sites.fract_transf_vector[1]      0.265776 
_atom_sites.fract_transf_vector[2]      0.236794 
_atom_sites.fract_transf_vector[3]      0.021845 
# 
loop_
_atom_type.symbol 
C 
N 
O 
S 
# 
loop_
_atom_site.group_PDB 
_atom_site.id 
_atom_site.type_symbol 
_atom_site.label_atom_id 
_atom_site.label_alt_id 
_atom_site.label_comp_id 
_atom_site.label_asym_id 
_atom_site.label_entity_id 
_atom_site.label_seq_id 
_atom_site.pdbx_PDB_ins_code 
_atom_site.Cartn_x 
_atom_site.Cartn_y 
_atom_site.Cartn_z 
_atom_site.occupancy 
_atom_site.B_iso_or_equiv 
_atom_site.pdbx_formal_charge 
_atom_site.auth_seq_id 
_atom_site.auth_comp_id 
_atom_site.auth_asym_id 
_atom_site.auth_atom_id 
_atom_site.pdbx_PDB_model_num 
ATOM   1    N N   . GLU A 1 1  ? -12.520 16.089  -7.605  1.00 51.28 ? 1   GLU A N   1 
ATOM   2    C CA  . GLU A 1 1  ? -11.639 17.066  -7.052  1.00 47.36 ? 1   GLU A CA  1 
ATOM   3    C C   . GLU A 1 1  ? -10.190 16.780  -7.377  1.00 44.58 ? 1   GLU A C   1 
ATOM   4    O O   . GLU A 1 1  ? -9.816  15.708  -7.787  1.00 45.29 ? 1   GLU A O   1 
ATOM   5    C CB  . GLU A 1 1  ? -11.799 17.122  -5.546  1.00 49.85 ? 1   GLU A CB  1 
ATOM   6    C CG  . GLU A 1 1  ? -13.102 17.695  -5.080  1.00 51.06 ? 1   GLU A CG  1 
ATOM   7    C CD  . GLU A 1 1  ? -12.957 19.079  -4.572  1.00 52.73 ? 1   GLU A CD  1 
ATOM   8    O OE1 . GLU A 1 1  ? -12.066 19.341  -3.786  1.00 52.94 ? 1   GLU A OE1 1 
ATOM   9    O OE2 . GLU A 1 1  ? -13.736 19.899  -4.997  1.00 57.40 ? 1   GLU A OE2 1 
ATOM   10   N N   . PHE A 1 2  ? -9.394  17.786  -7.096  1.00 42.35 ? 2   PHE A N   1 
ATOM   11   C CA  . PHE A 1 2  ? -7.983  17.810  -7.286  1.00 41.83 ? 2   PHE A CA  1 
ATOM   12   C C   . PHE A 1 2  ? -7.325  16.761  -6.427  1.00 36.03 ? 2   PHE A C   1 
ATOM   13   O O   . PHE A 1 2  ? -6.203  16.410  -6.628  1.00 32.47 ? 2   PHE A O   1 
ATOM   14   C CB  . PHE A 1 2  ? -7.479  19.187  -6.921  1.00 43.23 ? 2   PHE A CB  1 
ATOM   15   C CG  . PHE A 1 2  ? -7.745  19.595  -5.516  1.00 41.43 ? 2   PHE A CG  1 
ATOM   16   C CD1 . PHE A 1 2  ? -9.008  19.784  -5.077  1.00 40.85 ? 2   PHE A CD1 1 
ATOM   17   C CD2 . PHE A 1 2  ? -6.711  19.846  -4.652  1.00 38.17 ? 2   PHE A CD2 1 
ATOM   18   C CE1 . PHE A 1 2  ? -9.234  20.191  -3.791  1.00 43.58 ? 2   PHE A CE1 1 
ATOM   19   C CE2 . PHE A 1 2  ? -6.928  20.235  -3.379  1.00 30.23 ? 2   PHE A CE2 1 
ATOM   20   C CZ  . PHE A 1 2  ? -8.185  20.402  -2.946  1.00 37.90 ? 2   PHE A CZ  1 
ATOM   21   N N   . SER A 1 3  ? -8.066  16.304  -5.443  1.00 39.21 ? 3   SER A N   1 
ATOM   22   C CA  . SER A 1 3  ? -7.505  15.458  -4.414  1.00 36.02 ? 3   SER A CA  1 
ATOM   23   C C   . SER A 1 3  ? -7.570  13.944  -4.653  1.00 36.22 ? 3   SER A C   1 
ATOM   24   O O   . SER A 1 3  ? -7.013  13.201  -3.903  1.00 36.62 ? 3   SER A O   1 
ATOM   25   C CB  . SER A 1 3  ? -8.035  15.844  -3.037  1.00 34.02 ? 3   SER A CB  1 
ATOM   26   O OG  . SER A 1 3  ? -9.408  15.842  -2.964  1.00 33.74 ? 3   SER A OG  1 
ATOM   27   N N   . GLU A 1 4  ? -8.228  13.516  -5.719  1.00 39.04 ? 4   GLU A N   1 
ATOM   28   C CA  . GLU A 1 4  ? -8.638  12.141  -5.827  1.00 39.79 ? 4   GLU A CA  1 
ATOM   29   C C   . GLU A 1 4  ? -7.458  11.204  -5.859  1.00 42.52 ? 4   GLU A C   1 
ATOM   30   O O   . GLU A 1 4  ? -7.495  10.197  -5.242  1.00 41.98 ? 4   GLU A O   1 
ATOM   31   C CB  . GLU A 1 4  ? -9.636  11.877  -6.945  1.00 46.28 ? 4   GLU A CB  1 
ATOM   32   C CG  . GLU A 1 4  ? -10.485 10.620  -6.768  1.00 44.82 ? 4   GLU A CG  1 
ATOM   33   C CD  . GLU A 1 4  ? -11.331 10.230  -7.988  1.00 53.58 ? 4   GLU A CD  1 
ATOM   34   O OE1 . GLU A 1 4  ? -11.817 11.108  -8.708  1.00 46.34 ? 4   GLU A OE1 1 
ATOM   35   O OE2 . GLU A 1 4  ? -11.520 9.031   -8.224  1.00 49.91 ? 4   GLU A OE2 1 
ATOM   36   N N   . ASP A 1 5  ? -6.405  11.574  -6.545  1.00 40.30 ? 5   ASP A N   1 
ATOM   37   C CA  . ASP A 1 5  ? -5.240  10.737  -6.617  1.00 44.00 ? 5   ASP A CA  1 
ATOM   38   C C   . ASP A 1 5  ? -4.566  10.486  -5.273  1.00 44.77 ? 5   ASP A C   1 
ATOM   39   O O   . ASP A 1 5  ? -4.222  9.379   -4.988  1.00 42.08 ? 5   ASP A O   1 
ATOM   40   C CB  . ASP A 1 5  ? -4.232  11.369  -7.551  1.00 45.80 ? 5   ASP A CB  1 
ATOM   41   C CG  . ASP A 1 5  ? -3.166  10.439  -7.956  1.00 52.29 ? 5   ASP A CG  1 
ATOM   42   O OD1 . ASP A 1 5  ? -2.825  9.580   -7.163  1.00 49.01 ? 5   ASP A OD1 1 
ATOM   43   O OD2 . ASP A 1 5  ? -2.686  10.568  -9.087  1.00 51.63 ? 5   ASP A OD2 1 
ATOM   44   N N   . CYS A 1 6  ? -4.374  11.509  -4.463  1.00 40.39 ? 6   CYS A N   1 
ATOM   45   C CA  . CYS A 1 6  ? -3.763  11.316  -3.159  1.00 39.95 ? 6   CYS A CA  1 
ATOM   46   C C   . CYS A 1 6  ? -4.667  10.437  -2.364  1.00 35.01 ? 6   CYS A C   1 
ATOM   47   O O   . CYS A 1 6  ? -4.229  9.551   -1.755  1.00 35.34 ? 6   CYS A O   1 
ATOM   48   C CB  . CYS A 1 6  ? -3.538  12.633  -2.421  1.00 32.69 ? 6   CYS A CB  1 
ATOM   49   S SG  . CYS A 1 6  ? -3.212  12.588  -0.664  1.00 34.21 ? 6   CYS A SG  1 
ATOM   50   N N   . GLU A 1 7  ? -5.940  10.723  -2.403  1.00 32.05 ? 7   GLU A N   1 
ATOM   51   C CA  . GLU A 1 7  ? -6.884  10.024  -1.611  1.00 35.77 ? 7   GLU A CA  1 
ATOM   52   C C   . GLU A 1 7  ? -6.876  8.573   -2.006  1.00 36.39 ? 7   GLU A C   1 
ATOM   53   O O   . GLU A 1 7  ? -6.792  7.731   -1.183  1.00 37.44 ? 7   GLU A O   1 
ATOM   54   C CB  . GLU A 1 7  ? -8.286  10.581  -1.843  1.00 39.07 ? 7   GLU A CB  1 
ATOM   55   C CG  . GLU A 1 7  ? -8.611  11.902  -1.178  1.00 36.48 ? 7   GLU A CG  1 
ATOM   56   C CD  . GLU A 1 7  ? -9.984  12.425  -1.558  1.00 42.15 ? 7   GLU A CD  1 
ATOM   57   O OE1 . GLU A 1 7  ? -10.245 12.644  -2.718  1.00 43.17 ? 7   GLU A OE1 1 
ATOM   58   O OE2 . GLU A 1 7  ? -10.810 12.631  -0.699  1.00 43.97 ? 7   GLU A OE2 1 
ATOM   59   N N   . ASN A 1 8  ? -6.910  8.314   -3.280  1.00 39.88 ? 8   ASN A N   1 
ATOM   60   C CA  . ASN A 1 8  ? -6.943  6.961   -3.716  1.00 39.38 ? 8   ASN A CA  1 
ATOM   61   C C   . ASN A 1 8  ? -5.727  6.181   -3.269  1.00 31.54 ? 8   ASN A C   1 
ATOM   62   O O   . ASN A 1 8  ? -5.868  5.087   -2.860  1.00 35.64 ? 8   ASN A O   1 
ATOM   63   C CB  . ASN A 1 8  ? -7.152  6.882   -5.209  1.00 34.98 ? 8   ASN A CB  1 
ATOM   64   C CG  . ASN A 1 8  ? -8.593  6.854   -5.579  1.00 44.44 ? 8   ASN A CG  1 
ATOM   65   O OD1 . ASN A 1 8  ? -9.388  6.235   -4.922  1.00 48.68 ? 8   ASN A OD1 1 
ATOM   66   N ND2 . ASN A 1 8  ? -8.936  7.542   -6.614  1.00 40.55 ? 8   ASN A ND2 1 
ATOM   67   N N   . ILE A 1 9  ? -4.563  6.771   -3.326  1.00 33.04 ? 9   ILE A N   1 
ATOM   68   C CA  . ILE A 1 9  ? -3.387  6.118   -2.855  1.00 35.33 ? 9   ILE A CA  1 
ATOM   69   C C   . ILE A 1 9  ? -3.434  5.788   -1.367  1.00 32.42 ? 9   ILE A C   1 
ATOM   70   O O   . ILE A 1 9  ? -3.134  4.718   -1.021  1.00 27.11 ? 9   ILE A O   1 
ATOM   71   C CB  . ILE A 1 9  ? -2.133  6.932   -3.165  1.00 31.60 ? 9   ILE A CB  1 
ATOM   72   C CG1 . ILE A 1 9  ? -1.945  7.032   -4.658  1.00 37.19 ? 9   ILE A CG1 1 
ATOM   73   C CG2 . ILE A 1 9  ? -0.912  6.297   -2.588  1.00 31.53 ? 9   ILE A CG2 1 
ATOM   74   C CD1 . ILE A 1 9  ? -1.048  8.149   -5.112  1.00 41.31 ? 9   ILE A CD1 1 
ATOM   75   N N   . PHE A 1 10 ? -3.826  6.721   -0.527  1.00 34.88 ? 10  PHE A N   1 
ATOM   76   C CA  . PHE A 1 10 ? -3.998  6.445   0.877   1.00 31.56 ? 10  PHE A CA  1 
ATOM   77   C C   . PHE A 1 10 ? -5.100  5.387   1.075   1.00 29.09 ? 10  PHE A C   1 
ATOM   78   O O   . PHE A 1 10 ? -4.997  4.556   1.906   1.00 22.18 ? 10  PHE A O   1 
ATOM   79   C CB  . PHE A 1 10 ? -4.273  7.717   1.696   1.00 31.66 ? 10  PHE A CB  1 
ATOM   80   C CG  . PHE A 1 10 ? -3.046  8.501   2.053   1.00 30.73 ? 10  PHE A CG  1 
ATOM   81   C CD1 . PHE A 1 10 ? -2.162  8.033   2.979   1.00 33.42 ? 10  PHE A CD1 1 
ATOM   82   C CD2 . PHE A 1 10 ? -2.805  9.718   1.487   1.00 33.33 ? 10  PHE A CD2 1 
ATOM   83   C CE1 . PHE A 1 10 ? -1.038  8.735   3.299   1.00 33.07 ? 10  PHE A CE1 1 
ATOM   84   C CE2 . PHE A 1 10 ? -1.690  10.430  1.813   1.00 29.96 ? 10  PHE A CE2 1 
ATOM   85   C CZ  . PHE A 1 10 ? -0.803  9.932   2.714   1.00 34.19 ? 10  PHE A CZ  1 
ATOM   86   N N   . HIS A 1 11 ? -6.123  5.461   0.264   1.00 27.33 ? 11  HIS A N   1 
ATOM   87   C CA  . HIS A 1 11 ? -7.173  4.497   0.332   1.00 30.21 ? 11  HIS A CA  1 
ATOM   88   C C   . HIS A 1 11 ? -6.670  3.124   0.031   1.00 28.28 ? 11  HIS A C   1 
ATOM   89   O O   . HIS A 1 11 ? -6.882  2.227   0.816   1.00 20.79 ? 11  HIS A O   1 
ATOM   90   C CB  . HIS A 1 11 ? -8.300  4.891   -0.588  1.00 34.67 ? 11  HIS A CB  1 
ATOM   91   C CG  . HIS A 1 11 ? -9.400  3.894   -0.677  1.00 37.20 ? 11  HIS A CG  1 
ATOM   92   N ND1 . HIS A 1 11 ? -9.501  3.044   -1.675  1.00 40.37 ? 11  HIS A ND1 1 
ATOM   93   C CD2 . HIS A 1 11 ? -10.442 3.638   0.144   1.00 39.19 ? 11  HIS A CD2 1 
ATOM   94   C CE1 . HIS A 1 11 ? -10.565 2.280   -1.499  1.00 38.74 ? 11  HIS A CE1 1 
ATOM   95   N NE2 . HIS A 1 11 ? -11.132 2.634   -0.388  1.00 40.25 ? 11  HIS A NE2 1 
ATOM   96   N N   . ASP A 1 12 ? -5.893  3.010   -1.030  1.00 24.46 ? 12  ASP A N   1 
ATOM   97   C CA  . ASP A 1 12 ? -5.306  1.761   -1.458  1.00 26.92 ? 12  ASP A CA  1 
ATOM   98   C C   . ASP A 1 12 ? -4.367  1.153   -0.438  1.00 25.27 ? 12  ASP A C   1 
ATOM   99   O O   . ASP A 1 12 ? -4.449  0.009   -0.193  1.00 26.93 ? 12  ASP A O   1 
ATOM   100  C CB  . ASP A 1 12 ? -4.507  1.904   -2.758  1.00 30.03 ? 12  ASP A CB  1 
ATOM   101  C CG  . ASP A 1 12 ? -5.347  2.222   -3.964  1.00 29.83 ? 12  ASP A CG  1 
ATOM   102  O OD1 . ASP A 1 12 ? -6.548  2.124   -3.931  1.00 26.57 ? 12  ASP A OD1 1 
ATOM   103  O OD2 . ASP A 1 12 ? -4.730  2.574   -4.949  1.00 33.41 ? 12  ASP A OD2 1 
ATOM   104  N N   . ASN A 1 13 ? -3.510  1.941   0.157   1.00 28.71 ? 13  ASN A N   1 
ATOM   105  C CA  . ASN A 1 13 ? -2.611  1.450   1.153   1.00 26.66 ? 13  ASN A CA  1 
ATOM   106  C C   . ASN A 1 13 ? -3.384  0.896   2.323   1.00 24.54 ? 13  ASN A C   1 
ATOM   107  O O   . ASN A 1 13 ? -3.113  -0.135  2.773   1.00 22.94 ? 13  ASN A O   1 
ATOM   108  C CB  . ASN A 1 13 ? -1.637  2.525   1.570   1.00 24.73 ? 13  ASN A CB  1 
ATOM   109  C CG  . ASN A 1 13 ? -0.559  2.038   2.561   1.00 37.19 ? 13  ASN A CG  1 
ATOM   110  O OD1 . ASN A 1 13 ? 0.220   1.130   2.311   1.00 32.58 ? 13  ASN A OD1 1 
ATOM   111  N ND2 . ASN A 1 13 ? -0.502  2.708   3.668   1.00 32.52 ? 13  ASN A ND2 1 
ATOM   112  N N   . ALA A 1 14 ? -4.395  1.607   2.762   1.00 27.02 ? 14  ALA A N   1 
ATOM   113  C CA  . ALA A 1 14 ? -5.160  1.226   3.920   1.00 23.40 ? 14  ALA A CA  1 
ATOM   114  C C   . ALA A 1 14 ? -5.835  -0.103  3.728   1.00 24.64 ? 14  ALA A C   1 
ATOM   115  O O   . ALA A 1 14 ? -5.732  -0.960  4.521   1.00 25.50 ? 14  ALA A O   1 
ATOM   116  C CB  . ALA A 1 14 ? -6.174  2.287   4.237   1.00 21.28 ? 14  ALA A CB  1 
ATOM   117  N N   . TYR A 1 15 ? -6.444  -0.242  2.592   1.00 23.95 ? 15  TYR A N   1 
ATOM   118  C CA  . TYR A 1 15 ? -7.051  -1.457  2.148   1.00 26.65 ? 15  TYR A CA  1 
ATOM   119  C C   . TYR A 1 15 ? -6.051  -2.597  2.004   1.00 26.44 ? 15  TYR A C   1 
ATOM   120  O O   . TYR A 1 15 ? -6.334  -3.661  2.385   1.00 23.75 ? 15  TYR A O   1 
ATOM   121  C CB  . TYR A 1 15 ? -7.773  -1.151  0.837   1.00 30.12 ? 15  TYR A CB  1 
ATOM   122  C CG  . TYR A 1 15 ? -8.338  -2.291  0.007   1.00 39.13 ? 15  TYR A CG  1 
ATOM   123  C CD1 . TYR A 1 15 ? -9.628  -2.671  0.133   1.00 33.01 ? 15  TYR A CD1 1 
ATOM   124  C CD2 . TYR A 1 15 ? -7.588  -2.904  -0.980  1.00 39.52 ? 15  TYR A CD2 1 
ATOM   125  C CE1 . TYR A 1 15 ? -10.136 -3.666  -0.643  1.00 41.69 ? 15  TYR A CE1 1 
ATOM   126  C CE2 . TYR A 1 15 ? -8.103  -3.893  -1.746  1.00 38.26 ? 15  TYR A CE2 1 
ATOM   127  C CZ  . TYR A 1 15 ? -9.381  -4.262  -1.568  1.00 38.54 ? 15  TYR A CZ  1 
ATOM   128  O OH  . TYR A 1 15 ? -9.904  -5.234  -2.337  1.00 44.98 ? 15  TYR A OH  1 
ATOM   129  N N   . LEU A 1 16 ? -4.888  -2.334  1.459   1.00 27.96 ? 16  LEU A N   1 
ATOM   130  C CA  . LEU A 1 16 ? -3.901  -3.370  1.362   1.00 26.06 ? 16  LEU A CA  1 
ATOM   131  C C   . LEU A 1 16 ? -3.402  -3.868  2.692   1.00 25.55 ? 16  LEU A C   1 
ATOM   132  O O   . LEU A 1 16 ? -3.248  -5.012  2.873   1.00 25.51 ? 16  LEU A O   1 
ATOM   133  C CB  . LEU A 1 16 ? -2.752  -2.970  0.518   1.00 26.28 ? 16  LEU A CB  1 
ATOM   134  C CG  . LEU A 1 16 ? -2.016  -4.240  0.234   1.00 28.91 ? 16  LEU A CG  1 
ATOM   135  C CD1 . LEU A 1 16 ? -2.390  -4.924  -1.029  1.00 28.61 ? 16  LEU A CD1 1 
ATOM   136  C CD2 . LEU A 1 16 ? -0.552  -4.098  0.422   1.00 34.51 ? 16  LEU A CD2 1 
ATOM   137  N N   . LEU A 1 17 ? -3.127  -2.961  3.579   1.00 28.19 ? 17  LEU A N   1 
ATOM   138  C CA  . LEU A 1 17 ? -2.714  -3.304  4.883   1.00 27.80 ? 17  LEU A CA  1 
ATOM   139  C C   . LEU A 1 17 ? -3.811  -4.079  5.539   1.00 28.39 ? 17  LEU A C   1 
ATOM   140  O O   . LEU A 1 17 ? -3.535  -5.039  6.138   1.00 26.39 ? 17  LEU A O   1 
ATOM   141  C CB  . LEU A 1 17 ? -2.370  -2.076  5.673   1.00 31.75 ? 17  LEU A CB  1 
ATOM   142  C CG  . LEU A 1 17 ? -1.106  -1.406  5.180   1.00 31.56 ? 17  LEU A CG  1 
ATOM   143  C CD1 . LEU A 1 17 ? -0.659  -0.282  6.051   1.00 32.66 ? 17  LEU A CD1 1 
ATOM   144  C CD2 . LEU A 1 17 ? -0.010  -2.393  4.973   1.00 33.78 ? 17  LEU A CD2 1 
ATOM   145  N N   . LYS A 1 18 ? -5.054  -3.681  5.340   1.00 30.54 ? 18  LYS A N   1 
ATOM   146  C CA  . LYS A 1 18 ? -6.147  -4.366  5.967   1.00 27.91 ? 18  LYS A CA  1 
ATOM   147  C C   . LYS A 1 18 ? -6.161  -5.804  5.513   1.00 27.40 ? 18  LYS A C   1 
ATOM   148  O O   . LYS A 1 18 ? -6.203  -6.663  6.307   1.00 26.93 ? 18  LYS A O   1 
ATOM   149  C CB  . LYS A 1 18 ? -7.458  -3.710  5.624   1.00 29.05 ? 18  LYS A CB  1 
ATOM   150  C CG  . LYS A 1 18 ? -8.695  -4.384  6.146   1.00 27.86 ? 18  LYS A CG  1 
ATOM   151  C CD  . LYS A 1 18 ? -9.762  -3.372  6.524   1.00 27.13 ? 18  LYS A CD  1 
ATOM   152  C CE  . LYS A 1 18 ? -10.971 -3.960  7.208   1.00 27.24 ? 18  LYS A CE  1 
ATOM   153  N NZ  . LYS A 1 18 ? -11.783 -4.847  6.389   1.00 26.05 ? 18  LYS A NZ  1 
ATOM   154  N N   . LEU A 1 19 ? -6.048  -6.024  4.224   1.00 27.31 ? 19  LEU A N   1 
ATOM   155  C CA  . LEU A 1 19 ? -6.058  -7.344  3.682   1.00 30.28 ? 19  LEU A CA  1 
ATOM   156  C C   . LEU A 1 19 ? -4.888  -8.164  4.174   1.00 26.37 ? 19  LEU A C   1 
ATOM   157  O O   . LEU A 1 19 ? -5.059  -9.263  4.546   1.00 26.62 ? 19  LEU A O   1 
ATOM   158  C CB  . LEU A 1 19 ? -6.060  -7.312  2.170   1.00 29.31 ? 19  LEU A CB  1 
ATOM   159  C CG  . LEU A 1 19 ? -7.303  -7.050  1.355   1.00 34.45 ? 19  LEU A CG  1 
ATOM   160  C CD1 . LEU A 1 19 ? -7.179  -7.677  0.000   1.00 31.07 ? 19  LEU A CD1 1 
ATOM   161  C CD2 . LEU A 1 19 ? -8.623  -7.432  1.990   1.00 36.10 ? 19  LEU A CD2 1 
ATOM   162  N N   . ASP A 1 20 ? -3.713  -7.589  4.186   1.00 28.64 ? 20  ASP A N   1 
ATOM   163  C CA  . ASP A 1 20 ? -2.551  -8.259  4.694   1.00 26.62 ? 20  ASP A CA  1 
ATOM   164  C C   . ASP A 1 20 ? -2.734  -8.588  6.193   1.00 27.66 ? 20  ASP A C   1 
ATOM   165  O O   . ASP A 1 20 ? -2.347  -9.599  6.633   1.00 21.99 ? 20  ASP A O   1 
ATOM   166  C CB  . ASP A 1 20 ? -1.317  -7.439  4.482   1.00 26.47 ? 20  ASP A CB  1 
ATOM   167  C CG  . ASP A 1 20 ? -0.864  -7.383  3.036   1.00 30.71 ? 20  ASP A CG  1 
ATOM   168  O OD1 . ASP A 1 20 ? -1.168  -8.187  2.207   1.00 30.58 ? 20  ASP A OD1 1 
ATOM   169  O OD2 . ASP A 1 20 ? -0.148  -6.494  2.727   1.00 35.65 ? 20  ASP A OD2 1 
ATOM   170  N N   . CYS A 1 21 ? -3.297  -7.642  6.938   1.00 27.80 ? 21  CYS A N   1 
ATOM   171  C CA  . CYS A 1 21 ? -3.501  -7.822  8.371   1.00 26.93 ? 21  CYS A CA  1 
ATOM   172  C C   . CYS A 1 21 ? -4.419  -9.012  8.597   1.00 27.74 ? 21  CYS A C   1 
ATOM   173  O O   . CYS A 1 21 ? -4.209  -9.815  9.506   1.00 30.79 ? 21  CYS A O   1 
ATOM   174  C CB  . CYS A 1 21 ? -4.106  -6.562  8.991   1.00 26.86 ? 21  CYS A CB  1 
ATOM   175  S SG  . CYS A 1 21 ? -4.445  -6.690  10.762  1.00 26.88 ? 21  CYS A SG  1 
ATOM   176  N N   . GLU A 1 22 ? -5.435  -9.113  7.751   1.00 27.38 ? 22  GLU A N   1 
ATOM   177  C CA  . GLU A 1 22 ? -6.330  -10.199 7.775   1.00 31.75 ? 22  GLU A CA  1 
ATOM   178  C C   . GLU A 1 22 ? -5.611  -11.480 7.473   1.00 35.16 ? 22  GLU A C   1 
ATOM   179  O O   . GLU A 1 22 ? -5.880  -12.483 8.045   1.00 37.63 ? 22  GLU A O   1 
ATOM   180  C CB  . GLU A 1 22 ? -7.442  -9.958  6.825   1.00 28.78 ? 22  GLU A CB  1 
ATOM   181  C CG  . GLU A 1 22 ? -8.497  -9.044  7.388   1.00 31.19 ? 22  GLU A CG  1 
ATOM   182  C CD  . GLU A 1 22 ? -9.156  -8.169  6.376   1.00 32.55 ? 22  GLU A CD  1 
ATOM   183  O OE1 . GLU A 1 22 ? -8.854  -8.310  5.223   1.00 32.61 ? 22  GLU A OE1 1 
ATOM   184  O OE2 . GLU A 1 22 ? -9.973  -7.366  6.747   1.00 34.17 ? 22  GLU A OE2 1 
ATOM   185  N N   . ALA A 1 23 ? -4.660  -11.406 6.599   1.00 33.92 ? 23  ALA A N   1 
ATOM   186  C CA  . ALA A 1 23 ? -3.984  -12.571 6.183   1.00 32.91 ? 23  ALA A CA  1 
ATOM   187  C C   . ALA A 1 23 ? -2.983  -13.013 7.182   1.00 29.77 ? 23  ALA A C   1 
ATOM   188  O O   . ALA A 1 23 ? -2.367  -13.975 6.986   1.00 28.18 ? 23  ALA A O   1 
ATOM   189  C CB  . ALA A 1 23 ? -3.354  -12.349 4.858   1.00 33.21 ? 23  ALA A CB  1 
ATOM   190  N N   . GLY A 1 24 ? -2.878  -12.281 8.264   1.00 31.15 ? 24  GLY A N   1 
ATOM   191  C CA  . GLY A 1 24 ? -1.872  -12.464 9.265   1.00 26.82 ? 24  GLY A CA  1 
ATOM   192  C C   . GLY A 1 24 ? -0.477  -12.129 8.828   1.00 28.23 ? 24  GLY A C   1 
ATOM   193  O O   . GLY A 1 24 ? 0.446   -12.715 9.273   1.00 29.58 ? 24  GLY A O   1 
ATOM   194  N N   . ARG A 1 25 ? -0.378  -11.214 7.896   1.00 29.45 ? 25  ARG A N   1 
ATOM   195  C CA  . ARG A 1 25 ? 0.870   -10.707 7.389   1.00 30.80 ? 25  ARG A CA  1 
ATOM   196  C C   . ARG A 1 25 ? 1.448   -9.487  8.089   1.00 25.82 ? 25  ARG A C   1 
ATOM   197  O O   . ARG A 1 25 ? 2.622   -9.297  8.069   1.00 31.04 ? 25  ARG A O   1 
ATOM   198  C CB  . ARG A 1 25 ? 0.741   -10.435 5.913   1.00 31.96 ? 25  ARG A CB  1 
ATOM   199  C CG  . ARG A 1 25 ? 0.802   -11.661 5.056   1.00 32.75 ? 25  ARG A CG  1 
ATOM   200  C CD  . ARG A 1 25 ? 0.369   -11.394 3.650   1.00 34.05 ? 25  ARG A CD  1 
ATOM   201  N NE  . ARG A 1 25 ? 0.433   -12.623 2.944   1.00 40.00 ? 25  ARG A NE  1 
ATOM   202  C CZ  . ARG A 1 25 ? -0.519  -13.529 2.938   1.00 40.68 ? 25  ARG A CZ  1 
ATOM   203  N NH1 . ARG A 1 25 ? -1.642  -13.304 3.556   1.00 46.50 ? 25  ARG A NH1 1 
ATOM   204  N NH2 . ARG A 1 25 ? -0.341  -14.657 2.321   1.00 38.74 ? 25  ARG A NH2 1 
ATOM   205  N N   . VAL A 1 26 ? 0.577   -8.676  8.664   1.00 28.15 ? 26  VAL A N   1 
ATOM   206  C CA  . VAL A 1 26 ? 0.927   -7.514  9.447   1.00 29.20 ? 26  VAL A CA  1 
ATOM   207  C C   . VAL A 1 26 ? 0.313   -7.433  10.854  1.00 29.73 ? 26  VAL A C   1 
ATOM   208  O O   . VAL A 1 26 ? -0.748  -7.881  11.112  1.00 31.95 ? 26  VAL A O   1 
ATOM   209  C CB  . VAL A 1 26 ? 0.687   -6.203  8.689   1.00 29.30 ? 26  VAL A CB  1 
ATOM   210  C CG1 . VAL A 1 26 ? 1.097   -6.327  7.256   1.00 29.34 ? 26  VAL A CG1 1 
ATOM   211  C CG2 . VAL A 1 26 ? -0.732  -5.799  8.759   1.00 30.19 ? 26  VAL A CG2 1 
ATOM   212  N N   . ASP A 1 27 ? 1.028   -6.794  11.740  1.00 31.92 ? 27  ASP A N   1 
ATOM   213  C CA  . ASP A 1 27 ? 0.578   -6.646  13.092  1.00 35.04 ? 27  ASP A CA  1 
ATOM   214  C C   . ASP A 1 27 ? 0.204   -5.220  13.444  1.00 31.67 ? 27  ASP A C   1 
ATOM   215  O O   . ASP A 1 27 ? 1.022   -4.369  13.560  1.00 32.66 ? 27  ASP A O   1 
ATOM   216  C CB  . ASP A 1 27 ? 1.619   -7.198  14.067  1.00 31.63 ? 27  ASP A CB  1 
ATOM   217  C CG  . ASP A 1 27 ? 1.050   -7.489  15.408  1.00 41.29 ? 27  ASP A CG  1 
ATOM   218  O OD1 . ASP A 1 27 ? -0.130  -7.277  15.618  1.00 39.43 ? 27  ASP A OD1 1 
ATOM   219  O OD2 . ASP A 1 27 ? 1.797   -7.945  16.261  1.00 40.86 ? 27  ASP A OD2 1 
ATOM   220  N N   . PRO A 1 28 ? -1.054  -4.996  13.723  1.00 33.22 ? 28  PRO A N   1 
ATOM   221  C CA  . PRO A 1 28 ? -1.573  -3.652  13.848  1.00 35.20 ? 28  PRO A CA  1 
ATOM   222  C C   . PRO A 1 28 ? -0.887  -2.811  14.916  1.00 36.44 ? 28  PRO A C   1 
ATOM   223  O O   . PRO A 1 28 ? -0.830  -1.646  14.736  1.00 33.81 ? 28  PRO A O   1 
ATOM   224  C CB  . PRO A 1 28 ? -3.019  -3.873  14.189  1.00 38.48 ? 28  PRO A CB  1 
ATOM   225  C CG  . PRO A 1 28 ? -3.324  -5.194  13.703  1.00 34.05 ? 28  PRO A CG  1 
ATOM   226  C CD  . PRO A 1 28 ? -2.116  -5.987  13.836  1.00 34.54 ? 28  PRO A CD  1 
ATOM   227  N N   . VAL A 1 29 ? -0.326  -3.420  15.949  1.00 37.84 ? 29  VAL A N   1 
ATOM   228  C CA  . VAL A 1 29 ? 0.424   -2.696  16.964  1.00 41.54 ? 29  VAL A CA  1 
ATOM   229  C C   . VAL A 1 29 ? 1.747   -2.113  16.560  1.00 40.83 ? 29  VAL A C   1 
ATOM   230  O O   . VAL A 1 29 ? 2.271   -1.346  17.288  1.00 42.01 ? 29  VAL A O   1 
ATOM   231  C CB  . VAL A 1 29 ? 0.617   -3.452  18.287  1.00 44.55 ? 29  VAL A CB  1 
ATOM   232  C CG1 . VAL A 1 29 ? -0.654  -4.110  18.716  1.00 48.60 ? 29  VAL A CG1 1 
ATOM   233  C CG2 . VAL A 1 29 ? 1.769   -4.416  18.244  1.00 40.90 ? 29  VAL A CG2 1 
ATOM   234  N N   . GLU A 1 30 ? 2.307   -2.514  15.438  1.00 41.97 ? 30  GLU A N   1 
ATOM   235  C CA  . GLU A 1 30 ? 3.448   -1.812  14.921  1.00 37.29 ? 30  GLU A CA  1 
ATOM   236  C C   . GLU A 1 30 ? 3.047   -0.488  14.294  1.00 41.70 ? 30  GLU A C   1 
ATOM   237  O O   . GLU A 1 30 ? 3.876   0.278   13.984  1.00 40.46 ? 30  GLU A O   1 
ATOM   238  C CB  . GLU A 1 30 ? 4.250   -2.632  13.963  1.00 34.29 ? 30  GLU A CB  1 
ATOM   239  C CG  . GLU A 1 30 ? 4.550   -4.018  14.417  1.00 35.89 ? 30  GLU A CG  1 
ATOM   240  C CD  . GLU A 1 30 ? 5.472   -4.080  15.604  1.00 40.95 ? 30  GLU A CD  1 
ATOM   241  O OE1 . GLU A 1 30 ? 6.156   -3.127  15.907  1.00 39.00 ? 30  GLU A OE1 1 
ATOM   242  O OE2 . GLU A 1 30 ? 5.497   -5.120  16.213  1.00 43.92 ? 30  GLU A OE2 1 
ATOM   243  N N   . TYR A 1 31 ? 1.768   -0.239  14.123  1.00 36.65 ? 31  TYR A N   1 
ATOM   244  C CA  . TYR A 1 31 ? 1.299   0.970   13.490  1.00 40.01 ? 31  TYR A CA  1 
ATOM   245  C C   . TYR A 1 31 ? 0.798   1.991   14.487  1.00 40.51 ? 31  TYR A C   1 
ATOM   246  O O   . TYR A 1 31 ? -0.006  2.812   14.189  1.00 46.23 ? 31  TYR A O   1 
ATOM   247  C CB  . TYR A 1 31 ? 0.305   0.699   12.372  1.00 40.62 ? 31  TYR A CB  1 
ATOM   248  C CG  . TYR A 1 31 ? 0.946   0.102   11.162  1.00 37.01 ? 31  TYR A CG  1 
ATOM   249  C CD1 . TYR A 1 31 ? 1.172   -1.220  11.084  1.00 29.45 ? 31  TYR A CD1 1 
ATOM   250  C CD2 . TYR A 1 31 ? 1.361   0.885   10.130  1.00 36.42 ? 31  TYR A CD2 1 
ATOM   251  C CE1 . TYR A 1 31 ? 1.779   -1.773  10.016  1.00 32.48 ? 31  TYR A CE1 1 
ATOM   252  C CE2 . TYR A 1 31 ? 1.955   0.347   9.021   1.00 38.99 ? 31  TYR A CE2 1 
ATOM   253  C CZ  . TYR A 1 31 ? 2.167   -0.996  8.971   1.00 34.87 ? 31  TYR A CZ  1 
ATOM   254  O OH  . TYR A 1 31 ? 2.756   -1.547  7.913   1.00 34.12 ? 31  TYR A OH  1 
ATOM   255  N N   . ASP A 1 32 ? 1.341   1.897   15.679  1.00 45.40 ? 32  ASP A N   1 
ATOM   256  C CA  . ASP A 1 32 ? 0.992   2.702   16.823  1.00 45.59 ? 32  ASP A CA  1 
ATOM   257  C C   . ASP A 1 32 ? 1.684   4.031   16.855  1.00 46.71 ? 32  ASP A C   1 
ATOM   258  O O   . ASP A 1 32 ? 1.355   4.856   17.653  1.00 43.27 ? 32  ASP A O   1 
ATOM   259  C CB  . ASP A 1 32 ? 1.352   1.958   18.088  1.00 43.95 ? 32  ASP A CB  1 
ATOM   260  C CG  . ASP A 1 32 ? 0.291   1.023   18.528  1.00 46.90 ? 32  ASP A CG  1 
ATOM   261  O OD1 . ASP A 1 32 ? -0.784  0.997   17.940  1.00 48.26 ? 32  ASP A OD1 1 
ATOM   262  O OD2 . ASP A 1 32 ? 0.544   0.310   19.480  1.00 51.98 ? 32  ASP A OD2 1 
ATOM   263  N N   . ASP A 1 33 ? 2.680   4.181   15.999  1.00 45.45 ? 33  ASP A N   1 
ATOM   264  C CA  . ASP A 1 33 ? 3.402   5.420   15.789  1.00 43.36 ? 33  ASP A CA  1 
ATOM   265  C C   . ASP A 1 33 ? 4.135   5.459   14.455  1.00 45.40 ? 33  ASP A C   1 
ATOM   266  O O   . ASP A 1 33 ? 3.968   4.599   13.651  1.00 36.22 ? 33  ASP A O   1 
ATOM   267  C CB  . ASP A 1 33 ? 4.271   5.817   16.973  1.00 46.29 ? 33  ASP A CB  1 
ATOM   268  C CG  . ASP A 1 33 ? 5.522   5.029   17.080  1.00 44.79 ? 33  ASP A CG  1 
ATOM   269  O OD1 . ASP A 1 33 ? 5.970   4.423   16.146  1.00 48.67 ? 33  ASP A OD1 1 
ATOM   270  O OD2 . ASP A 1 33 ? 6.064   5.024   18.132  1.00 51.17 ? 33  ASP A OD2 1 
ATOM   271  N N   . ILE A 1 34 ? 4.893   6.520   14.234  1.00 42.88 ? 34  ILE A N   1 
ATOM   272  C CA  . ILE A 1 34 ? 5.592   6.710   12.997  1.00 38.52 ? 34  ILE A CA  1 
ATOM   273  C C   . ILE A 1 34 ? 6.794   7.611   13.130  1.00 40.86 ? 34  ILE A C   1 
ATOM   274  O O   . ILE A 1 34 ? 6.770   8.561   13.833  1.00 31.24 ? 34  ILE A O   1 
ATOM   275  C CB  . ILE A 1 34 ? 4.625   7.265   11.959  1.00 39.47 ? 34  ILE A CB  1 
ATOM   276  C CG1 . ILE A 1 34 ? 5.252   7.341   10.583  1.00 38.63 ? 34  ILE A CG1 1 
ATOM   277  C CG2 . ILE A 1 34 ? 4.119   8.617   12.378  1.00 36.23 ? 34  ILE A CG2 1 
ATOM   278  C CD1 . ILE A 1 34 ? 4.336   7.978   9.571   1.00 32.29 ? 34  ILE A CD1 1 
ATOM   279  N N   . SER A 1 35 ? 7.840   7.280   12.406  1.00 36.20 ? 35  SER A N   1 
ATOM   280  C CA  . SER A 1 35 ? 9.068   8.055   12.381  1.00 38.56 ? 35  SER A CA  1 
ATOM   281  C C   . SER A 1 35 ? 9.069   9.275   11.483  1.00 40.67 ? 35  SER A C   1 
ATOM   282  O O   . SER A 1 35 ? 8.264   9.444   10.647  1.00 32.36 ? 35  SER A O   1 
ATOM   283  C CB  . SER A 1 35 ? 10.261  7.175   12.037  1.00 39.79 ? 35  SER A CB  1 
ATOM   284  O OG  . SER A 1 35 ? 10.078  6.457   10.872  1.00 34.53 ? 35  SER A OG  1 
ATOM   285  N N   . ASP A 1 36 ? 10.033  10.135  11.707  1.00 43.05 ? 36  ASP A N   1 
ATOM   286  C CA  . ASP A 1 36 ? 10.242  11.285  10.862  1.00 46.32 ? 36  ASP A CA  1 
ATOM   287  C C   . ASP A 1 36 ? 10.653  10.889  9.461   1.00 43.31 ? 36  ASP A C   1 
ATOM   288  O O   . ASP A 1 36 ? 10.272  11.528  8.534   1.00 40.55 ? 36  ASP A O   1 
ATOM   289  C CB  . ASP A 1 36 ? 11.225  12.286  11.462  1.00 51.90 ? 36  ASP A CB  1 
ATOM   290  C CG  . ASP A 1 36 ? 10.758  12.846  12.760  1.00 49.79 ? 36  ASP A CG  1 
ATOM   291  O OD1 . ASP A 1 36 ? 10.488  14.039  12.828  1.00 48.62 ? 36  ASP A OD1 1 
ATOM   292  O OD2 . ASP A 1 36 ? 10.686  12.085  13.712  1.00 50.85 ? 36  ASP A OD2 1 
ATOM   293  N N   . GLU A 1 37 ? 11.453  9.843   9.331   1.00 38.33 ? 37  GLU A N   1 
ATOM   294  C CA  . GLU A 1 37 ? 11.842  9.328   8.017   1.00 41.01 ? 37  GLU A CA  1 
ATOM   295  C C   . GLU A 1 37 ? 10.676  8.785   7.204   1.00 38.19 ? 37  GLU A C   1 
ATOM   296  O O   . GLU A 1 37 ? 10.598  9.023   6.058   1.00 32.89 ? 37  GLU A O   1 
ATOM   297  C CB  . GLU A 1 37 ? 12.979  8.297   8.131   1.00 41.96 ? 37  GLU A CB  1 
ATOM   298  C CG  . GLU A 1 37 ? 13.414  7.617   6.846   1.00 39.94 ? 37  GLU A CG  1 
ATOM   299  C CD  . GLU A 1 37 ? 13.739  8.576   5.717   1.00 39.34 ? 37  GLU A CD  1 
ATOM   300  O OE1 . GLU A 1 37 ? 14.250  9.637   5.986   1.00 37.25 ? 37  GLU A OE1 1 
ATOM   301  O OE2 . GLU A 1 37 ? 13.527  8.235   4.558   1.00 42.73 ? 37  GLU A OE2 1 
ATOM   302  N N   . GLU A 1 38 ? 9.773   8.065   7.829   1.00 37.57 ? 38  GLU A N   1 
ATOM   303  C CA  . GLU A 1 38 ? 8.604   7.599   7.146   1.00 34.44 ? 38  GLU A CA  1 
ATOM   304  C C   . GLU A 1 38 ? 7.770   8.774   6.695   1.00 33.84 ? 38  GLU A C   1 
ATOM   305  O O   . GLU A 1 38 ? 7.220   8.765   5.641   1.00 27.75 ? 38  GLU A O   1 
ATOM   306  C CB  . GLU A 1 38 ? 7.775   6.754   8.062   1.00 33.86 ? 38  GLU A CB  1 
ATOM   307  C CG  . GLU A 1 38 ? 8.003   5.280   7.990   1.00 39.85 ? 38  GLU A CG  1 
ATOM   308  C CD  . GLU A 1 38 ? 7.399   4.543   9.167   1.00 39.27 ? 38  GLU A CD  1 
ATOM   309  O OE1 . GLU A 1 38 ? 7.739   4.875   10.310  1.00 32.70 ? 38  GLU A OE1 1 
ATOM   310  O OE2 . GLU A 1 38 ? 6.598   3.655   8.918   1.00 33.43 ? 38  GLU A OE2 1 
ATOM   311  N N   . ILE A 1 39 ? 7.676   9.757   7.565   1.00 32.99 ? 39  ILE A N   1 
ATOM   312  C CA  . ILE A 1 39 ? 6.902   10.936  7.322   1.00 33.80 ? 39  ILE A CA  1 
ATOM   313  C C   . ILE A 1 39 ? 7.429   11.749  6.151   1.00 33.74 ? 39  ILE A C   1 
ATOM   314  O O   . ILE A 1 39 ? 6.683   12.157  5.312   1.00 34.61 ? 39  ILE A O   1 
ATOM   315  C CB  . ILE A 1 39 ? 6.802   11.801  8.597   1.00 36.93 ? 39  ILE A CB  1 
ATOM   316  C CG1 . ILE A 1 39 ? 6.023   11.061  9.666   1.00 31.34 ? 39  ILE A CG1 1 
ATOM   317  C CG2 . ILE A 1 39 ? 6.233   13.177  8.310   1.00 31.44 ? 39  ILE A CG2 1 
ATOM   318  C CD1 . ILE A 1 39 ? 5.455   11.906  10.742  1.00 39.64 ? 39  ILE A CD1 1 
ATOM   319  N N   . TYR A 1 40 ? 8.718   11.923  6.098   1.00 33.42 ? 40  TYR A N   1 
ATOM   320  C CA  . TYR A 1 40 ? 9.292   12.620  4.997   1.00 37.53 ? 40  TYR A CA  1 
ATOM   321  C C   . TYR A 1 40 ? 8.947   11.864  3.739   1.00 36.52 ? 40  TYR A C   1 
ATOM   322  O O   . TYR A 1 40 ? 8.584   12.432  2.767   1.00 34.80 ? 40  TYR A O   1 
ATOM   323  C CB  . TYR A 1 40 ? 10.794  12.671  5.162   1.00 41.05 ? 40  TYR A CB  1 
ATOM   324  C CG  . TYR A 1 40 ? 11.488  13.633  4.238   1.00 40.82 ? 40  TYR A CG  1 
ATOM   325  C CD1 . TYR A 1 40 ? 11.449  14.977  4.477   1.00 42.95 ? 40  TYR A CD1 1 
ATOM   326  C CD2 . TYR A 1 40 ? 12.148  13.202  3.130   1.00 39.73 ? 40  TYR A CD2 1 
ATOM   327  C CE1 . TYR A 1 40 ? 12.054  15.856  3.643   1.00 38.77 ? 40  TYR A CE1 1 
ATOM   328  C CE2 . TYR A 1 40 ? 12.758  14.088  2.291   1.00 41.43 ? 40  TYR A CE2 1 
ATOM   329  C CZ  . TYR A 1 40 ? 12.698  15.413  2.563   1.00 39.06 ? 40  TYR A CZ  1 
ATOM   330  O OH  . TYR A 1 40 ? 13.284  16.323  1.775   1.00 45.17 ? 40  TYR A OH  1 
ATOM   331  N N   . GLU A 1 41 ? 9.057   10.556  3.801   1.00 35.76 ? 41  GLU A N   1 
ATOM   332  C CA  . GLU A 1 41 ? 8.872   9.722   2.649   1.00 32.35 ? 41  GLU A CA  1 
ATOM   333  C C   . GLU A 1 41 ? 7.478   9.677   2.096   1.00 33.97 ? 41  GLU A C   1 
ATOM   334  O O   . GLU A 1 41 ? 7.291   9.333   0.964   1.00 32.35 ? 41  GLU A O   1 
ATOM   335  C CB  . GLU A 1 41 ? 9.401   8.335   2.892   1.00 35.25 ? 41  GLU A CB  1 
ATOM   336  C CG  . GLU A 1 41 ? 10.892  8.275   3.010   1.00 34.40 ? 41  GLU A CG  1 
ATOM   337  C CD  . GLU A 1 41 ? 11.440  6.890   2.836   1.00 40.63 ? 41  GLU A CD  1 
ATOM   338  O OE1 . GLU A 1 41 ? 11.432  6.382   1.719   1.00 45.53 ? 41  GLU A OE1 1 
ATOM   339  O OE2 . GLU A 1 41 ? 11.883  6.341   3.813   1.00 39.12 ? 41  GLU A OE2 1 
ATOM   340  N N   . ILE A 1 42 ? 6.510   9.945   2.933   1.00 24.68 ? 42  ILE A N   1 
ATOM   341  C CA  . ILE A 1 42 ? 5.164   10.065  2.470   1.00 27.71 ? 42  ILE A CA  1 
ATOM   342  C C   . ILE A 1 42 ? 4.684   11.494  2.399   1.00 28.55 ? 42  ILE A C   1 
ATOM   343  O O   . ILE A 1 42 ? 3.579   11.723  2.116   1.00 28.90 ? 42  ILE A O   1 
ATOM   344  C CB  . ILE A 1 42 ? 4.181   9.180   3.233   1.00 24.94 ? 42  ILE A CB  1 
ATOM   345  C CG1 . ILE A 1 42 ? 4.056   9.642   4.647   1.00 21.74 ? 42  ILE A CG1 1 
ATOM   346  C CG2 . ILE A 1 42 ? 4.618   7.735   3.173   1.00 26.14 ? 42  ILE A CG2 1 
ATOM   347  C CD1 . ILE A 1 42 ? 3.058   8.863   5.404   1.00 26.96 ? 42  ILE A CD1 1 
ATOM   348  N N   . THR A 1 43 ? 5.564   12.433  2.658   1.00 30.05 ? 43  THR A N   1 
ATOM   349  C CA  . THR A 1 43 ? 5.254   13.806  2.415   1.00 32.21 ? 43  THR A CA  1 
ATOM   350  C C   . THR A 1 43 ? 6.126   14.423  1.346   1.00 32.73 ? 43  THR A C   1 
ATOM   351  O O   . THR A 1 43 ? 5.753   14.434  0.235   1.00 33.44 ? 43  THR A O   1 
ATOM   352  C CB  . THR A 1 43 ? 5.195   14.647  3.692   1.00 31.63 ? 43  THR A CB  1 
ATOM   353  O OG1 . THR A 1 43 ? 6.458   14.702  4.326   1.00 35.53 ? 43  THR A OG1 1 
ATOM   354  C CG2 . THR A 1 43 ? 4.195   14.072  4.624   1.00 30.42 ? 43  THR A CG2 1 
ATOM   355  N N   . VAL A 1 44 ? 7.293   14.905  1.709   1.00 32.05 ? 44  VAL A N   1 
ATOM   356  C CA  . VAL A 1 44 ? 8.153   15.615  0.790   1.00 36.60 ? 44  VAL A CA  1 
ATOM   357  C C   . VAL A 1 44 ? 8.639   14.769  -0.358  1.00 38.34 ? 44  VAL A C   1 
ATOM   358  O O   . VAL A 1 44 ? 8.589   15.207  -1.453  1.00 43.40 ? 44  VAL A O   1 
ATOM   359  C CB  . VAL A 1 44 ? 9.318   16.258  1.499   1.00 36.45 ? 44  VAL A CB  1 
ATOM   360  C CG1 . VAL A 1 44 ? 10.250  16.945  0.531   1.00 41.64 ? 44  VAL A CG1 1 
ATOM   361  C CG2 . VAL A 1 44 ? 8.818   17.219  2.526   1.00 38.42 ? 44  VAL A CG2 1 
ATOM   362  N N   . ASP A 1 45 ? 9.005   13.546  -0.111  1.00 36.85 ? 45  ASP A N   1 
ATOM   363  C CA  . ASP A 1 45 ? 9.541   12.729  -1.163  1.00 39.63 ? 45  ASP A CA  1 
ATOM   364  C C   . ASP A 1 45 ? 8.518   12.527  -2.272  1.00 36.99 ? 45  ASP A C   1 
ATOM   365  O O   . ASP A 1 45 ? 8.846   12.139  -3.338  1.00 35.22 ? 45  ASP A O   1 
ATOM   366  C CB  . ASP A 1 45 ? 10.045  11.411  -0.611  1.00 43.57 ? 45  ASP A CB  1 
ATOM   367  C CG  . ASP A 1 45 ? 11.412  11.524  0.005   1.00 43.53 ? 45  ASP A CG  1 
ATOM   368  O OD1 . ASP A 1 45 ? 12.109  12.443  -0.329  1.00 46.23 ? 45  ASP A OD1 1 
ATOM   369  O OD2 . ASP A 1 45 ? 11.791  10.685  0.806   1.00 47.52 ? 45  ASP A OD2 1 
ATOM   370  N N   . VAL A 1 46 ? 7.264   12.798  -1.983  1.00 37.08 ? 46  VAL A N   1 
ATOM   371  C CA  . VAL A 1 46 ? 6.210   12.676  -2.960  1.00 36.64 ? 46  VAL A CA  1 
ATOM   372  C C   . VAL A 1 46 ? 5.493   13.944  -3.397  1.00 38.14 ? 46  VAL A C   1 
ATOM   373  O O   . VAL A 1 46 ? 4.420   13.880  -3.912  1.00 38.11 ? 46  VAL A O   1 
ATOM   374  C CB  . VAL A 1 46 ? 5.186   11.593  -2.588  1.00 45.31 ? 46  VAL A CB  1 
ATOM   375  C CG1 . VAL A 1 46 ? 5.811   10.223  -2.661  1.00 44.15 ? 46  VAL A CG1 1 
ATOM   376  C CG2 . VAL A 1 46 ? 4.582   11.843  -1.231  1.00 36.90 ? 46  VAL A CG2 1 
ATOM   377  N N   . GLY A 1 47 ? 6.106   15.085  -3.213  1.00 40.13 ? 47  GLY A N   1 
ATOM   378  C CA  . GLY A 1 47 ? 5.492   16.323  -3.602  1.00 35.82 ? 47  GLY A CA  1 
ATOM   379  C C   . GLY A 1 47 ? 4.874   17.263  -2.599  1.00 38.85 ? 47  GLY A C   1 
ATOM   380  O O   . GLY A 1 47 ? 4.404   18.301  -2.982  1.00 39.60 ? 47  GLY A O   1 
ATOM   381  N N   . VAL A 1 48 ? 4.897   16.920  -1.339  1.00 34.95 ? 48  VAL A N   1 
ATOM   382  C CA  . VAL A 1 48 ? 4.508   17.871  -0.346  1.00 36.57 ? 48  VAL A CA  1 
ATOM   383  C C   . VAL A 1 48 ? 5.599   18.896  -0.186  1.00 38.61 ? 48  VAL A C   1 
ATOM   384  O O   . VAL A 1 48 ? 6.753   18.597  -0.240  1.00 33.62 ? 48  VAL A O   1 
ATOM   385  C CB  . VAL A 1 48 ? 4.143   17.250  1.008   1.00 33.99 ? 48  VAL A CB  1 
ATOM   386  C CG1 . VAL A 1 48 ? 3.829   18.340  1.996   1.00 35.73 ? 48  VAL A CG1 1 
ATOM   387  C CG2 . VAL A 1 48 ? 2.980   16.329  0.853   1.00 30.19 ? 48  VAL A CG2 1 
ATOM   388  N N   . SER A 1 49 ? 5.190   20.126  0.006   1.00 44.11 ? 49  SER A N   1 
ATOM   389  C CA  . SER A 1 49 ? 6.123   21.217  0.107   1.00 45.32 ? 49  SER A CA  1 
ATOM   390  C C   . SER A 1 49 ? 6.951   21.141  1.349   1.00 47.07 ? 49  SER A C   1 
ATOM   391  O O   . SER A 1 49 ? 6.535   20.667  2.350   1.00 41.98 ? 49  SER A O   1 
ATOM   392  C CB  . SER A 1 49 ? 5.400   22.533  0.076   1.00 48.31 ? 49  SER A CB  1 
ATOM   393  O OG  . SER A 1 49 ? 4.997   22.858  -1.216  1.00 51.21 ? 49  SER A OG  1 
ATOM   394  N N   . SER A 1 50 ? 8.149   21.662  1.256   1.00 49.58 ? 50  SER A N   1 
ATOM   395  C CA  . SER A 1 50 ? 9.033   21.706  2.388   1.00 51.78 ? 50  SER A CA  1 
ATOM   396  C C   . SER A 1 50 ? 8.345   22.525  3.421   1.00 51.26 ? 50  SER A C   1 
ATOM   397  O O   . SER A 1 50 ? 8.291   22.179  4.568   1.00 45.56 ? 50  SER A O   1 
ATOM   398  C CB  . SER A 1 50 ? 10.337  22.395  1.995   1.00 52.16 ? 50  SER A CB  1 
ATOM   399  O OG  . SER A 1 50 ? 10.327  22.838  0.674   1.00 49.09 ? 50  SER A OG  1 
ATOM   400  N N   . GLU A 1 51 ? 7.767   23.606  2.936   1.00 52.33 ? 51  GLU A N   1 
ATOM   401  C CA  . GLU A 1 51 ? 7.136   24.582  3.760   1.00 51.68 ? 51  GLU A CA  1 
ATOM   402  C C   . GLU A 1 51 ? 5.981   23.931  4.531   1.00 53.05 ? 51  GLU A C   1 
ATOM   403  O O   . GLU A 1 51 ? 5.758   24.227  5.676   1.00 52.63 ? 51  GLU A O   1 
ATOM   404  C CB  . GLU A 1 51 ? 6.720   25.807  2.913   1.00 54.09 ? 51  GLU A CB  1 
ATOM   405  C CG  . GLU A 1 51 ? 6.093   25.553  1.531   1.00 55.12 ? 51  GLU A CG  1 
ATOM   406  C CD  . GLU A 1 51 ? 7.022   25.681  0.319   1.00 55.67 ? 51  GLU A CD  1 
ATOM   407  O OE1 . GLU A 1 51 ? 8.228   25.561  0.431   1.00 57.23 ? 51  GLU A OE1 1 
ATOM   408  O OE2 . GLU A 1 51 ? 6.539   25.882  -0.793  1.00 57.11 ? 51  GLU A OE2 1 
ATOM   409  N N   . ASP A 1 52 ? 5.278   23.004  3.892   1.00 51.43 ? 52  ASP A N   1 
ATOM   410  C CA  . ASP A 1 52 ? 4.119   22.375  4.487   1.00 44.29 ? 52  ASP A CA  1 
ATOM   411  C C   . ASP A 1 52 ? 4.393   21.081  5.293   1.00 46.25 ? 52  ASP A C   1 
ATOM   412  O O   . ASP A 1 52 ? 3.478   20.544  5.854   1.00 48.01 ? 52  ASP A O   1 
ATOM   413  C CB  . ASP A 1 52 ? 3.054   22.117  3.418   1.00 44.85 ? 52  ASP A CB  1 
ATOM   414  C CG  . ASP A 1 52 ? 2.521   23.388  2.746   1.00 41.45 ? 52  ASP A CG  1 
ATOM   415  O OD1 . ASP A 1 52 ? 2.541   24.446  3.340   1.00 37.80 ? 52  ASP A OD1 1 
ATOM   416  O OD2 . ASP A 1 52 ? 2.067   23.289  1.611   1.00 36.30 ? 52  ASP A OD2 1 
ATOM   417  N N   . GLN A 1 53 ? 5.621   20.599  5.384   1.00 43.32 ? 53  GLN A N   1 
ATOM   418  C CA  . GLN A 1 53 ? 5.835   19.257  5.891   1.00 41.68 ? 53  GLN A CA  1 
ATOM   419  C C   . GLN A 1 53 ? 5.359   19.036  7.293   1.00 37.44 ? 53  GLN A C   1 
ATOM   420  O O   . GLN A 1 53 ? 4.713   18.101  7.558   1.00 34.78 ? 53  GLN A O   1 
ATOM   421  C CB  . GLN A 1 53 ? 7.285   18.810  5.794   1.00 40.51 ? 53  GLN A CB  1 
ATOM   422  C CG  . GLN A 1 53 ? 7.468   17.395  6.306   1.00 38.11 ? 53  GLN A CG  1 
ATOM   423  C CD  . GLN A 1 53 ? 8.848   16.813  6.164   1.00 41.43 ? 53  GLN A CD  1 
ATOM   424  O OE1 . GLN A 1 53 ? 9.048   15.672  6.495   1.00 37.46 ? 53  GLN A OE1 1 
ATOM   425  N NE2 . GLN A 1 53 ? 9.792   17.591  5.662   1.00 35.87 ? 53  GLN A NE2 1 
ATOM   426  N N   . GLU A 1 54 ? 5.672   19.953  8.167   1.00 39.53 ? 54  GLU A N   1 
ATOM   427  C CA  . GLU A 1 54 ? 5.262   19.887  9.541   1.00 38.69 ? 54  GLU A CA  1 
ATOM   428  C C   . GLU A 1 54 ? 3.767   19.905  9.702   1.00 33.07 ? 54  GLU A C   1 
ATOM   429  O O   . GLU A 1 54 ? 3.246   19.269  10.555  1.00 35.98 ? 54  GLU A O   1 
ATOM   430  C CB  . GLU A 1 54 ? 5.878   21.028  10.309  1.00 43.93 ? 54  GLU A CB  1 
ATOM   431  C CG  . GLU A 1 54 ? 5.994   22.311  9.543   1.00 43.12 ? 54  GLU A CG  1 
ATOM   432  C CD  . GLU A 1 54 ? 7.287   22.439  8.806   1.00 44.90 ? 54  GLU A CD  1 
ATOM   433  O OE1 . GLU A 1 54 ? 7.980   21.444  8.617   1.00 50.16 ? 54  GLU A OE1 1 
ATOM   434  O OE2 . GLU A 1 54 ? 7.608   23.532  8.415   1.00 45.90 ? 54  GLU A OE2 1 
ATOM   435  N N   . LYS A 1 55 ? 3.096   20.649  8.869   1.00 36.55 ? 55  LYS A N   1 
ATOM   436  C CA  . LYS A 1 55 ? 1.666   20.699  8.927   1.00 35.88 ? 55  LYS A CA  1 
ATOM   437  C C   . LYS A 1 55 ? 1.009   19.357  8.620   1.00 37.31 ? 55  LYS A C   1 
ATOM   438  O O   . LYS A 1 55 ? 0.177   18.930  9.337   1.00 33.75 ? 55  LYS A O   1 
ATOM   439  C CB  . LYS A 1 55 ? 1.175   21.806  8.035   1.00 38.82 ? 55  LYS A CB  1 
ATOM   440  C CG  . LYS A 1 55 ? 1.983   23.054  8.211   1.00 35.76 ? 55  LYS A CG  1 
ATOM   441  C CD  . LYS A 1 55 ? 1.316   24.278  7.667   1.00 45.98 ? 55  LYS A CD  1 
ATOM   442  C CE  . LYS A 1 55 ? 2.305   25.285  7.143   1.00 43.90 ? 55  LYS A CE  1 
ATOM   443  N NZ  . LYS A 1 55 ? 3.230   24.718  6.148   1.00 47.54 ? 55  LYS A NZ  1 
ATOM   444  N N   . VAL A 1 56 ? 1.444   18.683  7.570   1.00 34.85 ? 56  VAL A N   1 
ATOM   445  C CA  . VAL A 1 56 ? 1.040   17.310  7.314   1.00 36.26 ? 56  VAL A CA  1 
ATOM   446  C C   . VAL A 1 56 ? 1.515   16.387  8.418   1.00 33.78 ? 56  VAL A C   1 
ATOM   447  O O   . VAL A 1 56 ? 0.812   15.536  8.837   1.00 33.59 ? 56  VAL A O   1 
ATOM   448  C CB  . VAL A 1 56 ? 1.528   16.777  5.956   1.00 35.00 ? 56  VAL A CB  1 
ATOM   449  C CG1 . VAL A 1 56 ? 0.872   15.475  5.655   1.00 32.97 ? 56  VAL A CG1 1 
ATOM   450  C CG2 . VAL A 1 56 ? 1.196   17.721  4.857   1.00 34.16 ? 56  VAL A CG2 1 
ATOM   451  N N   . ALA A 1 57 ? 2.707   16.638  8.914   1.00 31.03 ? 57  ALA A N   1 
ATOM   452  C CA  . ALA A 1 57 ? 3.327   15.793  9.888   1.00 37.54 ? 57  ALA A CA  1 
ATOM   453  C C   . ALA A 1 57 ? 2.496   15.661  11.138  1.00 36.46 ? 57  ALA A C   1 
ATOM   454  O O   . ALA A 1 57 ? 2.469   14.644  11.730  1.00 32.79 ? 57  ALA A O   1 
ATOM   455  C CB  . ALA A 1 57 ? 4.674   16.355  10.265  1.00 35.28 ? 57  ALA A CB  1 
ATOM   456  N N   . LYS A 1 58 ? 1.887   16.762  11.529  1.00 39.45 ? 58  LYS A N   1 
ATOM   457  C CA  . LYS A 1 58 ? 1.031   16.891  12.671  1.00 37.45 ? 58  LYS A CA  1 
ATOM   458  C C   . LYS A 1 58 ? -0.276  16.132  12.548  1.00 36.52 ? 58  LYS A C   1 
ATOM   459  O O   . LYS A 1 58 ? -0.691  15.459  13.438  1.00 33.95 ? 58  LYS A O   1 
ATOM   460  C CB  . LYS A 1 58 ? 0.778   18.370  12.888  1.00 36.69 ? 58  LYS A CB  1 
ATOM   461  C CG  . LYS A 1 58 ? 1.012   18.864  14.268  1.00 41.96 ? 58  LYS A CG  1 
ATOM   462  C CD  . LYS A 1 58 ? 0.718   20.330  14.350  1.00 40.91 ? 58  LYS A CD  1 
ATOM   463  C CE  . LYS A 1 58 ? 0.315   20.721  15.740  1.00 45.07 ? 58  LYS A CE  1 
ATOM   464  N NZ  . LYS A 1 58 ? -0.988  21.385  15.757  1.00 42.56 ? 58  LYS A NZ  1 
ATOM   465  N N   . ILE A 1 59 ? -0.897  16.247  11.411  1.00 33.47 ? 59  ILE A N   1 
ATOM   466  C CA  . ILE A 1 59 ? -2.062  15.456  11.149  1.00 36.98 ? 59  ILE A CA  1 
ATOM   467  C C   . ILE A 1 59 ? -1.754  13.965  11.234  1.00 34.94 ? 59  ILE A C   1 
ATOM   468  O O   . ILE A 1 59 ? -2.492  13.266  11.853  1.00 35.91 ? 59  ILE A O   1 
ATOM   469  C CB  . ILE A 1 59 ? -2.608  15.766  9.756   1.00 34.23 ? 59  ILE A CB  1 
ATOM   470  C CG1 . ILE A 1 59 ? -3.036  17.215  9.685   1.00 39.71 ? 59  ILE A CG1 1 
ATOM   471  C CG2 . ILE A 1 59 ? -3.737  14.858  9.393   1.00 38.11 ? 59  ILE A CG2 1 
ATOM   472  C CD1 . ILE A 1 59 ? -3.538  17.655  8.349   1.00 39.05 ? 59  ILE A CD1 1 
ATOM   473  N N   . ILE A 1 60 ? -0.673  13.497  10.646  1.00 36.63 ? 60  ILE A N   1 
ATOM   474  C CA  . ILE A 1 60 ? -0.417  12.078  10.672  1.00 34.91 ? 60  ILE A CA  1 
ATOM   475  C C   . ILE A 1 60 ? -0.235  11.575  12.109  1.00 33.01 ? 60  ILE A C   1 
ATOM   476  O O   . ILE A 1 60 ? -0.771  10.607  12.477  1.00 33.56 ? 60  ILE A O   1 
ATOM   477  C CB  . ILE A 1 60 ? 0.835   11.718  9.836   1.00 34.55 ? 60  ILE A CB  1 
ATOM   478  C CG1 . ILE A 1 60 ? 0.678   12.086  8.370   1.00 37.35 ? 60  ILE A CG1 1 
ATOM   479  C CG2 . ILE A 1 60 ? 1.216   10.271  9.970   1.00 30.27 ? 60  ILE A CG2 1 
ATOM   480  C CD1 . ILE A 1 60 ? 1.953   11.964  7.594   1.00 32.02 ? 60  ILE A CD1 1 
ATOM   481  N N   . ARG A 1 61 ? 0.566   12.253  12.880  1.00 35.85 ? 61  ARG A N   1 
ATOM   482  C CA  . ARG A 1 61 ? 0.755   11.882  14.237  1.00 34.25 ? 61  ARG A CA  1 
ATOM   483  C C   . ARG A 1 61 ? -0.479  12.021  15.120  1.00 34.57 ? 61  ARG A C   1 
ATOM   484  O O   . ARG A 1 61 ? -0.741  11.161  15.886  1.00 36.52 ? 61  ARG A O   1 
ATOM   485  C CB  . ARG A 1 61 ? 1.984   12.539  14.794  1.00 37.75 ? 61  ARG A CB  1 
ATOM   486  C CG  . ARG A 1 61 ? 3.241   11.949  14.240  1.00 35.13 ? 61  ARG A CG  1 
ATOM   487  C CD  . ARG A 1 61 ? 4.455   12.594  14.798  1.00 38.51 ? 61  ARG A CD  1 
ATOM   488  N NE  . ARG A 1 61 ? 5.698   11.998  14.366  1.00 45.43 ? 61  ARG A NE  1 
ATOM   489  C CZ  . ARG A 1 61 ? 6.593   12.632  13.652  1.00 41.87 ? 61  ARG A CZ  1 
ATOM   490  N NH1 . ARG A 1 61 ? 6.347   13.831  13.267  1.00 45.99 ? 61  ARG A NH1 1 
ATOM   491  N NH2 . ARG A 1 61 ? 7.696   12.067  13.305  1.00 42.16 ? 61  ARG A NH2 1 
ATOM   492  N N   . GLU A 1 62 ? -1.253  13.058  14.941  1.00 34.49 ? 62  GLU A N   1 
ATOM   493  C CA  . GLU A 1 62 ? -2.453  13.159  15.704  1.00 33.48 ? 62  GLU A CA  1 
ATOM   494  C C   . GLU A 1 62 ? -3.358  11.993  15.411  1.00 36.68 ? 62  GLU A C   1 
ATOM   495  O O   . GLU A 1 62 ? -3.813  11.358  16.290  1.00 34.24 ? 62  GLU A O   1 
ATOM   496  C CB  . GLU A 1 62 ? -3.169  14.459  15.396  1.00 31.16 ? 62  GLU A CB  1 
ATOM   497  C CG  . GLU A 1 62 ? -2.500  15.713  15.933  1.00 34.40 ? 62  GLU A CG  1 
ATOM   498  C CD  . GLU A 1 62 ? -3.128  17.014  15.451  1.00 36.35 ? 62  GLU A CD  1 
ATOM   499  O OE1 . GLU A 1 62 ? -4.080  16.996  14.710  1.00 35.50 ? 62  GLU A OE1 1 
ATOM   500  O OE2 . GLU A 1 62 ? -2.652  18.057  15.823  1.00 38.34 ? 62  GLU A OE2 1 
ATOM   501  N N   . CYS A 1 63 ? -3.601  11.746  14.128  1.00 34.86 ? 63  CYS A N   1 
ATOM   502  C CA  . CYS A 1 63 ? -4.479  10.664  13.703  1.00 34.20 ? 63  CYS A CA  1 
ATOM   503  C C   . CYS A 1 63 ? -4.031  9.318   14.262  1.00 36.56 ? 63  CYS A C   1 
ATOM   504  O O   . CYS A 1 63 ? -4.835  8.569   14.817  1.00 32.02 ? 63  CYS A O   1 
ATOM   505  C CB  . CYS A 1 63 ? -4.548  10.599  12.175  1.00 38.20 ? 63  CYS A CB  1 
ATOM   506  S SG  . CYS A 1 63 ? -5.916  11.534  11.450  1.00 41.89 ? 63  CYS A SG  1 
ATOM   507  N N   . ILE A 1 64 ? -2.746  9.013   14.113  1.00 32.57 ? 64  ILE A N   1 
ATOM   508  C CA  . ILE A 1 64 ? -2.226  7.769   14.572  1.00 36.91 ? 64  ILE A CA  1 
ATOM   509  C C   . ILE A 1 64 ? -2.477  7.685   16.066  1.00 38.54 ? 64  ILE A C   1 
ATOM   510  O O   . ILE A 1 64 ? -3.012  6.741   16.507  1.00 38.42 ? 64  ILE A O   1 
ATOM   511  C CB  . ILE A 1 64 ? -0.738  7.656   14.215  1.00 33.09 ? 64  ILE A CB  1 
ATOM   512  C CG1 . ILE A 1 64 ? -0.586  7.144   12.816  1.00 36.29 ? 64  ILE A CG1 1 
ATOM   513  C CG2 . ILE A 1 64 ? 0.004   6.692   15.080  1.00 38.04 ? 64  ILE A CG2 1 
ATOM   514  C CD1 . ILE A 1 64 ? 0.832   7.023   12.369  1.00 37.83 ? 64  ILE A CD1 1 
ATOM   515  N N   . ALA A 1 65 ? -2.158  8.734   16.799  1.00 37.97 ? 65  ALA A N   1 
ATOM   516  C CA  . ALA A 1 65 ? -2.369  8.782   18.235  1.00 40.31 ? 65  ALA A CA  1 
ATOM   517  C C   . ALA A 1 65 ? -3.809  8.658   18.632  1.00 39.88 ? 65  ALA A C   1 
ATOM   518  O O   . ALA A 1 65 ? -4.106  8.103   19.628  1.00 43.78 ? 65  ALA A O   1 
ATOM   519  C CB  . ALA A 1 65 ? -1.785  10.033  18.826  1.00 41.64 ? 65  ALA A CB  1 
ATOM   520  N N   . GLN A 1 66 ? -4.692  9.215   17.853  1.00 40.47 ? 66  GLN A N   1 
ATOM   521  C CA  . GLN A 1 66 ? -6.086  9.162   18.149  1.00 35.89 ? 66  GLN A CA  1 
ATOM   522  C C   . GLN A 1 66 ? -6.721  7.828   17.971  1.00 37.34 ? 66  GLN A C   1 
ATOM   523  O O   . GLN A 1 66 ? -7.756  7.602   18.468  1.00 38.37 ? 66  GLN A O   1 
ATOM   524  C CB  . GLN A 1 66 ? -6.842  10.195  17.376  1.00 41.35 ? 66  GLN A CB  1 
ATOM   525  C CG  . GLN A 1 66 ? -6.692  11.571  17.962  1.00 38.84 ? 66  GLN A CG  1 
ATOM   526  C CD  . GLN A 1 66 ? -7.110  12.636  17.000  1.00 41.62 ? 66  GLN A CD  1 
ATOM   527  O OE1 . GLN A 1 66 ? -8.076  12.484  16.298  1.00 38.73 ? 66  GLN A OE1 1 
ATOM   528  N NE2 . GLN A 1 66 ? -6.359  13.712  16.966  1.00 37.55 ? 66  GLN A NE2 1 
ATOM   529  N N   . VAL A 1 67 ? -6.109  6.968   17.186  1.00 47.09 ? 67  VAL A N   1 
ATOM   530  C CA  . VAL A 1 67 ? -6.661  5.654   16.918  1.00 44.41 ? 67  VAL A CA  1 
ATOM   531  C C   . VAL A 1 67 ? -6.037  4.695   17.891  1.00 45.04 ? 67  VAL A C   1 
ATOM   532  O O   . VAL A 1 67 ? -4.912  4.342   17.759  1.00 48.11 ? 67  VAL A O   1 
ATOM   533  C CB  . VAL A 1 67 ? -6.422  5.247   15.460  1.00 41.97 ? 67  VAL A CB  1 
ATOM   534  C CG1 . VAL A 1 67 ? -6.631  3.785   15.251  1.00 41.66 ? 67  VAL A CG1 1 
ATOM   535  C CG2 . VAL A 1 67 ? -7.318  6.028   14.539  1.00 37.54 ? 67  VAL A CG2 1 
ATOM   536  N N   . SER A 1 68 ? -6.788  4.332   18.910  1.00 46.44 ? 68  SER A N   1 
ATOM   537  C CA  . SER A 1 68 ? -6.370  3.361   19.899  1.00 45.27 ? 68  SER A CA  1 
ATOM   538  C C   . SER A 1 68 ? -6.865  1.938   19.584  1.00 43.88 ? 68  SER A C   1 
ATOM   539  O O   . SER A 1 68 ? -6.631  1.041   20.339  1.00 45.40 ? 68  SER A O   1 
ATOM   540  C CB  . SER A 1 68 ? -6.885  3.764   21.257  1.00 42.36 ? 68  SER A CB  1 
ATOM   541  O OG  . SER A 1 68 ? -8.267  3.659   21.267  1.00 45.97 ? 68  SER A OG  1 
ATOM   542  N N   . THR A 1 69 ? -7.592  1.780   18.493  1.00 39.89 ? 69  THR A N   1 
ATOM   543  C CA  . THR A 1 69 ? -7.951  0.479   17.957  1.00 40.70 ? 69  THR A CA  1 
ATOM   544  C C   . THR A 1 69 ? -6.741  -0.314  17.488  1.00 35.40 ? 69  THR A C   1 
ATOM   545  O O   . THR A 1 69 ? -5.915  0.179   16.778  1.00 36.43 ? 69  THR A O   1 
ATOM   546  C CB  . THR A 1 69 ? -8.907  0.652   16.780  1.00 35.13 ? 69  THR A CB  1 
ATOM   547  O OG1 . THR A 1 69 ? -10.098 1.303   17.215  1.00 39.50 ? 69  THR A OG1 1 
ATOM   548  C CG2 . THR A 1 69 ? -9.231  -0.646  16.140  1.00 35.08 ? 69  THR A CG2 1 
ATOM   549  N N   . GLN A 1 70 ? -6.655  -1.544  17.919  1.00 34.78 ? 70  GLN A N   1 
ATOM   550  C CA  . GLN A 1 70 ? -5.536  -2.376  17.572  1.00 34.02 ? 70  GLN A CA  1 
ATOM   551  C C   . GLN A 1 70 ? -5.813  -3.643  16.740  1.00 36.36 ? 70  GLN A C   1 
ATOM   552  O O   . GLN A 1 70 ? -4.952  -4.456  16.628  1.00 32.76 ? 70  GLN A O   1 
ATOM   553  C CB  . GLN A 1 70 ? -4.688  -2.701  18.776  1.00 38.90 ? 70  GLN A CB  1 
ATOM   554  C CG  . GLN A 1 70 ? -4.663  -1.667  19.867  1.00 43.00 ? 70  GLN A CG  1 
ATOM   555  C CD  . GLN A 1 70 ? -3.576  -0.683  19.681  1.00 48.42 ? 70  GLN A CD  1 
ATOM   556  O OE1 . GLN A 1 70 ? -2.434  -1.015  19.771  1.00 48.61 ? 70  GLN A OE1 1 
ATOM   557  N NE2 . GLN A 1 70 ? -3.929  0.521   19.398  1.00 49.10 ? 70  GLN A NE2 1 
ATOM   558  N N   . ASP A 1 71 ? -7.013  -3.788  16.204  1.00 29.92 ? 71  ASP A N   1 
ATOM   559  C CA  . ASP A 1 71 ? -7.307  -4.837  15.248  1.00 39.77 ? 71  ASP A CA  1 
ATOM   560  C C   . ASP A 1 71 ? -7.023  -4.423  13.828  1.00 31.05 ? 71  ASP A C   1 
ATOM   561  O O   . ASP A 1 71 ? -6.517  -3.403  13.618  1.00 31.73 ? 71  ASP A O   1 
ATOM   562  C CB  . ASP A 1 71 ? -8.716  -5.374  15.361  1.00 33.16 ? 71  ASP A CB  1 
ATOM   563  C CG  . ASP A 1 71 ? -9.708  -4.332  15.485  1.00 36.21 ? 71  ASP A CG  1 
ATOM   564  O OD1 . ASP A 1 71 ? -9.757  -3.485  14.634  1.00 31.75 ? 71  ASP A OD1 1 
ATOM   565  O OD2 . ASP A 1 71 ? -10.431 -4.357  16.448  1.00 33.08 ? 71  ASP A OD2 1 
ATOM   566  N N   . CYS A 1 72 ? -7.376  -5.284  12.880  1.00 31.71 ? 72  CYS A N   1 
ATOM   567  C CA  . CYS A 1 72 ? -7.143  -5.015  11.468  1.00 32.04 ? 72  CYS A CA  1 
ATOM   568  C C   . CYS A 1 72 ? -7.864  -3.751  11.020  1.00 31.83 ? 72  CYS A C   1 
ATOM   569  O O   . CYS A 1 72 ? -7.478  -3.124  10.034  1.00 29.37 ? 72  CYS A O   1 
ATOM   570  C CB  . CYS A 1 72 ? -7.590  -6.205  10.616  1.00 30.04 ? 72  CYS A CB  1 
ATOM   571  S SG  . CYS A 1 72 ? -6.370  -7.532  10.489  1.00 30.85 ? 72  CYS A SG  1 
ATOM   572  N N   . THR A 1 73 ? -8.914  -3.376  11.746  1.00 32.40 ? 73  THR A N   1 
ATOM   573  C CA  . THR A 1 73 ? -9.670  -2.182  11.398  1.00 30.77 ? 73  THR A CA  1 
ATOM   574  C C   . THR A 1 73 ? -8.947  -0.885  11.711  1.00 28.37 ? 73  THR A C   1 
ATOM   575  O O   . THR A 1 73 ? -9.415  0.139   11.401  1.00 35.31 ? 73  THR A O   1 
ATOM   576  C CB  . THR A 1 73 ? -11.074 -2.101  12.021  1.00 35.04 ? 73  THR A CB  1 
ATOM   577  O OG1 . THR A 1 73 ? -10.981 -1.694  13.368  1.00 31.15 ? 73  THR A OG1 1 
ATOM   578  C CG2 . THR A 1 73 ? -11.814 -3.409  11.915  1.00 37.54 ? 73  THR A CG2 1 
ATOM   579  N N   . LYS A 1 74 ? -7.798  -0.966  12.318  1.00 27.02 ? 74  LYS A N   1 
ATOM   580  C CA  . LYS A 1 74 ? -6.976  0.173   12.585  1.00 31.46 ? 74  LYS A CA  1 
ATOM   581  C C   . LYS A 1 74 ? -6.553  0.887   11.305  1.00 31.43 ? 74  LYS A C   1 
ATOM   582  O O   . LYS A 1 74 ? -6.553  2.054   11.232  1.00 31.98 ? 74  LYS A O   1 
ATOM   583  C CB  . LYS A 1 74 ? -5.755  -0.279  13.325  1.00 30.09 ? 74  LYS A CB  1 
ATOM   584  C CG  . LYS A 1 74 ? -4.831  0.814   13.757  1.00 32.95 ? 74  LYS A CG  1 
ATOM   585  C CD  . LYS A 1 74 ? -3.726  0.278   14.617  1.00 34.41 ? 74  LYS A CD  1 
ATOM   586  C CE  . LYS A 1 74 ? -2.788  1.347   15.078  1.00 36.95 ? 74  LYS A CE  1 
ATOM   587  N NZ  . LYS A 1 74 ? -2.951  1.674   16.489  1.00 41.10 ? 74  LYS A NZ  1 
ATOM   588  N N   . PHE A 1 75 ? -6.208  0.132   10.291  1.00 31.14 ? 75  PHE A N   1 
ATOM   589  C CA  . PHE A 1 75 ? -5.743  0.686   9.043   1.00 27.80 ? 75  PHE A CA  1 
ATOM   590  C C   . PHE A 1 75 ? -6.753  1.549   8.334   1.00 29.62 ? 75  PHE A C   1 
ATOM   591  O O   . PHE A 1 75 ? -6.445  2.596   7.886   1.00 25.56 ? 75  PHE A O   1 
ATOM   592  C CB  . PHE A 1 75 ? -5.294  -0.441  8.147   1.00 29.93 ? 75  PHE A CB  1 
ATOM   593  C CG  . PHE A 1 75 ? -4.281  -1.293  8.779   1.00 27.31 ? 75  PHE A CG  1 
ATOM   594  C CD1 . PHE A 1 75 ? -3.012  -0.894  8.823   1.00 23.19 ? 75  PHE A CD1 1 
ATOM   595  C CD2 . PHE A 1 75 ? -4.621  -2.439  9.406   1.00 27.13 ? 75  PHE A CD2 1 
ATOM   596  C CE1 . PHE A 1 75 ? -2.055  -1.633  9.441   1.00 31.18 ? 75  PHE A CE1 1 
ATOM   597  C CE2 . PHE A 1 75 ? -3.686  -3.196  10.037  1.00 27.87 ? 75  PHE A CE2 1 
ATOM   598  C CZ  . PHE A 1 75 ? -2.388  -2.795  10.046  1.00 27.64 ? 75  PHE A CZ  1 
ATOM   599  N N   . SER A 1 76 ? -7.963  1.065   8.270   1.00 27.37 ? 76  SER A N   1 
ATOM   600  C CA  . SER A 1 76 ? -9.092  1.820   7.794   1.00 32.30 ? 76  SER A CA  1 
ATOM   601  C C   . SER A 1 76 ? -9.540  3.024   8.663   1.00 35.10 ? 76  SER A C   1 
ATOM   602  O O   . SER A 1 76 ? -9.970  3.992   8.131   1.00 36.74 ? 76  SER A O   1 
ATOM   603  C CB  . SER A 1 76 ? -10.235 0.890   7.468   1.00 31.17 ? 76  SER A CB  1 
ATOM   604  O OG  . SER A 1 76 ? -10.378 -0.043  8.471   1.00 38.00 ? 76  SER A OG  1 
ATOM   605  N N   . GLU A 1 77 ? -9.486  2.908   9.984   1.00 31.79 ? 77  GLU A N   1 
ATOM   606  C CA  . GLU A 1 77 ? -9.783  3.996   10.911  1.00 31.40 ? 77  GLU A CA  1 
ATOM   607  C C   . GLU A 1 77 ? -8.803  5.180   10.840  1.00 35.31 ? 77  GLU A C   1 
ATOM   608  O O   . GLU A 1 77 ? -9.199  6.307   10.860  1.00 33.61 ? 77  GLU A O   1 
ATOM   609  C CB  . GLU A 1 77 ? -9.977  3.493   12.334  1.00 34.24 ? 77  GLU A CB  1 
ATOM   610  C CG  . GLU A 1 77 ? -11.172 2.554   12.517  1.00 30.56 ? 77  GLU A CG  1 
ATOM   611  C CD  . GLU A 1 77 ? -11.264 1.824   13.862  1.00 34.63 ? 77  GLU A CD  1 
ATOM   612  O OE1 . GLU A 1 77 ? -10.540 2.152   14.776  1.00 40.29 ? 77  GLU A OE1 1 
ATOM   613  O OE2 . GLU A 1 77 ? -12.090 0.939   14.005  1.00 30.27 ? 77  GLU A OE2 1 
ATOM   614  N N   . ILE A 1 78 ? -7.529  4.893   10.723  1.00 32.61 ? 78  ILE A N   1 
ATOM   615  C CA  . ILE A 1 78 ? -6.506  5.876   10.517  1.00 32.24 ? 78  ILE A CA  1 
ATOM   616  C C   . ILE A 1 78 ? -6.699  6.633   9.214   1.00 31.37 ? 78  ILE A C   1 
ATOM   617  O O   . ILE A 1 78 ? -6.477  7.778   9.194   1.00 30.46 ? 78  ILE A O   1 
ATOM   618  C CB  . ILE A 1 78 ? -5.152  5.193   10.578  1.00 35.52 ? 78  ILE A CB  1 
ATOM   619  C CG1 . ILE A 1 78 ? -4.767  5.000   12.010  1.00 34.05 ? 78  ILE A CG1 1 
ATOM   620  C CG2 . ILE A 1 78 ? -4.031  5.956   9.914   1.00 40.36 ? 78  ILE A CG2 1 
ATOM   621  C CD1 . ILE A 1 78 ? -3.536  4.178   12.161  1.00 44.52 ? 78  ILE A CD1 1 
ATOM   622  N N   . TYR A 1 79 ? -7.062  5.945   8.147   1.00 28.57 ? 79  TYR A N   1 
ATOM   623  C CA  . TYR A 1 79 ? -7.346  6.556   6.879   1.00 27.99 ? 79  TYR A CA  1 
ATOM   624  C C   . TYR A 1 79 ? -8.556  7.483   7.004   1.00 30.94 ? 79  TYR A C   1 
ATOM   625  O O   . TYR A 1 79 ? -8.610  8.494   6.391   1.00 25.18 ? 79  TYR A O   1 
ATOM   626  C CB  . TYR A 1 79 ? -7.496  5.521   5.766   1.00 30.41 ? 79  TYR A CB  1 
ATOM   627  C CG  . TYR A 1 79 ? -8.183  5.979   4.508   1.00 29.78 ? 79  TYR A CG  1 
ATOM   628  C CD1 . TYR A 1 79 ? -7.515  6.650   3.534   1.00 29.46 ? 79  TYR A CD1 1 
ATOM   629  C CD2 . TYR A 1 79 ? -9.495  5.705   4.305   1.00 29.12 ? 79  TYR A CD2 1 
ATOM   630  C CE1 . TYR A 1 79 ? -8.147  7.068   2.400   1.00 29.57 ? 79  TYR A CE1 1 
ATOM   631  C CE2 . TYR A 1 79 ? -10.149 6.106   3.179   1.00 32.62 ? 79  TYR A CE2 1 
ATOM   632  C CZ  . TYR A 1 79 ? -9.480  6.787   2.224   1.00 34.73 ? 79  TYR A CZ  1 
ATOM   633  O OH  . TYR A 1 79 ? -10.159 7.166   1.123   1.00 36.11 ? 79  TYR A OH  1 
ATOM   634  N N   . ASP A 1 80 ? -9.512  7.081   7.818   1.00 26.48 ? 80  ASP A N   1 
ATOM   635  C CA  . ASP A 1 80 ? -10.678 7.864   8.050   1.00 27.27 ? 80  ASP A CA  1 
ATOM   636  C C   . ASP A 1 80 ? -10.303 9.172   8.707   1.00 31.99 ? 80  ASP A C   1 
ATOM   637  O O   . ASP A 1 80 ? -10.738 10.190  8.298   1.00 31.34 ? 80  ASP A O   1 
ATOM   638  C CB  . ASP A 1 80 ? -11.675 7.097   8.874   1.00 31.85 ? 80  ASP A CB  1 
ATOM   639  C CG  . ASP A 1 80 ? -12.501 6.167   8.075   1.00 33.23 ? 80  ASP A CG  1 
ATOM   640  O OD1 . ASP A 1 80 ? -12.379 6.116   6.893   1.00 38.42 ? 80  ASP A OD1 1 
ATOM   641  O OD2 . ASP A 1 80 ? -13.275 5.444   8.620   1.00 39.37 ? 80  ASP A OD2 1 
ATOM   642  N N   . CYS A 1 81 ? -9.427  9.111   9.704   1.00 30.28 ? 81  CYS A N   1 
ATOM   643  C CA  . CYS A 1 81 ? -8.909  10.320  10.334  1.00 35.49 ? 81  CYS A CA  1 
ATOM   644  C C   . CYS A 1 81 ? -8.232  11.229  9.305   1.00 33.87 ? 81  CYS A C   1 
ATOM   645  O O   . CYS A 1 81 ? -8.499  12.429  9.256   1.00 33.61 ? 81  CYS A O   1 
ATOM   646  C CB  . CYS A 1 81 ? -7.924  9.964   11.450  1.00 36.18 ? 81  CYS A CB  1 
ATOM   647  S SG  . CYS A 1 81 ? -7.204  11.392  12.294  1.00 41.21 ? 81  CYS A SG  1 
ATOM   648  N N   . TYR A 1 82 ? -7.359  10.648  8.487   1.00 33.50 ? 82  TYR A N   1 
ATOM   649  C CA  . TYR A 1 82 ? -6.653  11.388  7.463   1.00 31.94 ? 82  TYR A CA  1 
ATOM   650  C C   . TYR A 1 82 ? -7.608  12.124  6.482   1.00 31.61 ? 82  TYR A C   1 
ATOM   651  O O   . TYR A 1 82 ? -7.378  13.249  6.165   1.00 31.25 ? 82  TYR A O   1 
ATOM   652  C CB  . TYR A 1 82 ? -5.823  10.437  6.613   1.00 29.09 ? 82  TYR A CB  1 
ATOM   653  C CG  . TYR A 1 82 ? -4.578  9.824   7.193   1.00 32.77 ? 82  TYR A CG  1 
ATOM   654  C CD1 . TYR A 1 82 ? -4.052  10.239  8.364   1.00 33.94 ? 82  TYR A CD1 1 
ATOM   655  C CD2 . TYR A 1 82 ? -3.937  8.826   6.536   1.00 33.51 ? 82  TYR A CD2 1 
ATOM   656  C CE1 . TYR A 1 82 ? -2.925  9.676   8.880   1.00 38.65 ? 82  TYR A CE1 1 
ATOM   657  C CE2 . TYR A 1 82 ? -2.811  8.260   7.029   1.00 35.62 ? 82  TYR A CE2 1 
ATOM   658  C CZ  . TYR A 1 82 ? -2.306  8.690   8.214   1.00 33.45 ? 82  TYR A CZ  1 
ATOM   659  O OH  . TYR A 1 82 ? -1.198  8.137   8.703   1.00 32.45 ? 82  TYR A OH  1 
ATOM   660  N N   . MET A 1 83 ? -8.629  11.467  5.991   1.00 29.11 ? 83  MET A N   1 
ATOM   661  C CA  . MET A 1 83 ? -9.592  12.170  5.186   1.00 33.22 ? 83  MET A CA  1 
ATOM   662  C C   . MET A 1 83 ? -10.360 13.248  5.986   1.00 34.22 ? 83  MET A C   1 
ATOM   663  O O   . MET A 1 83 ? -10.533 14.318  5.561   1.00 29.43 ? 83  MET A O   1 
ATOM   664  C CB  . MET A 1 83 ? -10.518 11.238  4.453   1.00 32.35 ? 83  MET A CB  1 
ATOM   665  C CG  . MET A 1 83 ? -9.877  10.208  3.576   1.00 30.15 ? 83  MET A CG  1 
ATOM   666  S SD  . MET A 1 83 ? -8.802  10.842  2.327   1.00 33.93 ? 83  MET A SD  1 
ATOM   667  C CE  . MET A 1 83 ? -7.329  10.979  3.249   1.00 35.95 ? 83  MET A CE  1 
ATOM   668  N N   . LYS A 1 84 ? -10.726 12.933  7.206   1.00 34.72 ? 84  LYS A N   1 
ATOM   669  C CA  . LYS A 1 84 ? -11.455 13.839  8.056   1.00 35.92 ? 84  LYS A CA  1 
ATOM   670  C C   . LYS A 1 84 ? -10.665 15.127  8.273   1.00 35.33 ? 84  LYS A C   1 
ATOM   671  O O   . LYS A 1 84 ? -11.225 16.156  8.319   1.00 37.55 ? 84  LYS A O   1 
ATOM   672  C CB  . LYS A 1 84 ? -11.760 13.160  9.374   1.00 39.51 ? 84  LYS A CB  1 
ATOM   673  C CG  . LYS A 1 84 ? -12.015 14.060  10.546  1.00 40.18 ? 84  LYS A CG  1 
ATOM   674  C CD  . LYS A 1 84 ? -12.021 13.295  11.834  1.00 43.92 ? 84  LYS A CD  1 
ATOM   675  C CE  . LYS A 1 84 ? -12.214 14.210  13.008  1.00 48.37 ? 84  LYS A CE  1 
ATOM   676  N NZ  . LYS A 1 84 ? -11.002 15.025  13.204  1.00 47.07 ? 84  LYS A NZ  1 
ATOM   677  N N   . LYS A 1 85 ? -9.359  15.009  8.362   1.00 34.08 ? 85  LYS A N   1 
ATOM   678  C CA  . LYS A 1 85 ? -8.426  16.097  8.537   1.00 34.86 ? 85  LYS A CA  1 
ATOM   679  C C   . LYS A 1 85 ? -7.962  16.702  7.211   1.00 36.64 ? 85  LYS A C   1 
ATOM   680  O O   . LYS A 1 85 ? -7.090  17.526  7.190   1.00 35.16 ? 85  LYS A O   1 
ATOM   681  C CB  . LYS A 1 85 ? -7.204  15.607  9.267   1.00 35.55 ? 85  LYS A CB  1 
ATOM   682  C CG  . LYS A 1 85 ? -7.405  15.274  10.713  1.00 40.63 ? 85  LYS A CG  1 
ATOM   683  C CD  . LYS A 1 85 ? -7.295  16.505  11.561  1.00 44.05 ? 85  LYS A CD  1 
ATOM   684  C CE  . LYS A 1 85 ? -6.970  16.153  12.976  1.00 37.76 ? 85  LYS A CE  1 
ATOM   685  N NZ  . LYS A 1 85 ? -7.995  16.672  13.871  1.00 41.97 ? 85  LYS A NZ  1 
ATOM   686  N N   . LYS A 1 86 ? -8.521  16.243  6.110   1.00 31.87 ? 86  LYS A N   1 
ATOM   687  C CA  . LYS A 1 86 ? -8.186  16.771  4.794   1.00 35.49 ? 86  LYS A CA  1 
ATOM   688  C C   . LYS A 1 86 ? -6.712  16.729  4.431   1.00 33.78 ? 86  LYS A C   1 
ATOM   689  O O   . LYS A 1 86 ? -6.212  17.618  3.831   1.00 30.48 ? 86  LYS A O   1 
ATOM   690  C CB  . LYS A 1 86 ? -8.747  18.173  4.568   1.00 31.29 ? 86  LYS A CB  1 
ATOM   691  C CG  . LYS A 1 86 ? -10.178 18.369  4.990   1.00 41.47 ? 86  LYS A CG  1 
ATOM   692  C CD  . LYS A 1 86 ? -11.190 18.374  3.839   1.00 47.78 ? 86  LYS A CD  1 
ATOM   693  C CE  . LYS A 1 86 ? -10.604 18.614  2.446   1.00 43.09 ? 86  LYS A CE  1 
ATOM   694  N NZ  . LYS A 1 86 ? -11.518 19.086  1.377   1.00 44.83 ? 86  LYS A NZ  1 
ATOM   695  N N   . ILE A 1 87 ? -6.057  15.639  4.748   1.00 27.87 ? 87  ILE A N   1 
ATOM   696  C CA  . ILE A 1 87 ? -4.650  15.531  4.508   1.00 29.23 ? 87  ILE A CA  1 
ATOM   697  C C   . ILE A 1 87 ? -4.255  15.681  3.038   1.00 26.16 ? 87  ILE A C   1 
ATOM   698  O O   . ILE A 1 87 ? -3.263  16.242  2.754   1.00 27.06 ? 87  ILE A O   1 
ATOM   699  C CB  . ILE A 1 87 ? -4.079  14.254  5.095   1.00 32.18 ? 87  ILE A CB  1 
ATOM   700  C CG1 . ILE A 1 87 ? -2.592  14.347  5.175   1.00 32.56 ? 87  ILE A CG1 1 
ATOM   701  C CG2 . ILE A 1 87 ? -4.516  13.081  4.291   1.00 26.24 ? 87  ILE A CG2 1 
ATOM   702  C CD1 . ILE A 1 87 ? -1.956  13.251  5.957   1.00 34.45 ? 87  ILE A CD1 1 
ATOM   703  N N   . CYS A 1 88 ? -5.055  15.172  2.138   1.00 23.75 ? 88  CYS A N   1 
ATOM   704  C CA  . CYS A 1 88 ? -4.752  15.198  0.726   1.00 26.83 ? 88  CYS A CA  1 
ATOM   705  C C   . CYS A 1 88 ? -4.702  16.598  0.022   1.00 28.01 ? 88  CYS A C   1 
ATOM   706  O O   . CYS A 1 88 ? -4.117  16.758  -1.004  1.00 28.61 ? 88  CYS A O   1 
ATOM   707  C CB  . CYS A 1 88 ? -5.569  14.134  -0.014  1.00 25.26 ? 88  CYS A CB  1 
ATOM   708  S SG  . CYS A 1 88 ? -4.905  12.450  0.084   1.00 29.73 ? 88  CYS A SG  1 
ATOM   709  N N   . ASN A 1 89 ? -5.277  17.595  0.647   1.00 30.81 ? 89  ASN A N   1 
ATOM   710  C CA  . ASN A 1 89 ? -5.197  18.945  0.125   1.00 30.82 ? 89  ASN A CA  1 
ATOM   711  C C   . ASN A 1 89 ? -3.792  19.536  0.185   1.00 30.50 ? 89  ASN A C   1 
ATOM   712  O O   . ASN A 1 89 ? -3.572  20.568  -0.354  1.00 29.88 ? 89  ASN A O   1 
ATOM   713  C CB  . ASN A 1 89 ? -6.174  19.870  0.800   1.00 32.83 ? 89  ASN A CB  1 
ATOM   714  C CG  . ASN A 1 89 ? -7.603  19.446  0.654   1.00 35.14 ? 89  ASN A CG  1 
ATOM   715  O OD1 . ASN A 1 89 ? -8.453  20.040  1.239   1.00 39.51 ? 89  ASN A OD1 1 
ATOM   716  N ND2 . ASN A 1 89 ? -7.861  18.457  -0.109  1.00 32.75 ? 89  ASN A ND2 1 
ATOM   717  N N   . TYR A 1 90 ? -2.889  18.869  0.879   1.00 25.41 ? 90  TYR A N   1 
ATOM   718  C CA  . TYR A 1 90 ? -1.507  19.277  0.989   1.00 28.88 ? 90  TYR A CA  1 
ATOM   719  C C   . TYR A 1 90 ? -0.566  18.678  -0.057  1.00 26.72 ? 90  TYR A C   1 
ATOM   720  O O   . TYR A 1 90 ? 0.556   18.975  -0.077  1.00 26.75 ? 90  TYR A O   1 
ATOM   721  C CB  . TYR A 1 90 ? -0.967  18.992  2.383   1.00 32.29 ? 90  TYR A CB  1 
ATOM   722  C CG  . TYR A 1 90 ? -1.574  19.781  3.507   1.00 28.58 ? 90  TYR A CG  1 
ATOM   723  C CD1 . TYR A 1 90 ? -2.715  19.378  4.100   1.00 31.18 ? 90  TYR A CD1 1 
ATOM   724  C CD2 . TYR A 1 90 ? -0.987  20.925  3.978   1.00 29.56 ? 90  TYR A CD2 1 
ATOM   725  C CE1 . TYR A 1 90 ? -3.266  20.092  5.121   1.00 31.41 ? 90  TYR A CE1 1 
ATOM   726  C CE2 . TYR A 1 90 ? -1.545  21.645  4.994   1.00 29.44 ? 90  TYR A CE2 1 
ATOM   727  C CZ  . TYR A 1 90 ? -2.684  21.202  5.562   1.00 31.31 ? 90  TYR A CZ  1 
ATOM   728  O OH  . TYR A 1 90 ? -3.258  21.847  6.560   1.00 35.76 ? 90  TYR A OH  1 
ATOM   729  N N   . TYR A 1 91 ? -1.090  17.836  -0.914  1.00 26.37 ? 91  TYR A N   1 
ATOM   730  C CA  . TYR A 1 91 ? -0.318  17.105  -1.899  1.00 33.81 ? 91  TYR A CA  1 
ATOM   731  C C   . TYR A 1 91 ? -0.633  17.602  -3.287  1.00 32.74 ? 91  TYR A C   1 
ATOM   732  O O   . TYR A 1 91 ? -1.651  18.162  -3.489  1.00 33.08 ? 91  TYR A O   1 
ATOM   733  C CB  . TYR A 1 91 ? -0.626  15.619  -1.839  1.00 31.12 ? 91  TYR A CB  1 
ATOM   734  C CG  . TYR A 1 91 ? -0.203  14.895  -0.622  1.00 31.50 ? 91  TYR A CG  1 
ATOM   735  C CD1 . TYR A 1 91 ? -0.817  15.092  0.558   1.00 29.57 ? 91  TYR A CD1 1 
ATOM   736  C CD2 . TYR A 1 91 ? 0.802   13.961  -0.667  1.00 35.73 ? 91  TYR A CD2 1 
ATOM   737  C CE1 . TYR A 1 91 ? -0.434  14.408  1.672   1.00 31.05 ? 91  TYR A CE1 1 
ATOM   738  C CE2 . TYR A 1 91 ? 1.206   13.264  0.445   1.00 32.72 ? 91  TYR A CE2 1 
ATOM   739  C CZ  . TYR A 1 91 ? 0.574   13.486  1.621   1.00 33.37 ? 91  TYR A CZ  1 
ATOM   740  O OH  . TYR A 1 91 ? 0.914   12.819  2.716   1.00 25.88 ? 91  TYR A OH  1 
ATOM   741  N N   . PRO A 1 92 ? 0.238   17.404  -4.253  1.00 39.39 ? 92  PRO A N   1 
ATOM   742  C CA  . PRO A 1 92 ? -0.038  17.822  -5.618  1.00 39.37 ? 92  PRO A CA  1 
ATOM   743  C C   . PRO A 1 92 ? -1.046  16.948  -6.309  1.00 40.63 ? 92  PRO A C   1 
ATOM   744  O O   . PRO A 1 92 ? -1.270  15.877  -5.881  1.00 39.24 ? 92  PRO A O   1 
ATOM   745  C CB  . PRO A 1 92 ? 1.291   17.729  -6.281  1.00 38.80 ? 92  PRO A CB  1 
ATOM   746  C CG  . PRO A 1 92 ? 2.026   16.769  -5.517  1.00 41.01 ? 92  PRO A CG  1 
ATOM   747  C CD  . PRO A 1 92 ? 1.595   16.919  -4.124  1.00 37.83 ? 92  PRO A CD  1 
ATOM   748  N N   . GLU A 1 93 ? -1.663  17.443  -7.350  1.00 36.41 ? 93  GLU A N   1 
ATOM   749  C CA  . GLU A 1 93 ? -2.750  16.766  -7.996  1.00 38.53 ? 93  GLU A CA  1 
ATOM   750  C C   . GLU A 1 93 ? -2.336  15.484  -8.665  1.00 37.70 ? 93  GLU A C   1 
ATOM   751  O O   . GLU A 1 93 ? -3.049  14.519  -8.602  1.00 38.95 ? 93  GLU A O   1 
ATOM   752  C CB  . GLU A 1 93 ? -3.390  17.663  -9.015  1.00 39.23 ? 93  GLU A CB  1 
ATOM   753  C CG  . GLU A 1 93 ? -2.401  18.522  -9.747  1.00 39.27 ? 93  GLU A CG  1 
ATOM   754  C CD  . GLU A 1 93 ? -3.021  19.409  -10.763 1.00 38.26 ? 93  GLU A CD  1 
ATOM   755  O OE1 . GLU A 1 93 ? -4.195  19.358  -10.981 1.00 41.90 ? 93  GLU A OE1 1 
ATOM   756  O OE2 . GLU A 1 93 ? -2.296  20.138  -11.342 1.00 38.06 ? 93  GLU A OE2 1 
ATOM   757  N N   . ASN A 1 94 ? -1.200  15.514  -9.321  1.00 38.76 ? 94  ASN A N   1 
ATOM   758  C CA  . ASN A 1 94 ? -0.600  14.336  -9.857  1.00 41.84 ? 94  ASN A CA  1 
ATOM   759  C C   . ASN A 1 94 ? 0.442   13.853  -8.901  1.00 40.94 ? 94  ASN A C   1 
ATOM   760  O O   . ASN A 1 94 ? 1.180   14.630  -8.390  1.00 39.97 ? 94  ASN A O   1 
ATOM   761  C CB  . ASN A 1 94 ? 0.143   14.609  -11.162 1.00 48.45 ? 94  ASN A CB  1 
ATOM   762  C CG  . ASN A 1 94 ? -0.673  15.312  -12.193 1.00 41.58 ? 94  ASN A CG  1 
ATOM   763  O OD1 . ASN A 1 94 ? -1.775  14.955  -12.474 1.00 46.68 ? 94  ASN A OD1 1 
ATOM   764  N ND2 . ASN A 1 94 ? -0.105  16.298  -12.771 1.00 46.86 ? 94  ASN A ND2 1 
ATOM   765  N N   . MET A 1 95 ? 0.549   12.552  -8.720  1.00 50.74 ? 95  MET A N   1 
ATOM   766  C CA  . MET A 1 95 ? 1.641   12.010  -7.910  1.00 52.28 ? 95  MET A CA  1 
ATOM   767  C C   . MET A 1 95 ? 2.270   10.683  -8.349  1.00 50.44 ? 95  MET A C   1 
ATOM   768  O O   . MET A 1 95 ? 1.824   10.051  -9.283  1.00 57.38 ? 95  MET A O   1 
ATOM   769  C CB  . MET A 1 95 ? 1.203   11.875  -6.476  1.00 53.76 ? 95  MET A CB  1 
ATOM   770  C CG  . MET A 1 95 ? 0.480   13.031  -5.892  1.00 48.18 ? 95  MET A CG  1 
ATOM   771  S SD  . MET A 1 95 ? -0.250  12.395  -4.419  1.00 49.27 ? 95  MET A SD  1 
ATOM   772  C CE  . MET A 1 95 ? 1.212   11.796  -3.622  1.00 46.06 ? 95  MET A CE  1 
ATOM   773  N N   . GLU B 1 1  ? 0.654   3.493   -22.534 1.00 52.13 ? 1   GLU B N   1 
ATOM   774  C CA  . GLU B 1 1  ? -0.272  2.408   -22.521 1.00 44.81 ? 1   GLU B CA  1 
ATOM   775  C C   . GLU B 1 1  ? -1.385  2.625   -21.484 1.00 45.56 ? 1   GLU B C   1 
ATOM   776  O O   . GLU B 1 1  ? -1.266  3.418   -20.602 1.00 40.77 ? 1   GLU B O   1 
ATOM   777  C CB  . GLU B 1 1  ? 0.486   1.139   -22.258 1.00 46.33 ? 1   GLU B CB  1 
ATOM   778  C CG  . GLU B 1 1  ? 1.573   0.863   -23.261 1.00 50.50 ? 1   GLU B CG  1 
ATOM   779  C CD  . GLU B 1 1  ? 2.934   1.165   -22.758 1.00 47.31 ? 1   GLU B CD  1 
ATOM   780  O OE1 . GLU B 1 1  ? 3.054   2.015   -21.910 1.00 54.95 ? 1   GLU B OE1 1 
ATOM   781  O OE2 . GLU B 1 1  ? 3.877   0.565   -23.227 1.00 51.71 ? 1   GLU B OE2 1 
ATOM   782  N N   . PHE B 1 2  ? -2.456  1.864   -21.616 1.00 43.86 ? 2   PHE B N   1 
ATOM   783  C CA  . PHE B 1 2  ? -3.664  1.907   -20.827 1.00 36.97 ? 2   PHE B CA  1 
ATOM   784  C C   . PHE B 1 2  ? -3.474  1.578   -19.368 1.00 43.91 ? 2   PHE B C   1 
ATOM   785  O O   . PHE B 1 2  ? -4.241  1.999   -18.570 1.00 36.85 ? 2   PHE B O   1 
ATOM   786  C CB  . PHE B 1 2  ? -4.674  0.924   -21.409 1.00 43.40 ? 2   PHE B CB  1 
ATOM   787  C CG  . PHE B 1 2  ? -4.321  -0.518  -21.196 1.00 38.89 ? 2   PHE B CG  1 
ATOM   788  C CD1 . PHE B 1 2  ? -4.720  -1.166  -20.080 1.00 37.47 ? 2   PHE B CD1 1 
ATOM   789  C CD2 . PHE B 1 2  ? -3.613  -1.212  -22.129 1.00 40.08 ? 2   PHE B CD2 1 
ATOM   790  C CE1 . PHE B 1 2  ? -4.403  -2.476  -19.889 1.00 34.43 ? 2   PHE B CE1 1 
ATOM   791  C CE2 . PHE B 1 2  ? -3.299  -2.520  -21.950 1.00 30.71 ? 2   PHE B CE2 1 
ATOM   792  C CZ  . PHE B 1 2  ? -3.687  -3.152  -20.825 1.00 32.72 ? 2   PHE B CZ  1 
ATOM   793  N N   . SER B 1 3  ? -2.442  0.799   -19.065 1.00 40.38 ? 3   SER B N   1 
ATOM   794  C CA  . SER B 1 3  ? -2.244  0.130   -17.790 1.00 37.91 ? 3   SER B CA  1 
ATOM   795  C C   . SER B 1 3  ? -1.269  0.823   -16.852 1.00 44.13 ? 3   SER B C   1 
ATOM   796  O O   . SER B 1 3  ? -0.769  0.218   -15.955 1.00 45.40 ? 3   SER B O   1 
ATOM   797  C CB  . SER B 1 3  ? -1.789  -1.300  -17.988 1.00 43.95 ? 3   SER B CB  1 
ATOM   798  O OG  . SER B 1 3  ? -0.425  -1.370  -18.187 1.00 40.00 ? 3   SER B OG  1 
ATOM   799  N N   . GLU B 1 4  ? -1.019  2.093   -17.074 1.00 45.57 ? 4   GLU B N   1 
ATOM   800  C CA  . GLU B 1 4  ? -0.243  2.911   -16.161 1.00 42.60 ? 4   GLU B CA  1 
ATOM   801  C C   . GLU B 1 4  ? -0.910  3.001   -14.808 1.00 45.39 ? 4   GLU B C   1 
ATOM   802  O O   . GLU B 1 4  ? -0.249  3.070   -13.814 1.00 43.42 ? 4   GLU B O   1 
ATOM   803  C CB  . GLU B 1 4  ? -0.050  4.309   -16.711 1.00 45.72 ? 4   GLU B CB  1 
ATOM   804  C CG  . GLU B 1 4  ? 0.876   4.382   -17.886 1.00 46.82 ? 4   GLU B CG  1 
ATOM   805  C CD  . GLU B 1 4  ? 0.625   5.564   -18.767 1.00 44.23 ? 4   GLU B CD  1 
ATOM   806  O OE1 . GLU B 1 4  ? -0.129  6.453   -18.397 1.00 51.52 ? 4   GLU B OE1 1 
ATOM   807  O OE2 . GLU B 1 4  ? 1.204   5.599   -19.832 1.00 49.73 ? 4   GLU B OE2 1 
ATOM   808  N N   . ASP B 1 5  ? -2.222  3.029   -14.793 1.00 46.90 ? 5   ASP B N   1 
ATOM   809  C CA  . ASP B 1 5  ? -2.916  3.207   -13.575 1.00 46.22 ? 5   ASP B CA  1 
ATOM   810  C C   . ASP B 1 5  ? -2.638  2.078   -12.666 1.00 46.02 ? 5   ASP B C   1 
ATOM   811  O O   . ASP B 1 5  ? -2.299  2.303   -11.555 1.00 37.04 ? 5   ASP B O   1 
ATOM   812  C CB  . ASP B 1 5  ? -4.395  3.238   -13.828 1.00 49.99 ? 5   ASP B CB  1 
ATOM   813  C CG  . ASP B 1 5  ? -5.039  4.415   -13.239 1.00 53.19 ? 5   ASP B CG  1 
ATOM   814  O OD1 . ASP B 1 5  ? -4.596  5.499   -13.533 1.00 53.61 ? 5   ASP B OD1 1 
ATOM   815  O OD2 . ASP B 1 5  ? -5.985  4.273   -12.484 1.00 54.41 ? 5   ASP B OD2 1 
ATOM   816  N N   . CYS B 1 6  ? -2.774  0.859   -13.179 1.00 42.03 ? 6   CYS B N   1 
ATOM   817  C CA  . CYS B 1 6  ? -2.525  -0.343  -12.403 1.00 39.53 ? 6   CYS B CA  1 
ATOM   818  C C   . CYS B 1 6  ? -1.054  -0.478  -12.030 1.00 35.09 ? 6   CYS B C   1 
ATOM   819  O O   . CYS B 1 6  ? -0.729  -1.048  -10.989 1.00 40.69 ? 6   CYS B O   1 
ATOM   820  C CB  . CYS B 1 6  ? -2.985  -1.583  -13.175 1.00 40.21 ? 6   CYS B CB  1 
ATOM   821  S SG  . CYS B 1 6  ? -2.225  -3.128  -12.628 1.00 37.86 ? 6   CYS B SG  1 
ATOM   822  N N   . GLU B 1 7  ? -0.161  0.040   -12.870 1.00 31.55 ? 7   GLU B N   1 
ATOM   823  C CA  . GLU B 1 7  ? 1.226   -0.080  -12.572 1.00 35.07 ? 7   GLU B CA  1 
ATOM   824  C C   . GLU B 1 7  ? 1.479   0.742   -11.299 1.00 38.37 ? 7   GLU B C   1 
ATOM   825  O O   . GLU B 1 7  ? 2.322   0.420   -10.553 1.00 33.11 ? 7   GLU B O   1 
ATOM   826  C CB  . GLU B 1 7  ? 2.118   0.303   -13.754 1.00 36.24 ? 7   GLU B CB  1 
ATOM   827  C CG  . GLU B 1 7  ? 2.233   -0.777  -14.828 1.00 42.39 ? 7   GLU B CG  1 
ATOM   828  C CD  . GLU B 1 7  ? 2.526   -0.283  -16.249 1.00 45.35 ? 7   GLU B CD  1 
ATOM   829  O OE1 . GLU B 1 7  ? 3.359   0.592   -16.457 1.00 43.56 ? 7   GLU B OE1 1 
ATOM   830  O OE2 . GLU B 1 7  ? 1.958   -0.809  -17.177 1.00 39.00 ? 7   GLU B OE2 1 
ATOM   831  N N   . ASN B 1 8  ? 0.715   1.806   -11.119 1.00 38.22 ? 8   ASN B N   1 
ATOM   832  C CA  . ASN B 1 8  ? 0.796   2.680   -9.965  1.00 38.99 ? 8   ASN B CA  1 
ATOM   833  C C   . ASN B 1 8  ? 0.370   2.161   -8.609  1.00 37.08 ? 8   ASN B C   1 
ATOM   834  O O   . ASN B 1 8  ? 0.990   2.402   -7.602  1.00 39.92 ? 8   ASN B O   1 
ATOM   835  C CB  . ASN B 1 8  ? 0.031   3.935   -10.264 1.00 42.14 ? 8   ASN B CB  1 
ATOM   836  C CG  . ASN B 1 8  ? 0.616   4.709   -11.404 1.00 41.27 ? 8   ASN B CG  1 
ATOM   837  O OD1 . ASN B 1 8  ? 1.740   4.485   -11.802 1.00 41.64 ? 8   ASN B OD1 1 
ATOM   838  N ND2 . ASN B 1 8  ? -0.153  5.636   -11.920 1.00 43.61 ? 8   ASN B ND2 1 
ATOM   839  N N   . ILE B 1 9  ? -0.739  1.489   -8.606  1.00 30.41 ? 9   ILE B N   1 
ATOM   840  C CA  . ILE B 1 9  ? -1.260  0.854   -7.463  1.00 33.30 ? 9   ILE B CA  1 
ATOM   841  C C   . ILE B 1 9  ? -0.351  -0.264  -6.930  1.00 34.03 ? 9   ILE B C   1 
ATOM   842  O O   . ILE B 1 9  ? -0.269  -0.455  -5.757  1.00 29.63 ? 9   ILE B O   1 
ATOM   843  C CB  . ILE B 1 9  ? -2.662  0.370   -7.793  1.00 33.47 ? 9   ILE B CB  1 
ATOM   844  C CG1 . ILE B 1 9  ? -3.528  1.584   -8.037  1.00 36.48 ? 9   ILE B CG1 1 
ATOM   845  C CG2 . ILE B 1 9  ? -3.214  -0.476  -6.702  1.00 32.16 ? 9   ILE B CG2 1 
ATOM   846  C CD1 . ILE B 1 9  ? -4.704  1.334   -8.908  1.00 40.01 ? 9   ILE B CD1 1 
ATOM   847  N N   . PHE B 1 10 ? 0.248   -1.030  -7.824  1.00 28.96 ? 10  PHE B N   1 
ATOM   848  C CA  . PHE B 1 10 ? 1.200   -2.056  -7.481  1.00 31.33 ? 10  PHE B CA  1 
ATOM   849  C C   . PHE B 1 10 ? 2.498   -1.483  -6.957  1.00 29.14 ? 10  PHE B C   1 
ATOM   850  O O   . PHE B 1 10 ? 2.987   -1.893  -5.967  1.00 27.81 ? 10  PHE B O   1 
ATOM   851  C CB  . PHE B 1 10 ? 1.483   -2.918  -8.705  1.00 26.04 ? 10  PHE B CB  1 
ATOM   852  C CG  . PHE B 1 10 ? 0.551   -4.064  -8.871  1.00 28.56 ? 10  PHE B CG  1 
ATOM   853  C CD1 . PHE B 1 10 ? -0.601  -3.920  -9.568  1.00 26.90 ? 10  PHE B CD1 1 
ATOM   854  C CD2 . PHE B 1 10 ? 0.833   -5.273  -8.334  1.00 27.28 ? 10  PHE B CD2 1 
ATOM   855  C CE1 . PHE B 1 10 ? -1.450  -4.955  -9.713  1.00 22.69 ? 10  PHE B CE1 1 
ATOM   856  C CE2 . PHE B 1 10 ? -0.006  -6.316  -8.491  1.00 23.66 ? 10  PHE B CE2 1 
ATOM   857  C CZ  . PHE B 1 10 ? -1.157  -6.162  -9.174  1.00 26.86 ? 10  PHE B CZ  1 
ATOM   858  N N   . HIS B 1 11 ? 3.006   -0.518  -7.684  1.00 26.71 ? 11  HIS B N   1 
ATOM   859  C CA  . HIS B 1 11 ? 4.208   0.141   -7.351  1.00 34.01 ? 11  HIS B CA  1 
ATOM   860  C C   . HIS B 1 11 ? 4.175   0.875   -6.050  1.00 32.77 ? 11  HIS B C   1 
ATOM   861  O O   . HIS B 1 11 ? 5.045   0.686   -5.249  1.00 30.85 ? 11  HIS B O   1 
ATOM   862  C CB  . HIS B 1 11 ? 4.556   1.120   -8.452  1.00 35.18 ? 11  HIS B CB  1 
ATOM   863  C CG  . HIS B 1 11 ? 5.762   1.943   -8.162  1.00 36.87 ? 11  HIS B CG  1 
ATOM   864  N ND1 . HIS B 1 11 ? 5.710   3.012   -7.405  1.00 37.46 ? 11  HIS B ND1 1 
ATOM   865  C CD2 . HIS B 1 11 ? 7.074   1.784   -8.525  1.00 37.72 ? 11  HIS B CD2 1 
ATOM   866  C CE1 . HIS B 1 11 ? 6.921   3.514   -7.286  1.00 41.19 ? 11  HIS B CE1 1 
ATOM   867  N NE2 . HIS B 1 11 ? 7.752   2.756   -7.970  1.00 42.80 ? 11  HIS B NE2 1 
ATOM   868  N N   . ASP B 1 12 ? 3.169   1.683   -5.840  1.00 32.72 ? 12  ASP B N   1 
ATOM   869  C CA  . ASP B 1 12 ? 3.020   2.420   -4.605  1.00 33.23 ? 12  ASP B CA  1 
ATOM   870  C C   . ASP B 1 12 ? 2.862   1.533   -3.412  1.00 29.08 ? 12  ASP B C   1 
ATOM   871  O O   . ASP B 1 12 ? 3.455   1.770   -2.432  1.00 30.53 ? 12  ASP B O   1 
ATOM   872  C CB  . ASP B 1 12 ? 1.845   3.386   -4.673  1.00 33.41 ? 12  ASP B CB  1 
ATOM   873  C CG  . ASP B 1 12 ? 2.104   4.568   -5.557  1.00 32.48 ? 12  ASP B CG  1 
ATOM   874  O OD1 . ASP B 1 12 ? 3.243   4.756   -5.933  1.00 36.41 ? 12  ASP B OD1 1 
ATOM   875  O OD2 . ASP B 1 12 ? 1.170   5.295   -5.865  1.00 33.65 ? 12  ASP B OD2 1 
ATOM   876  N N   . ASN B 1 13 ? 2.079   0.489   -3.544  1.00 30.13 ? 13  ASN B N   1 
ATOM   877  C CA  . ASN B 1 13 ? 1.900   -0.448  -2.473  1.00 30.23 ? 13  ASN B CA  1 
ATOM   878  C C   . ASN B 1 13 ? 3.158   -1.207  -2.051  1.00 29.10 ? 13  ASN B C   1 
ATOM   879  O O   . ASN B 1 13 ? 3.389   -1.375  -0.901  1.00 23.27 ? 13  ASN B O   1 
ATOM   880  C CB  . ASN B 1 13 ? 0.825   -1.432  -2.811  1.00 35.26 ? 13  ASN B CB  1 
ATOM   881  C CG  . ASN B 1 13 ? 0.503   -2.340  -1.665  1.00 39.81 ? 13  ASN B CG  1 
ATOM   882  O OD1 . ASN B 1 13 ? 0.859   -3.474  -1.681  1.00 45.46 ? 13  ASN B OD1 1 
ATOM   883  N ND2 . ASN B 1 13 ? -0.138  -1.826  -0.655  1.00 40.73 ? 13  ASN B ND2 1 
ATOM   884  N N   . ALA B 1 14 ? 3.934   -1.665  -3.024  1.00 24.37 ? 14  ALA B N   1 
ATOM   885  C CA  . ALA B 1 14 ? 5.214   -2.291  -2.771  1.00 28.59 ? 14  ALA B CA  1 
ATOM   886  C C   . ALA B 1 14 ? 6.188   -1.326  -2.126  1.00 27.55 ? 14  ALA B C   1 
ATOM   887  O O   . ALA B 1 14 ? 6.911   -1.701  -1.281  1.00 28.56 ? 14  ALA B O   1 
ATOM   888  C CB  . ALA B 1 14 ? 5.820   -2.884  -4.021  1.00 27.57 ? 14  ALA B CB  1 
ATOM   889  N N   . TYR B 1 15 ? 6.191   -0.110  -2.585  1.00 25.16 ? 15  TYR B N   1 
ATOM   890  C CA  . TYR B 1 15 ? 7.001   0.867   -1.991  1.00 31.80 ? 15  TYR B CA  1 
ATOM   891  C C   . TYR B 1 15 ? 6.614   1.296   -0.566  1.00 27.11 ? 15  TYR B C   1 
ATOM   892  O O   . TYR B 1 15 ? 7.443   1.447   0.245   1.00 24.02 ? 15  TYR B O   1 
ATOM   893  C CB  . TYR B 1 15 ? 7.394   1.944   -2.981  1.00 30.19 ? 15  TYR B CB  1 
ATOM   894  C CG  . TYR B 1 15 ? 8.428   1.380   -3.929  1.00 41.76 ? 15  TYR B CG  1 
ATOM   895  C CD1 . TYR B 1 15 ? 9.775   1.459   -3.652  1.00 42.66 ? 15  TYR B CD1 1 
ATOM   896  C CD2 . TYR B 1 15 ? 8.052   0.688   -5.061  1.00 41.75 ? 15  TYR B CD2 1 
ATOM   897  C CE1 . TYR B 1 15 ? 10.697  0.903   -4.493  1.00 47.24 ? 15  TYR B CE1 1 
ATOM   898  C CE2 . TYR B 1 15 ? 8.976   0.148   -5.911  1.00 43.91 ? 15  TYR B CE2 1 
ATOM   899  C CZ  . TYR B 1 15 ? 10.284  0.255   -5.627  1.00 43.44 ? 15  TYR B CZ  1 
ATOM   900  O OH  . TYR B 1 15 ? 11.175  -0.299  -6.476  1.00 50.14 ? 15  TYR B OH  1 
ATOM   901  N N   . LEU B 1 16 ? 5.338   1.414   -0.295  1.00 25.06 ? 16  LEU B N   1 
ATOM   902  C CA  . LEU B 1 16 ? 4.896   1.640   1.049   1.00 25.92 ? 16  LEU B CA  1 
ATOM   903  C C   . LEU B 1 16 ? 5.217   0.500   2.004   1.00 26.02 ? 16  LEU B C   1 
ATOM   904  O O   . LEU B 1 16 ? 5.619   0.733   3.081   1.00 23.25 ? 16  LEU B O   1 
ATOM   905  C CB  . LEU B 1 16 ? 3.463   2.070   1.071   1.00 27.57 ? 16  LEU B CB  1 
ATOM   906  C CG  . LEU B 1 16 ? 3.385   3.499   0.574   1.00 24.15 ? 16  LEU B CG  1 
ATOM   907  C CD1 . LEU B 1 16 ? 2.133   3.739   -0.161  1.00 30.01 ? 16  LEU B CD1 1 
ATOM   908  C CD2 . LEU B 1 16 ? 3.543   4.521   1.664   1.00 25.68 ? 16  LEU B CD2 1 
ATOM   909  N N   . LEU B 1 17 ? 5.052   -0.730  1.561   1.00 25.51 ? 17  LEU B N   1 
ATOM   910  C CA  . LEU B 1 17 ? 5.467   -1.879  2.320   1.00 23.37 ? 17  LEU B CA  1 
ATOM   911  C C   . LEU B 1 17 ? 6.973   -1.895  2.520   1.00 26.03 ? 17  LEU B C   1 
ATOM   912  O O   . LEU B 1 17 ? 7.393   -2.305  3.523   1.00 26.98 ? 17  LEU B O   1 
ATOM   913  C CB  . LEU B 1 17 ? 4.987   -3.200  1.750   1.00 26.98 ? 17  LEU B CB  1 
ATOM   914  C CG  . LEU B 1 17 ? 3.535   -3.593  1.794   1.00 23.22 ? 17  LEU B CG  1 
ATOM   915  C CD1 . LEU B 1 17 ? 3.283   -4.687  0.806   1.00 24.09 ? 17  LEU B CD1 1 
ATOM   916  C CD2 . LEU B 1 17 ? 3.007   -3.943  3.154   1.00 22.13 ? 17  LEU B CD2 1 
ATOM   917  N N   . LYS B 1 18 ? 7.747   -1.467  1.548   1.00 26.38 ? 18  LYS B N   1 
ATOM   918  C CA  . LYS B 1 18 ? 9.169   -1.343  1.753   1.00 27.15 ? 18  LYS B CA  1 
ATOM   919  C C   . LYS B 1 18 ? 9.510   -0.315  2.835   1.00 27.12 ? 18  LYS B C   1 
ATOM   920  O O   . LYS B 1 18 ? 10.320  -0.533  3.656   1.00 29.48 ? 18  LYS B O   1 
ATOM   921  C CB  . LYS B 1 18 ? 9.878   -0.961  0.485   1.00 25.87 ? 18  LYS B CB  1 
ATOM   922  C CG  . LYS B 1 18 ? 11.334  -1.302  0.558   1.00 30.20 ? 18  LYS B CG  1 
ATOM   923  C CD  . LYS B 1 18 ? 12.180  -0.629  -0.469  1.00 31.97 ? 18  LYS B CD  1 
ATOM   924  C CE  . LYS B 1 18 ? 13.629  -0.832  -0.122  1.00 31.36 ? 18  LYS B CE  1 
ATOM   925  N NZ  . LYS B 1 18 ? 14.142  -2.124  -0.574  1.00 29.23 ? 18  LYS B NZ  1 
ATOM   926  N N   . LEU B 1 19 ? 8.837   0.802   2.795   1.00 27.60 ? 19  LEU B N   1 
ATOM   927  C CA  . LEU B 1 19 ? 8.970   1.821   3.764   1.00 24.63 ? 19  LEU B CA  1 
ATOM   928  C C   . LEU B 1 19 ? 8.570   1.311   5.145   1.00 28.79 ? 19  LEU B C   1 
ATOM   929  O O   . LEU B 1 19 ? 9.247   1.543   6.079   1.00 29.64 ? 19  LEU B O   1 
ATOM   930  C CB  . LEU B 1 19 ? 8.083   2.958   3.337   1.00 30.25 ? 19  LEU B CB  1 
ATOM   931  C CG  . LEU B 1 19 ? 7.835   4.064   4.289   1.00 33.12 ? 19  LEU B CG  1 
ATOM   932  C CD1 . LEU B 1 19 ? 9.168   4.647   4.697   1.00 39.41 ? 19  LEU B CD1 1 
ATOM   933  C CD2 . LEU B 1 19 ? 7.033   5.068   3.518   1.00 37.62 ? 19  LEU B CD2 1 
ATOM   934  N N   . ASP B 1 20 ? 7.486   0.569   5.226   1.00 28.27 ? 20  ASP B N   1 
ATOM   935  C CA  . ASP B 1 20 ? 7.095   -0.054  6.451   1.00 30.43 ? 20  ASP B CA  1 
ATOM   936  C C   . ASP B 1 20 ? 8.098   -1.078  6.975   1.00 28.84 ? 20  ASP B C   1 
ATOM   937  O O   . ASP B 1 20 ? 8.464   -1.047  8.094   1.00 27.23 ? 20  ASP B O   1 
ATOM   938  C CB  . ASP B 1 20 ? 5.703   -0.614  6.319   1.00 25.71 ? 20  ASP B CB  1 
ATOM   939  C CG  . ASP B 1 20 ? 4.668   0.441   6.228   1.00 27.01 ? 20  ASP B CG  1 
ATOM   940  O OD1 . ASP B 1 20 ? 4.978   1.592   6.252   1.00 35.05 ? 20  ASP B OD1 1 
ATOM   941  O OD2 . ASP B 1 20 ? 3.527   0.143   6.114   1.00 27.61 ? 20  ASP B OD2 1 
ATOM   942  N N   . CYS B 1 21 ? 8.590   -1.930  6.082   1.00 30.13 ? 21  CYS B N   1 
ATOM   943  C CA  . CYS B 1 21 ? 9.654   -2.865  6.428   1.00 27.81 ? 21  CYS B CA  1 
ATOM   944  C C   . CYS B 1 21 ? 10.878  -2.147  7.002   1.00 32.40 ? 21  CYS B C   1 
ATOM   945  O O   . CYS B 1 21 ? 11.417  -2.556  8.031   1.00 29.39 ? 21  CYS B O   1 
ATOM   946  C CB  . CYS B 1 21 ? 10.056  -3.694  5.205   1.00 27.50 ? 21  CYS B CB  1 
ATOM   947  S SG  . CYS B 1 21 ? 11.450  -4.810  5.486   1.00 31.24 ? 21  CYS B SG  1 
ATOM   948  N N   . GLU B 1 22 ? 11.316  -1.079  6.336   1.00 26.24 ? 22  GLU B N   1 
ATOM   949  C CA  . GLU B 1 22 ? 12.454  -0.352  6.761   1.00 28.40 ? 22  GLU B CA  1 
ATOM   950  C C   . GLU B 1 22 ? 12.245  0.221   8.165   1.00 33.36 ? 22  GLU B C   1 
ATOM   951  O O   . GLU B 1 22 ? 13.153  0.328   8.904   1.00 30.15 ? 22  GLU B O   1 
ATOM   952  C CB  . GLU B 1 22 ? 12.854  0.680   5.718   1.00 30.54 ? 22  GLU B CB  1 
ATOM   953  C CG  . GLU B 1 22 ? 13.387  0.069   4.435   1.00 30.27 ? 22  GLU B CG  1 
ATOM   954  C CD  . GLU B 1 22 ? 13.802  1.053   3.369   1.00 30.05 ? 22  GLU B CD  1 
ATOM   955  O OE1 . GLU B 1 22 ? 13.224  2.097   3.263   1.00 30.67 ? 22  GLU B OE1 1 
ATOM   956  O OE2 . GLU B 1 22 ? 14.698  0.745   2.625   1.00 31.19 ? 22  GLU B OE2 1 
ATOM   957  N N   . ALA B 1 23 ? 11.016  0.542   8.514   1.00 30.47 ? 23  ALA B N   1 
ATOM   958  C CA  . ALA B 1 23 ? 10.679  1.080   9.818   1.00 32.91 ? 23  ALA B CA  1 
ATOM   959  C C   . ALA B 1 23 ? 10.320  0.028   10.820  1.00 32.61 ? 23  ALA B C   1 
ATOM   960  O O   . ALA B 1 23 ? 9.930   0.339   11.894  1.00 33.54 ? 23  ALA B O   1 
ATOM   961  C CB  . ALA B 1 23 ? 9.572   2.096   9.732   1.00 35.68 ? 23  ALA B CB  1 
ATOM   962  N N   . GLY B 1 24 ? 10.427  -1.217  10.428  1.00 28.09 ? 24  GLY B N   1 
ATOM   963  C CA  . GLY B 1 24 ? 10.174  -2.333  11.284  1.00 28.85 ? 24  GLY B CA  1 
ATOM   964  C C   . GLY B 1 24 ? 8.737   -2.771  11.433  1.00 34.42 ? 24  GLY B C   1 
ATOM   965  O O   . GLY B 1 24 ? 8.482   -3.738  12.083  1.00 31.98 ? 24  GLY B O   1 
ATOM   966  N N   . ARG B 1 25 ? 7.815   -2.055  10.821  1.00 31.02 ? 25  ARG B N   1 
ATOM   967  C CA  . ARG B 1 25 ? 6.414   -2.377  10.888  1.00 31.81 ? 25  ARG B CA  1 
ATOM   968  C C   . ARG B 1 25 ? 5.963   -3.678  10.232  1.00 35.71 ? 25  ARG B C   1 
ATOM   969  O O   . ARG B 1 25 ? 4.890   -4.135  10.508  1.00 36.83 ? 25  ARG B O   1 
ATOM   970  C CB  . ARG B 1 25 ? 5.517   -1.242  10.397  1.00 31.25 ? 25  ARG B CB  1 
ATOM   971  C CG  . ARG B 1 25 ? 6.022   0.157   10.602  1.00 32.87 ? 25  ARG B CG  1 
ATOM   972  C CD  . ARG B 1 25 ? 4.937   1.192   10.484  1.00 33.44 ? 25  ARG B CD  1 
ATOM   973  N NE  . ARG B 1 25 ? 4.760   1.780   11.764  1.00 40.51 ? 25  ARG B NE  1 
ATOM   974  C CZ  . ARG B 1 25 ? 5.720   2.392   12.424  1.00 37.58 ? 25  ARG B CZ  1 
ATOM   975  N NH1 . ARG B 1 25 ? 6.879   2.561   11.892  1.00 35.37 ? 25  ARG B NH1 1 
ATOM   976  N NH2 . ARG B 1 25 ? 5.502   2.853   13.603  1.00 45.74 ? 25  ARG B NH2 1 
ATOM   977  N N   . VAL B 1 26 ? 6.721   -4.195  9.299   1.00 35.28 ? 26  VAL B N   1 
ATOM   978  C CA  . VAL B 1 26 ? 6.318   -5.388  8.618   1.00 31.02 ? 26  VAL B CA  1 
ATOM   979  C C   . VAL B 1 26 ? 7.461   -6.346  8.436   1.00 31.87 ? 26  VAL B C   1 
ATOM   980  O O   . VAL B 1 26 ? 8.507   -5.967  8.055   1.00 36.05 ? 26  VAL B O   1 
ATOM   981  C CB  . VAL B 1 26 ? 5.647   -5.099  7.269   1.00 34.00 ? 26  VAL B CB  1 
ATOM   982  C CG1 . VAL B 1 26 ? 4.280   -4.500  7.446   1.00 36.05 ? 26  VAL B CG1 1 
ATOM   983  C CG2 . VAL B 1 26 ? 6.490   -4.212  6.428   1.00 30.29 ? 26  VAL B CG2 1 
ATOM   984  N N   . ASP B 1 27 ? 7.195   -7.608  8.689   1.00 38.44 ? 27  ASP B N   1 
ATOM   985  C CA  . ASP B 1 27 ? 8.144   -8.705  8.577   1.00 35.24 ? 27  ASP B CA  1 
ATOM   986  C C   . ASP B 1 27 ? 8.093   -9.352  7.190   1.00 35.63 ? 27  ASP B C   1 
ATOM   987  O O   . ASP B 1 27 ? 7.121   -9.901  6.794   1.00 34.38 ? 27  ASP B O   1 
ATOM   988  C CB  . ASP B 1 27 ? 7.855   -9.752  9.661   1.00 39.82 ? 27  ASP B CB  1 
ATOM   989  C CG  . ASP B 1 27 ? 8.967   -10.778 9.833   1.00 42.41 ? 27  ASP B CG  1 
ATOM   990  O OD1 . ASP B 1 27 ? 9.811   -10.964 8.971   1.00 35.51 ? 27  ASP B OD1 1 
ATOM   991  O OD2 . ASP B 1 27 ? 8.960   -11.408 10.867  1.00 44.65 ? 27  ASP B OD2 1 
ATOM   992  N N   . PRO B 1 28 ? 9.193   -9.329  6.468   1.00 33.43 ? 28  PRO B N   1 
ATOM   993  C CA  . PRO B 1 28 ? 9.234   -9.852  5.104   1.00 33.74 ? 28  PRO B CA  1 
ATOM   994  C C   . PRO B 1 28 ? 8.934   -11.357 4.985   1.00 36.55 ? 28  PRO B C   1 
ATOM   995  O O   . PRO B 1 28 ? 8.433   -11.827 3.996   1.00 33.34 ? 28  PRO B O   1 
ATOM   996  C CB  . PRO B 1 28 ? 10.635  -9.537  4.659   1.00 35.71 ? 28  PRO B CB  1 
ATOM   997  C CG  . PRO B 1 28 ? 11.037  -8.417  5.490   1.00 29.80 ? 28  PRO B CG  1 
ATOM   998  C CD  . PRO B 1 28 ? 10.436  -8.654  6.806   1.00 31.78 ? 28  PRO B CD  1 
ATOM   999  N N   . VAL B 1 29 ? 9.230   -12.082 6.025   1.00 36.23 ? 29  VAL B N   1 
ATOM   1000 C CA  . VAL B 1 29 ? 9.048   -13.495 5.999   1.00 38.60 ? 29  VAL B CA  1 
ATOM   1001 C C   . VAL B 1 29 ? 7.571   -13.769 5.781   1.00 38.09 ? 29  VAL B C   1 
ATOM   1002 O O   . VAL B 1 29 ? 7.224   -14.675 5.119   1.00 36.63 ? 29  VAL B O   1 
ATOM   1003 C CB  . VAL B 1 29 ? 9.618   -14.163 7.250   1.00 36.72 ? 29  VAL B CB  1 
ATOM   1004 C CG1 . VAL B 1 29 ? 8.747   -13.931 8.433   1.00 39.57 ? 29  VAL B CG1 1 
ATOM   1005 C CG2 . VAL B 1 29 ? 9.836   -15.623 7.023   1.00 35.87 ? 29  VAL B CG2 1 
ATOM   1006 N N   . GLU B 1 30 ? 6.723   -12.888 6.273   1.00 37.41 ? 30  GLU B N   1 
ATOM   1007 C CA  . GLU B 1 30 ? 5.295   -13.063 6.201   1.00 32.60 ? 30  GLU B CA  1 
ATOM   1008 C C   . GLU B 1 30 ? 4.770   -13.015 4.765   1.00 35.39 ? 30  GLU B C   1 
ATOM   1009 O O   . GLU B 1 30 ? 3.632   -13.207 4.563   1.00 34.81 ? 30  GLU B O   1 
ATOM   1010 C CB  . GLU B 1 30 ? 4.581   -12.018 7.026   1.00 36.66 ? 30  GLU B CB  1 
ATOM   1011 C CG  . GLU B 1 30 ? 4.989   -11.959 8.475   1.00 35.13 ? 30  GLU B CG  1 
ATOM   1012 C CD  . GLU B 1 30 ? 4.526   -13.143 9.284   1.00 41.44 ? 30  GLU B CD  1 
ATOM   1013 O OE1 . GLU B 1 30 ? 3.680   -13.893 8.830   1.00 38.22 ? 30  GLU B OE1 1 
ATOM   1014 O OE2 . GLU B 1 30 ? 5.050   -13.307 10.372  1.00 48.96 ? 30  GLU B OE2 1 
ATOM   1015 N N   . TYR B 1 31 ? 5.638   -12.727 3.812   1.00 33.13 ? 31  TYR B N   1 
ATOM   1016 C CA  . TYR B 1 31 ? 5.281   -12.532 2.426   1.00 35.51 ? 31  TYR B CA  1 
ATOM   1017 C C   . TYR B 1 31 ? 5.705   -13.662 1.490   1.00 34.19 ? 31  TYR B C   1 
ATOM   1018 O O   . TYR B 1 31 ? 5.845   -13.503 0.316   1.00 26.38 ? 31  TYR B O   1 
ATOM   1019 C CB  . TYR B 1 31 ? 5.698   -11.156 1.949   1.00 32.67 ? 31  TYR B CB  1 
ATOM   1020 C CG  . TYR B 1 31 ? 4.895   -10.083 2.594   1.00 29.23 ? 31  TYR B CG  1 
ATOM   1021 C CD1 . TYR B 1 31 ? 5.083   -9.748  3.888   1.00 30.02 ? 31  TYR B CD1 1 
ATOM   1022 C CD2 . TYR B 1 31 ? 3.875   -9.478  1.927   1.00 35.26 ? 31  TYR B CD2 1 
ATOM   1023 C CE1 . TYR B 1 31 ? 4.317   -8.780  4.500   1.00 30.14 ? 31  TYR B CE1 1 
ATOM   1024 C CE2 . TYR B 1 31 ? 3.101   -8.509  2.520   1.00 34.11 ? 31  TYR B CE2 1 
ATOM   1025 C CZ  . TYR B 1 31 ? 3.322   -8.163  3.815   1.00 30.56 ? 31  TYR B CZ  1 
ATOM   1026 O OH  . TYR B 1 31 ? 2.537   -7.210  4.368   1.00 31.12 ? 31  TYR B OH  1 
ATOM   1027 N N   . ASP B 1 32 ? 5.919   -14.805 2.089   1.00 31.24 ? 32  ASP B N   1 
ATOM   1028 C CA  . ASP B 1 32 ? 6.409   -15.944 1.373   1.00 35.00 ? 32  ASP B CA  1 
ATOM   1029 C C   . ASP B 1 32 ? 5.316   -16.698 0.698   1.00 36.86 ? 32  ASP B C   1 
ATOM   1030 O O   . ASP B 1 32 ? 5.554   -17.638 0.007   1.00 33.23 ? 32  ASP B O   1 
ATOM   1031 C CB  . ASP B 1 32 ? 7.212   -16.853 2.281   1.00 34.52 ? 32  ASP B CB  1 
ATOM   1032 C CG  . ASP B 1 32 ? 8.669   -16.790 2.016   1.00 36.77 ? 32  ASP B CG  1 
ATOM   1033 O OD1 . ASP B 1 32 ? 9.107   -15.911 1.319   1.00 35.37 ? 32  ASP B OD1 1 
ATOM   1034 O OD2 . ASP B 1 32 ? 9.386   -17.623 2.520   1.00 38.39 ? 32  ASP B OD2 1 
ATOM   1035 N N   . ASP B 1 33 ? 4.112   -16.256 0.933   1.00 34.87 ? 33  ASP B N   1 
ATOM   1036 C CA  . ASP B 1 33 ? 2.982   -16.892 0.385   1.00 39.03 ? 33  ASP B CA  1 
ATOM   1037 C C   . ASP B 1 33 ? 1.845   -15.931 0.320   1.00 35.15 ? 33  ASP B C   1 
ATOM   1038 O O   . ASP B 1 33 ? 1.858   -14.944 0.965   1.00 34.21 ? 33  ASP B O   1 
ATOM   1039 C CB  . ASP B 1 33 ? 2.622   -18.085 1.222   1.00 36.23 ? 33  ASP B CB  1 
ATOM   1040 C CG  . ASP B 1 33 ? 2.378   -17.733 2.641   1.00 43.88 ? 33  ASP B CG  1 
ATOM   1041 O OD1 . ASP B 1 33 ? 2.041   -16.605 2.926   1.00 42.19 ? 33  ASP B OD1 1 
ATOM   1042 O OD2 . ASP B 1 33 ? 2.516   -18.602 3.492   1.00 50.18 ? 33  ASP B OD2 1 
ATOM   1043 N N   . ILE B 1 34 ? 0.858   -16.295 -0.458  1.00 34.11 ? 34  ILE B N   1 
ATOM   1044 C CA  . ILE B 1 34 ? -0.373  -15.590 -0.564  1.00 33.62 ? 34  ILE B CA  1 
ATOM   1045 C C   . ILE B 1 34 ? -1.522  -16.570 -0.335  1.00 39.96 ? 34  ILE B C   1 
ATOM   1046 O O   . ILE B 1 34 ? -1.302  -17.750 -0.223  1.00 36.30 ? 34  ILE B O   1 
ATOM   1047 C CB  . ILE B 1 34 ? -0.465  -14.843 -1.897  1.00 33.23 ? 34  ILE B CB  1 
ATOM   1048 C CG1 . ILE B 1 34 ? -1.608  -13.862 -1.911  1.00 27.34 ? 34  ILE B CG1 1 
ATOM   1049 C CG2 . ILE B 1 34 ? -0.515  -15.793 -3.064  1.00 34.78 ? 34  ILE B CG2 1 
ATOM   1050 C CD1 . ILE B 1 34 ? -1.371  -12.791 -2.909  1.00 27.24 ? 34  ILE B CD1 1 
ATOM   1051 N N   . SER B 1 35 ? -2.724  -16.041 -0.219  1.00 36.61 ? 35  SER B N   1 
ATOM   1052 C CA  . SER B 1 35 ? -3.929  -16.815 -0.066  1.00 42.78 ? 35  SER B CA  1 
ATOM   1053 C C   . SER B 1 35 ? -4.867  -16.602 -1.212  1.00 41.95 ? 35  SER B C   1 
ATOM   1054 O O   . SER B 1 35 ? -4.966  -15.545 -1.768  1.00 36.19 ? 35  SER B O   1 
ATOM   1055 C CB  . SER B 1 35 ? -4.670  -16.502 1.237   1.00 36.56 ? 35  SER B CB  1 
ATOM   1056 O OG  . SER B 1 35 ? -5.374  -15.312 1.213   1.00 35.05 ? 35  SER B OG  1 
ATOM   1057 N N   . ASP B 1 36 ? -5.598  -17.642 -1.523  1.00 40.00 ? 36  ASP B N   1 
ATOM   1058 C CA  . ASP B 1 36 ? -6.461  -17.622 -2.643  1.00 40.46 ? 36  ASP B CA  1 
ATOM   1059 C C   . ASP B 1 36 ? -7.455  -16.487 -2.384  1.00 38.10 ? 36  ASP B C   1 
ATOM   1060 O O   . ASP B 1 36 ? -7.849  -15.818 -3.297  1.00 36.67 ? 36  ASP B O   1 
ATOM   1061 C CB  . ASP B 1 36 ? -7.136  -18.987 -2.841  1.00 44.60 ? 36  ASP B CB  1 
ATOM   1062 C CG  . ASP B 1 36 ? -6.145  -20.132 -3.168  1.00 51.44 ? 36  ASP B CG  1 
ATOM   1063 O OD1 . ASP B 1 36 ? -4.994  -19.893 -3.493  1.00 43.36 ? 36  ASP B OD1 1 
ATOM   1064 O OD2 . ASP B 1 36 ? -6.550  -21.294 -3.107  1.00 52.19 ? 36  ASP B OD2 1 
ATOM   1065 N N   . GLU B 1 37 ? -7.843  -16.285 -1.148  1.00 38.28 ? 37  GLU B N   1 
ATOM   1066 C CA  . GLU B 1 37 ? -8.760  -15.201 -0.882  1.00 36.62 ? 37  GLU B CA  1 
ATOM   1067 C C   . GLU B 1 37 ? -8.163  -13.869 -1.165  1.00 39.21 ? 37  GLU B C   1 
ATOM   1068 O O   . GLU B 1 37 ? -8.823  -13.029 -1.651  1.00 36.19 ? 37  GLU B O   1 
ATOM   1069 C CB  . GLU B 1 37 ? -9.408  -15.236 0.501   1.00 45.05 ? 37  GLU B CB  1 
ATOM   1070 C CG  . GLU B 1 37 ? -10.390 -14.104 0.797   1.00 41.74 ? 37  GLU B CG  1 
ATOM   1071 C CD  . GLU B 1 37 ? -11.550 -13.982 -0.167  1.00 41.88 ? 37  GLU B CD  1 
ATOM   1072 O OE1 . GLU B 1 37 ? -11.717 -14.861 -0.973  1.00 46.05 ? 37  GLU B OE1 1 
ATOM   1073 O OE2 . GLU B 1 37 ? -12.292 -13.019 -0.123  1.00 40.59 ? 37  GLU B OE2 1 
ATOM   1074 N N   . GLU B 1 38 ? -6.910  -13.690 -0.830  1.00 37.26 ? 38  GLU B N   1 
ATOM   1075 C CA  . GLU B 1 38 ? -6.249  -12.446 -1.045  1.00 34.07 ? 38  GLU B CA  1 
ATOM   1076 C C   . GLU B 1 38 ? -6.179  -12.163 -2.519  1.00 39.03 ? 38  GLU B C   1 
ATOM   1077 O O   . GLU B 1 38 ? -6.431  -11.061 -2.969  1.00 34.53 ? 38  GLU B O   1 
ATOM   1078 C CB  . GLU B 1 38 ? -4.852  -12.517 -0.497  1.00 36.64 ? 38  GLU B CB  1 
ATOM   1079 C CG  . GLU B 1 38 ? -4.667  -11.994 0.898   1.00 38.97 ? 38  GLU B CG  1 
ATOM   1080 C CD  . GLU B 1 38 ? -3.247  -12.083 1.353   1.00 36.45 ? 38  GLU B CD  1 
ATOM   1081 O OE1 . GLU B 1 38 ? -2.724  -13.178 1.422   1.00 38.68 ? 38  GLU B OE1 1 
ATOM   1082 O OE2 . GLU B 1 38 ? -2.679  -11.071 1.634   1.00 38.75 ? 38  GLU B OE2 1 
ATOM   1083 N N   . ILE B 1 39 ? -5.879  -13.189 -3.272  1.00 33.42 ? 39  ILE B N   1 
ATOM   1084 C CA  . ILE B 1 39 ? -5.787  -13.025 -4.675  1.00 31.19 ? 39  ILE B CA  1 
ATOM   1085 C C   . ILE B 1 39 ? -7.125  -12.557 -5.215  1.00 32.58 ? 39  ILE B C   1 
ATOM   1086 O O   . ILE B 1 39 ? -7.165  -11.666 -6.002  1.00 31.05 ? 39  ILE B O   1 
ATOM   1087 C CB  . ILE B 1 39 ? -5.274  -14.293 -5.377  1.00 33.94 ? 39  ILE B CB  1 
ATOM   1088 C CG1 . ILE B 1 39 ? -3.859  -14.598 -4.953  1.00 33.26 ? 39  ILE B CG1 1 
ATOM   1089 C CG2 . ILE B 1 39 ? -5.279  -14.116 -6.867  1.00 36.15 ? 39  ILE B CG2 1 
ATOM   1090 C CD1 . ILE B 1 39 ? -3.438  -16.005 -5.158  1.00 36.32 ? 39  ILE B CD1 1 
ATOM   1091 N N   . TYR B 1 40 ? -8.208  -13.101 -4.704  1.00 35.53 ? 40  TYR B N   1 
ATOM   1092 C CA  . TYR B 1 40 ? -9.516  -12.668 -5.178  1.00 38.54 ? 40  TYR B CA  1 
ATOM   1093 C C   . TYR B 1 40 ? -9.760  -11.204 -4.913  1.00 35.68 ? 40  TYR B C   1 
ATOM   1094 O O   . TYR B 1 40 ? -10.250 -10.506 -5.738  1.00 40.96 ? 40  TYR B O   1 
ATOM   1095 C CB  . TYR B 1 40 ? -10.654 -13.500 -4.617  1.00 37.43 ? 40  TYR B CB  1 
ATOM   1096 C CG  . TYR B 1 40 ? -11.979 -13.296 -5.345  1.00 39.23 ? 40  TYR B CG  1 
ATOM   1097 C CD1 . TYR B 1 40 ? -12.813 -12.255 -5.040  1.00 41.33 ? 40  TYR B CD1 1 
ATOM   1098 C CD2 . TYR B 1 40 ? -12.369 -14.139 -6.347  1.00 42.07 ? 40  TYR B CD2 1 
ATOM   1099 C CE1 . TYR B 1 40 ? -14.002 -12.066 -5.699  1.00 44.21 ? 40  TYR B CE1 1 
ATOM   1100 C CE2 . TYR B 1 40 ? -13.560 -13.959 -7.009  1.00 45.45 ? 40  TYR B CE2 1 
ATOM   1101 C CZ  . TYR B 1 40 ? -14.368 -12.910 -6.675  1.00 44.85 ? 40  TYR B CZ  1 
ATOM   1102 O OH  . TYR B 1 40 ? -15.534 -12.739 -7.334  1.00 52.97 ? 40  TYR B OH  1 
ATOM   1103 N N   . GLU B 1 41 ? -9.379  -10.739 -3.750  1.00 38.22 ? 41  GLU B N   1 
ATOM   1104 C CA  . GLU B 1 41 ? -9.516  -9.352  -3.407  1.00 36.90 ? 41  GLU B CA  1 
ATOM   1105 C C   . GLU B 1 41 ? -8.681  -8.400  -4.237  1.00 32.83 ? 41  GLU B C   1 
ATOM   1106 O O   . GLU B 1 41 ? -9.008  -7.288  -4.355  1.00 29.88 ? 41  GLU B O   1 
ATOM   1107 C CB  . GLU B 1 41 ? -9.253  -9.129  -1.944  1.00 41.90 ? 41  GLU B CB  1 
ATOM   1108 C CG  . GLU B 1 41 ? -10.425 -9.447  -1.032  1.00 49.03 ? 41  GLU B CG  1 
ATOM   1109 C CD  . GLU B 1 41 ? -10.038 -10.275 0.164   1.00 46.34 ? 41  GLU B CD  1 
ATOM   1110 O OE1 . GLU B 1 41 ? -10.809 -10.389 1.102   1.00 49.48 ? 41  GLU B OE1 1 
ATOM   1111 O OE2 . GLU B 1 41 ? -8.954  -10.809 0.150   1.00 51.52 ? 41  GLU B OE2 1 
ATOM   1112 N N   . ILE B 1 42 ? -7.552  -8.860  -4.730  1.00 29.53 ? 42  ILE B N   1 
ATOM   1113 C CA  . ILE B 1 42 ? -6.662  -8.017  -5.484  1.00 30.68 ? 42  ILE B CA  1 
ATOM   1114 C C   . ILE B 1 42 ? -6.738  -8.214  -6.982  1.00 30.59 ? 42  ILE B C   1 
ATOM   1115 O O   . ILE B 1 42 ? -6.026  -7.617  -7.715  1.00 29.84 ? 42  ILE B O   1 
ATOM   1116 C CB  . ILE B 1 42 ? -5.212  -8.073  -4.963  1.00 34.63 ? 42  ILE B CB  1 
ATOM   1117 C CG1 . ILE B 1 42 ? -4.511  -9.335  -5.410  1.00 30.31 ? 42  ILE B CG1 1 
ATOM   1118 C CG2 . ILE B 1 42 ? -5.180  -7.913  -3.453  1.00 32.06 ? 42  ILE B CG2 1 
ATOM   1119 C CD1 . ILE B 1 42 ? -3.064  -9.358  -5.069  1.00 32.77 ? 42  ILE B CD1 1 
ATOM   1120 N N   . THR B 1 43 ? -7.656  -9.055  -7.372  1.00 29.54 ? 43  THR B N   1 
ATOM   1121 C CA  . THR B 1 43 ? -7.955  -9.354  -8.748  1.00 29.89 ? 43  THR B CA  1 
ATOM   1122 C C   . THR B 1 43 ? -9.431  -9.097  -9.124  1.00 31.69 ? 43  THR B C   1 
ATOM   1123 O O   . THR B 1 43 ? -9.745  -8.097  -9.704  1.00 30.02 ? 43  THR B O   1 
ATOM   1124 C CB  . THR B 1 43 ? -7.580  -10.798 -9.064  1.00 28.27 ? 43  THR B CB  1 
ATOM   1125 O OG1 . THR B 1 43 ? -8.144  -11.643 -8.091  1.00 31.04 ? 43  THR B OG1 1 
ATOM   1126 C CG2 . THR B 1 43 ? -6.106  -10.974 -9.007  1.00 27.94 ? 43  THR B CG2 1 
ATOM   1127 N N   . VAL B 1 44 ? -10.318 -10.021 -8.787  1.00 34.69 ? 44  VAL B N   1 
ATOM   1128 C CA  . VAL B 1 44 ? -11.720 -9.916  -9.165  1.00 34.68 ? 44  VAL B CA  1 
ATOM   1129 C C   . VAL B 1 44 ? -12.479 -8.732  -8.580  1.00 36.60 ? 44  VAL B C   1 
ATOM   1130 O O   . VAL B 1 44 ? -13.216 -8.095  -9.260  1.00 41.10 ? 44  VAL B O   1 
ATOM   1131 C CB  . VAL B 1 44 ? -12.495 -11.204 -8.875  1.00 35.69 ? 44  VAL B CB  1 
ATOM   1132 C CG1 . VAL B 1 44 ? -13.918 -11.081 -9.328  1.00 34.27 ? 44  VAL B CG1 1 
ATOM   1133 C CG2 . VAL B 1 44 ? -11.854 -12.362 -9.578  1.00 35.44 ? 44  VAL B CG2 1 
ATOM   1134 N N   . ASP B 1 45 ? -12.264 -8.448  -7.316  1.00 39.63 ? 45  ASP B N   1 
ATOM   1135 C CA  . ASP B 1 45 ? -12.893 -7.329  -6.647  1.00 40.94 ? 45  ASP B CA  1 
ATOM   1136 C C   . ASP B 1 45 ? -12.436 -6.016  -7.243  1.00 43.10 ? 45  ASP B C   1 
ATOM   1137 O O   . ASP B 1 45 ? -13.065 -5.002  -7.076  1.00 40.17 ? 45  ASP B O   1 
ATOM   1138 C CB  . ASP B 1 45 ? -12.622 -7.364  -5.158  1.00 42.76 ? 45  ASP B CB  1 
ATOM   1139 C CG  . ASP B 1 45 ? -13.517 -8.282  -4.443  1.00 43.58 ? 45  ASP B CG  1 
ATOM   1140 O OD1 . ASP B 1 45 ? -14.611 -8.508  -4.922  1.00 43.23 ? 45  ASP B OD1 1 
ATOM   1141 O OD2 . ASP B 1 45 ? -13.128 -8.761  -3.399  1.00 41.43 ? 45  ASP B OD2 1 
ATOM   1142 N N   . VAL B 1 46 ? -11.299 -6.050  -7.902  1.00 35.90 ? 46  VAL B N   1 
ATOM   1143 C CA  . VAL B 1 46 ? -10.749 -4.860  -8.472  1.00 35.89 ? 46  VAL B CA  1 
ATOM   1144 C C   . VAL B 1 46 ? -10.941 -4.832  -9.962  1.00 34.62 ? 46  VAL B C   1 
ATOM   1145 O O   . VAL B 1 46 ? -10.399 -4.037  -10.644 1.00 40.86 ? 46  VAL B O   1 
ATOM   1146 C CB  . VAL B 1 46 ? -9.313  -4.592  -8.022  1.00 35.85 ? 46  VAL B CB  1 
ATOM   1147 C CG1 . VAL B 1 46 ? -9.307  -4.018  -6.630  1.00 33.11 ? 46  VAL B CG1 1 
ATOM   1148 C CG2 . VAL B 1 46 ? -8.517  -5.844  -8.017  1.00 34.41 ? 46  VAL B CG2 1 
ATOM   1149 N N   . GLY B 1 47 ? -11.796 -5.688  -10.436 1.00 39.49 ? 47  GLY B N   1 
ATOM   1150 C CA  . GLY B 1 47 ? -12.204 -5.666  -11.808 1.00 41.99 ? 47  GLY B CA  1 
ATOM   1151 C C   . GLY B 1 47 ? -11.614 -6.599  -12.828 1.00 40.37 ? 47  GLY B C   1 
ATOM   1152 O O   . GLY B 1 47 ? -12.022 -6.563  -13.946 1.00 33.56 ? 47  GLY B O   1 
ATOM   1153 N N   . VAL B 1 48 ? -10.675 -7.440  -12.436 1.00 38.93 ? 48  VAL B N   1 
ATOM   1154 C CA  . VAL B 1 48 ? -10.121 -8.398  -13.347 1.00 36.65 ? 48  VAL B CA  1 
ATOM   1155 C C   . VAL B 1 48 ? -11.240 -9.339  -13.685 1.00 39.88 ? 48  VAL B C   1 
ATOM   1156 O O   . VAL B 1 48 ? -11.839 -9.873  -12.806 1.00 39.42 ? 48  VAL B O   1 
ATOM   1157 C CB  . VAL B 1 48 ? -8.971  -9.202  -12.695 1.00 39.52 ? 48  VAL B CB  1 
ATOM   1158 C CG1 . VAL B 1 48 ? -8.619  -10.442 -13.480 1.00 33.06 ? 48  VAL B CG1 1 
ATOM   1159 C CG2 . VAL B 1 48 ? -7.765  -8.335  -12.482 1.00 36.73 ? 48  VAL B CG2 1 
ATOM   1160 N N   . SER B 1 49 ? -11.445 -9.609  -14.949 1.00 36.03 ? 49  SER B N   1 
ATOM   1161 C CA  . SER B 1 49 ? -12.541 -10.438 -15.334 1.00 38.28 ? 49  SER B CA  1 
ATOM   1162 C C   . SER B 1 49 ? -12.437 -11.732 -14.616 1.00 39.35 ? 49  SER B C   1 
ATOM   1163 O O   . SER B 1 49 ? -11.431 -12.309 -14.596 1.00 40.06 ? 49  SER B O   1 
ATOM   1164 C CB  . SER B 1 49 ? -12.412 -10.732 -16.786 1.00 44.81 ? 49  SER B CB  1 
ATOM   1165 O OG  . SER B 1 49 ? -11.255 -10.119 -17.320 1.00 52.63 ? 49  SER B OG  1 
ATOM   1166 N N   . SER B 1 50 ? -13.530 -12.210 -14.103 1.00 36.24 ? 50  SER B N   1 
ATOM   1167 C CA  . SER B 1 50 ? -13.570 -13.392 -13.314 1.00 42.12 ? 50  SER B CA  1 
ATOM   1168 C C   . SER B 1 50 ? -13.001 -14.554 -14.120 1.00 42.01 ? 50  SER B C   1 
ATOM   1169 O O   . SER B 1 50 ? -12.381 -15.407 -13.585 1.00 44.19 ? 50  SER B O   1 
ATOM   1170 C CB  . SER B 1 50 ? -14.991 -13.675 -12.856 1.00 38.44 ? 50  SER B CB  1 
ATOM   1171 O OG  . SER B 1 50 ? -15.605 -12.533 -12.349 1.00 47.84 ? 50  SER B OG  1 
ATOM   1172 N N   . GLU B 1 51 ? -13.120 -14.483 -15.423 1.00 44.36 ? 51  GLU B N   1 
ATOM   1173 C CA  . GLU B 1 51 ? -12.553 -15.452 -16.335 1.00 49.23 ? 51  GLU B CA  1 
ATOM   1174 C C   . GLU B 1 51 ? -11.033 -15.514 -16.189 1.00 49.76 ? 51  GLU B C   1 
ATOM   1175 O O   . GLU B 1 51 ? -10.391 -16.456 -16.614 1.00 47.12 ? 51  GLU B O   1 
ATOM   1176 C CB  . GLU B 1 51 ? -12.824 -15.014 -17.772 1.00 48.45 ? 51  GLU B CB  1 
ATOM   1177 C CG  . GLU B 1 51 ? -14.258 -15.047 -18.215 1.00 55.85 ? 51  GLU B CG  1 
ATOM   1178 C CD  . GLU B 1 51 ? -14.981 -13.754 -17.999 1.00 56.41 ? 51  GLU B CD  1 
ATOM   1179 O OE1 . GLU B 1 51 ? -15.558 -13.203 -18.945 1.00 61.92 ? 51  GLU B OE1 1 
ATOM   1180 O OE2 . GLU B 1 51 ? -14.992 -13.281 -16.877 1.00 59.35 ? 51  GLU B OE2 1 
ATOM   1181 N N   . ASP B 1 52 ? -10.454 -14.459 -15.671 1.00 44.11 ? 52  ASP B N   1 
ATOM   1182 C CA  . ASP B 1 52 ? -9.017  -14.335 -15.661 1.00 42.79 ? 52  ASP B CA  1 
ATOM   1183 C C   . ASP B 1 52 ? -8.259  -14.384 -14.357 1.00 37.79 ? 52  ASP B C   1 
ATOM   1184 O O   . ASP B 1 52 ? -7.091  -14.218 -14.379 1.00 35.34 ? 52  ASP B O   1 
ATOM   1185 C CB  . ASP B 1 52 ? -8.619  -13.079 -16.404 1.00 44.63 ? 52  ASP B CB  1 
ATOM   1186 C CG  . ASP B 1 52 ? -8.874  -13.153 -17.832 1.00 42.07 ? 52  ASP B CG  1 
ATOM   1187 O OD1 . ASP B 1 52 ? -8.975  -14.220 -18.355 1.00 49.23 ? 52  ASP B OD1 1 
ATOM   1188 O OD2 . ASP B 1 52 ? -8.933  -12.133 -18.465 1.00 49.25 ? 52  ASP B OD2 1 
ATOM   1189 N N   . GLN B 1 53 ? -8.918  -14.634 -13.245 1.00 40.92 ? 53  GLN B N   1 
ATOM   1190 C CA  . GLN B 1 53 ? -8.234  -14.597 -11.982 1.00 35.89 ? 53  GLN B CA  1 
ATOM   1191 C C   . GLN B 1 53 ? -7.139  -15.600 -11.993 1.00 36.57 ? 53  GLN B C   1 
ATOM   1192 O O   . GLN B 1 53 ? -6.106  -15.338 -11.502 1.00 43.13 ? 53  GLN B O   1 
ATOM   1193 C CB  . GLN B 1 53 ? -9.163  -14.913 -10.842 1.00 40.07 ? 53  GLN B CB  1 
ATOM   1194 C CG  . GLN B 1 53 ? -8.486  -15.191 -9.512  1.00 32.41 ? 53  GLN B CG  1 
ATOM   1195 C CD  . GLN B 1 53 ? -9.357  -15.975 -8.589  1.00 41.08 ? 53  GLN B CD  1 
ATOM   1196 O OE1 . GLN B 1 53 ? -10.439 -16.354 -8.944  1.00 44.26 ? 53  GLN B OE1 1 
ATOM   1197 N NE2 . GLN B 1 53 ? -8.878  -16.237 -7.420  1.00 38.57 ? 53  GLN B NE2 1 
ATOM   1198 N N   . GLU B 1 54 ? -7.377  -16.747 -12.568 1.00 39.00 ? 54  GLU B N   1 
ATOM   1199 C CA  . GLU B 1 54 ? -6.377  -17.784 -12.564 1.00 42.54 ? 54  GLU B CA  1 
ATOM   1200 C C   . GLU B 1 54 ? -5.099  -17.478 -13.326 1.00 38.63 ? 54  GLU B C   1 
ATOM   1201 O O   . GLU B 1 54 ? -4.052  -17.915 -12.914 1.00 38.36 ? 54  GLU B O   1 
ATOM   1202 C CB  . GLU B 1 54 ? -6.953  -19.114 -12.969 1.00 39.88 ? 54  GLU B CB  1 
ATOM   1203 C CG  . GLU B 1 54 ? -7.149  -20.102 -11.839 1.00 42.85 ? 54  GLU B CG  1 
ATOM   1204 C CD  . GLU B 1 54 ? -6.007  -20.202 -10.856 1.00 40.40 ? 54  GLU B CD  1 
ATOM   1205 O OE1 . GLU B 1 54 ? -4.901  -20.554 -11.256 1.00 36.14 ? 54  GLU B OE1 1 
ATOM   1206 O OE2 . GLU B 1 54 ? -6.264  -19.947 -9.687  1.00 39.78 ? 54  GLU B OE2 1 
ATOM   1207 N N   . LYS B 1 55 ? -5.202  -16.787 -14.443 1.00 36.08 ? 55  LYS B N   1 
ATOM   1208 C CA  . LYS B 1 55 ? -4.014  -16.444 -15.151 1.00 34.82 ? 55  LYS B CA  1 
ATOM   1209 C C   . LYS B 1 55 ? -3.205  -15.534 -14.272 1.00 36.66 ? 55  LYS B C   1 
ATOM   1210 O O   . LYS B 1 55 ? -2.072  -15.743 -14.066 1.00 33.08 ? 55  LYS B O   1 
ATOM   1211 C CB  . LYS B 1 55 ? -4.348  -15.720 -16.433 1.00 36.71 ? 55  LYS B CB  1 
ATOM   1212 C CG  . LYS B 1 55 ? -4.987  -16.547 -17.512 1.00 38.63 ? 55  LYS B CG  1 
ATOM   1213 C CD  . LYS B 1 55 ? -5.942  -15.727 -18.324 1.00 43.41 ? 55  LYS B CD  1 
ATOM   1214 C CE  . LYS B 1 55 ? -6.552  -16.472 -19.498 1.00 46.40 ? 55  LYS B CE  1 
ATOM   1215 N NZ  . LYS B 1 55 ? -7.736  -17.263 -19.164 1.00 46.40 ? 55  LYS B NZ  1 
ATOM   1216 N N   . VAL B 1 56 ? -3.845  -14.515 -13.737 1.00 37.31 ? 56  VAL B N   1 
ATOM   1217 C CA  . VAL B 1 56 ? -3.197  -13.566 -12.858 1.00 38.74 ? 56  VAL B CA  1 
ATOM   1218 C C   . VAL B 1 56 ? -2.696  -14.218 -11.600 1.00 36.39 ? 56  VAL B C   1 
ATOM   1219 O O   . VAL B 1 56 ? -1.618  -13.968 -11.202 1.00 35.48 ? 56  VAL B O   1 
ATOM   1220 C CB  . VAL B 1 56 ? -4.124  -12.410 -12.465 1.00 32.94 ? 56  VAL B CB  1 
ATOM   1221 C CG1 . VAL B 1 56 ? -3.431  -11.461 -11.523 1.00 32.40 ? 56  VAL B CG1 1 
ATOM   1222 C CG2 . VAL B 1 56 ? -4.560  -11.693 -13.680 1.00 38.63 ? 56  VAL B CG2 1 
ATOM   1223 N N   . ALA B 1 57 ? -3.493  -15.086 -11.009 1.00 37.74 ? 57  ALA B N   1 
ATOM   1224 C CA  . ALA B 1 57 ? -3.073  -15.768 -9.811  1.00 35.60 ? 57  ALA B CA  1 
ATOM   1225 C C   . ALA B 1 57 ? -1.836  -16.636 -10.025 1.00 36.61 ? 57  ALA B C   1 
ATOM   1226 O O   . ALA B 1 57 ? -0.912  -16.609 -9.247  1.00 32.14 ? 57  ALA B O   1 
ATOM   1227 C CB  . ALA B 1 57 ? -4.186  -16.601 -9.301  1.00 37.75 ? 57  ALA B CB  1 
ATOM   1228 N N   . LYS B 1 58 ? -1.816  -17.351 -11.127 1.00 34.77 ? 58  LYS B N   1 
ATOM   1229 C CA  . LYS B 1 58 ? -0.690  -18.174 -11.403 1.00 33.33 ? 58  LYS B CA  1 
ATOM   1230 C C   . LYS B 1 58 ? 0.524   -17.252 -11.479 1.00 36.24 ? 58  LYS B C   1 
ATOM   1231 O O   . LYS B 1 58 ? 1.541   -17.588 -11.003 1.00 29.99 ? 58  LYS B O   1 
ATOM   1232 C CB  . LYS B 1 58 ? -0.911  -19.015 -12.669 1.00 40.74 ? 58  LYS B CB  1 
ATOM   1233 C CG  . LYS B 1 58 ? 0.324   -19.300 -13.458 1.00 40.16 ? 58  LYS B CG  1 
ATOM   1234 C CD  . LYS B 1 58 ? 0.104   -20.321 -14.535 1.00 38.27 ? 58  LYS B CD  1 
ATOM   1235 C CE  . LYS B 1 58 ? 1.273   -21.264 -14.590 1.00 40.28 ? 58  LYS B CE  1 
ATOM   1236 N NZ  . LYS B 1 58 ? 2.479   -20.695 -15.213 1.00 38.85 ? 58  LYS B NZ  1 
ATOM   1237 N N   . ILE B 1 59 ? 0.344   -16.073 -12.052 1.00 34.26 ? 59  ILE B N   1 
ATOM   1238 C CA  . ILE B 1 59 ? 1.400   -15.083 -12.131 1.00 37.65 ? 59  ILE B CA  1 
ATOM   1239 C C   . ILE B 1 59 ? 1.847   -14.584 -10.773 1.00 37.01 ? 59  ILE B C   1 
ATOM   1240 O O   . ILE B 1 59 ? 2.981   -14.374 -10.563 1.00 30.84 ? 59  ILE B O   1 
ATOM   1241 C CB  . ILE B 1 59 ? 0.981   -13.809 -12.931 1.00 39.34 ? 59  ILE B CB  1 
ATOM   1242 C CG1 . ILE B 1 59 ? 0.699   -14.110 -14.369 1.00 39.63 ? 59  ILE B CG1 1 
ATOM   1243 C CG2 . ILE B 1 59 ? 2.058   -12.725 -12.911 1.00 36.43 ? 59  ILE B CG2 1 
ATOM   1244 C CD1 . ILE B 1 59 ? 1.894   -14.638 -15.056 1.00 43.66 ? 59  ILE B CD1 1 
ATOM   1245 N N   . ILE B 1 60 ? 0.899   -14.252 -9.938  1.00 37.08 ? 60  ILE B N   1 
ATOM   1246 C CA  . ILE B 1 60 ? 1.193   -13.800 -8.609  1.00 36.93 ? 60  ILE B CA  1 
ATOM   1247 C C   . ILE B 1 60 ? 1.831   -14.912 -7.797  1.00 38.30 ? 60  ILE B C   1 
ATOM   1248 O O   . ILE B 1 60 ? 2.831   -14.715 -7.194  1.00 37.77 ? 60  ILE B O   1 
ATOM   1249 C CB  . ILE B 1 60 ? -0.104  -13.313 -7.931  1.00 37.38 ? 60  ILE B CB  1 
ATOM   1250 C CG1 . ILE B 1 60 ? -0.587  -12.040 -8.577  1.00 35.67 ? 60  ILE B CG1 1 
ATOM   1251 C CG2 . ILE B 1 60 ? 0.015   -13.187 -6.434  1.00 37.23 ? 60  ILE B CG2 1 
ATOM   1252 C CD1 . ILE B 1 60 ? -2.070  -11.932 -8.506  1.00 41.78 ? 60  ILE B CD1 1 
ATOM   1253 N N   . ARG B 1 61 ? 1.245   -16.091 -7.830  1.00 38.09 ? 61  ARG B N   1 
ATOM   1254 C CA  . ARG B 1 61 ? 1.797   -17.202 -7.103  1.00 37.61 ? 61  ARG B CA  1 
ATOM   1255 C C   . ARG B 1 61 ? 3.228   -17.514 -7.576  1.00 40.50 ? 61  ARG B C   1 
ATOM   1256 O O   . ARG B 1 61 ? 4.014   -17.878 -6.775  1.00 42.18 ? 61  ARG B O   1 
ATOM   1257 C CB  . ARG B 1 61 ? 0.920   -18.443 -7.204  1.00 36.47 ? 61  ARG B CB  1 
ATOM   1258 C CG  . ARG B 1 61 ? -0.400  -18.423 -6.466  1.00 32.81 ? 61  ARG B CG  1 
ATOM   1259 C CD  . ARG B 1 61 ? -1.004  -19.812 -6.291  1.00 33.93 ? 61  ARG B CD  1 
ATOM   1260 N NE  . ARG B 1 61 ? -2.459  -19.850 -6.209  1.00 34.44 ? 61  ARG B NE  1 
ATOM   1261 C CZ  . ARG B 1 61 ? -3.269  -20.115 -7.223  1.00 33.76 ? 61  ARG B CZ  1 
ATOM   1262 N NH1 . ARG B 1 61 ? -2.793  -20.373 -8.412  1.00 30.45 ? 61  ARG B NH1 1 
ATOM   1263 N NH2 . ARG B 1 61 ? -4.554  -20.085 -7.052  1.00 33.10 ? 61  ARG B NH2 1 
ATOM   1264 N N   . GLU B 1 62 ? 3.544   -17.382 -8.861  1.00 37.32 ? 62  GLU B N   1 
ATOM   1265 C CA  . GLU B 1 62 ? 4.915   -17.590 -9.341  1.00 41.68 ? 62  GLU B CA  1 
ATOM   1266 C C   . GLU B 1 62 ? 5.938   -16.615 -8.833  1.00 41.62 ? 62  GLU B C   1 
ATOM   1267 O O   . GLU B 1 62 ? 7.022   -16.978 -8.551  1.00 34.51 ? 62  GLU B O   1 
ATOM   1268 C CB  . GLU B 1 62 ? 5.005   -17.567 -10.858 1.00 41.93 ? 62  GLU B CB  1 
ATOM   1269 C CG  . GLU B 1 62 ? 4.619   -18.852 -11.510 1.00 47.54 ? 62  GLU B CG  1 
ATOM   1270 C CD  . GLU B 1 62 ? 4.286   -18.693 -12.979 1.00 49.94 ? 62  GLU B CD  1 
ATOM   1271 O OE1 . GLU B 1 62 ? 3.815   -19.636 -13.597 1.00 54.75 ? 62  GLU B OE1 1 
ATOM   1272 O OE2 . GLU B 1 62 ? 4.503   -17.613 -13.514 1.00 57.92 ? 62  GLU B OE2 1 
ATOM   1273 N N   . CYS B 1 63 ? 5.594   -15.348 -8.844  1.00 36.25 ? 63  CYS B N   1 
ATOM   1274 C CA  . CYS B 1 63 ? 6.478   -14.307 -8.363  1.00 37.70 ? 63  CYS B CA  1 
ATOM   1275 C C   . CYS B 1 63 ? 6.754   -14.355 -6.847  1.00 35.63 ? 63  CYS B C   1 
ATOM   1276 O O   . CYS B 1 63 ? 7.830   -14.176 -6.437  1.00 30.58 ? 63  CYS B O   1 
ATOM   1277 C CB  . CYS B 1 63 ? 6.005   -12.959 -8.848  1.00 33.50 ? 63  CYS B CB  1 
ATOM   1278 S SG  . CYS B 1 63 ? 6.043   -12.720 -10.622 1.00 30.22 ? 63  CYS B SG  1 
ATOM   1279 N N   . ILE B 1 64 ? 5.744   -14.625 -6.054  1.00 34.24 ? 64  ILE B N   1 
ATOM   1280 C CA  . ILE B 1 64 ? 5.932   -14.818 -4.644  1.00 32.04 ? 64  ILE B CA  1 
ATOM   1281 C C   . ILE B 1 64 ? 6.811   -16.038 -4.409  1.00 35.41 ? 64  ILE B C   1 
ATOM   1282 O O   . ILE B 1 64 ? 7.722   -15.990 -3.654  1.00 34.68 ? 64  ILE B O   1 
ATOM   1283 C CB  . ILE B 1 64 ? 4.591   -14.940 -3.902  1.00 37.99 ? 64  ILE B CB  1 
ATOM   1284 C CG1 . ILE B 1 64 ? 3.815   -13.639 -3.991  1.00 35.09 ? 64  ILE B CG1 1 
ATOM   1285 C CG2 . ILE B 1 64 ? 4.800   -15.248 -2.464  1.00 30.04 ? 64  ILE B CG2 1 
ATOM   1286 C CD1 . ILE B 1 64 ? 2.347   -13.770 -4.045  1.00 32.26 ? 64  ILE B CD1 1 
ATOM   1287 N N   . ALA B 1 65 ? 6.547   -17.110 -5.133  1.00 37.09 ? 65  ALA B N   1 
ATOM   1288 C CA  . ALA B 1 65 ? 7.353   -18.316 -5.059  1.00 38.98 ? 65  ALA B CA  1 
ATOM   1289 C C   . ALA B 1 65 ? 8.795   -18.191 -5.485  1.00 36.39 ? 65  ALA B C   1 
ATOM   1290 O O   . ALA B 1 65 ? 9.605   -18.770 -4.892  1.00 34.07 ? 65  ALA B O   1 
ATOM   1291 C CB  . ALA B 1 65 ? 6.701   -19.463 -5.799  1.00 35.88 ? 65  ALA B CB  1 
ATOM   1292 N N   . GLN B 1 66 ? 9.056   -17.465 -6.557  1.00 38.44 ? 66  GLN B N   1 
ATOM   1293 C CA  . GLN B 1 66 ? 10.381  -17.175 -7.079  1.00 35.84 ? 66  GLN B CA  1 
ATOM   1294 C C   . GLN B 1 66 ? 11.229  -16.299 -6.210  1.00 38.73 ? 66  GLN B C   1 
ATOM   1295 O O   . GLN B 1 66 ? 12.408  -16.444 -6.210  1.00 35.10 ? 66  GLN B O   1 
ATOM   1296 C CB  . GLN B 1 66 ? 10.315  -16.509 -8.426  1.00 39.11 ? 66  GLN B CB  1 
ATOM   1297 C CG  . GLN B 1 66 ? 9.721   -17.344 -9.507  1.00 39.76 ? 66  GLN B CG  1 
ATOM   1298 C CD  . GLN B 1 66 ? 9.460   -16.574 -10.774 1.00 45.23 ? 66  GLN B CD  1 
ATOM   1299 O OE1 . GLN B 1 66 ? 10.024  -15.531 -11.016 1.00 41.22 ? 66  GLN B OE1 1 
ATOM   1300 N NE2 . GLN B 1 66 ? 8.613   -17.120 -11.592 1.00 40.78 ? 66  GLN B NE2 1 
ATOM   1301 N N   . VAL B 1 67 ? 10.620  -15.345 -5.525  1.00 35.54 ? 67  VAL B N   1 
ATOM   1302 C CA  . VAL B 1 67 ? 11.406  -14.352 -4.840  1.00 31.44 ? 67  VAL B CA  1 
ATOM   1303 C C   . VAL B 1 67 ? 11.840  -14.958 -3.555  1.00 31.58 ? 67  VAL B C   1 
ATOM   1304 O O   . VAL B 1 67 ? 11.085  -15.131 -2.670  1.00 32.79 ? 67  VAL B O   1 
ATOM   1305 C CB  . VAL B 1 67 ? 10.636  -13.064 -4.512  1.00 34.05 ? 67  VAL B CB  1 
ATOM   1306 C CG1 . VAL B 1 67 ? 11.557  -12.068 -3.872  1.00 28.20 ? 67  VAL B CG1 1 
ATOM   1307 C CG2 . VAL B 1 67 ? 9.934   -12.484 -5.708  1.00 31.15 ? 67  VAL B CG2 1 
ATOM   1308 N N   . SER B 1 68 ? 13.088  -15.342 -3.523  1.00 35.41 ? 68  SER B N   1 
ATOM   1309 C CA  . SER B 1 68 ? 13.742  -15.889 -2.350  1.00 39.06 ? 68  SER B CA  1 
ATOM   1310 C C   . SER B 1 68 ? 14.018  -14.956 -1.139  1.00 42.07 ? 68  SER B C   1 
ATOM   1311 O O   . SER B 1 68 ? 13.958  -15.366 -0.020  1.00 39.58 ? 68  SER B O   1 
ATOM   1312 C CB  . SER B 1 68 ? 14.944  -16.703 -2.772  1.00 36.64 ? 68  SER B CB  1 
ATOM   1313 O OG  . SER B 1 68 ? 14.638  -17.501 -3.885  1.00 40.51 ? 68  SER B OG  1 
ATOM   1314 N N   . THR B 1 69 ? 14.306  -13.697 -1.418  1.00 44.50 ? 69  THR B N   1 
ATOM   1315 C CA  . THR B 1 69 ? 14.880  -12.738 -0.471  1.00 43.82 ? 69  THR B CA  1 
ATOM   1316 C C   . THR B 1 69 ? 14.003  -12.507 0.685   1.00 40.06 ? 69  THR B C   1 
ATOM   1317 O O   . THR B 1 69 ? 12.825  -12.604 0.595   1.00 41.32 ? 69  THR B O   1 
ATOM   1318 C CB  . THR B 1 69 ? 15.143  -11.401 -1.149  1.00 45.35 ? 69  THR B CB  1 
ATOM   1319 O OG1 . THR B 1 69 ? 15.512  -11.645 -2.490  1.00 49.31 ? 69  THR B OG1 1 
ATOM   1320 C CG2 . THR B 1 69 ? 16.245  -10.659 -0.495  1.00 39.50 ? 69  THR B CG2 1 
ATOM   1321 N N   . GLN B 1 70 ? 14.614  -12.294 1.814   1.00 42.35 ? 70  GLN B N   1 
ATOM   1322 C CA  . GLN B 1 70 ? 13.887  -12.184 3.040   1.00 37.72 ? 70  GLN B CA  1 
ATOM   1323 C C   . GLN B 1 70 ? 14.005  -10.814 3.683   1.00 40.81 ? 70  GLN B C   1 
ATOM   1324 O O   . GLN B 1 70 ? 13.500  -10.613 4.722   1.00 40.10 ? 70  GLN B O   1 
ATOM   1325 C CB  . GLN B 1 70 ? 14.359  -13.263 3.994   1.00 42.79 ? 70  GLN B CB  1 
ATOM   1326 C CG  . GLN B 1 70 ? 13.602  -14.561 3.930   1.00 43.05 ? 70  GLN B CG  1 
ATOM   1327 C CD  . GLN B 1 70 ? 12.216  -14.411 4.450   1.00 45.93 ? 70  GLN B CD  1 
ATOM   1328 O OE1 . GLN B 1 70 ? 12.018  -13.850 5.508   1.00 48.94 ? 70  GLN B OE1 1 
ATOM   1329 N NE2 . GLN B 1 70 ? 11.255  -14.883 3.713   1.00 45.44 ? 70  GLN B NE2 1 
ATOM   1330 N N   . ASP B 1 71 ? 14.704  -9.903  3.025   1.00 38.33 ? 71  ASP B N   1 
ATOM   1331 C CA  . ASP B 1 71 ? 14.946  -8.533  3.474   1.00 40.03 ? 71  ASP B CA  1 
ATOM   1332 C C   . ASP B 1 71 ? 13.883  -7.522  3.020   1.00 32.29 ? 71  ASP B C   1 
ATOM   1333 O O   . ASP B 1 71 ? 12.882  -7.910  2.561   1.00 37.80 ? 71  ASP B O   1 
ATOM   1334 C CB  . ASP B 1 71 ? 16.377  -8.090  3.176   1.00 32.89 ? 71  ASP B CB  1 
ATOM   1335 C CG  . ASP B 1 71 ? 16.657  -7.964  1.748   1.00 39.76 ? 71  ASP B CG  1 
ATOM   1336 O OD1 . ASP B 1 71 ? 15.777  -7.611  1.011   1.00 38.43 ? 71  ASP B OD1 1 
ATOM   1337 O OD2 . ASP B 1 71 ? 17.773  -8.219  1.341   1.00 36.88 ? 71  ASP B OD2 1 
ATOM   1338 N N   . CYS B 1 72 ? 14.161  -6.236  3.202   1.00 29.99 ? 72  CYS B N   1 
ATOM   1339 C CA  . CYS B 1 72 ? 13.217  -5.186  2.840   1.00 31.56 ? 72  CYS B CA  1 
ATOM   1340 C C   . CYS B 1 72 ? 13.050  -5.106  1.330   1.00 34.18 ? 72  CYS B C   1 
ATOM   1341 O O   . CYS B 1 72 ? 12.040  -4.608  0.831   1.00 29.93 ? 72  CYS B O   1 
ATOM   1342 C CB  . CYS B 1 72 ? 13.678  -3.835  3.391   1.00 29.50 ? 72  CYS B CB  1 
ATOM   1343 S SG  . CYS B 1 72 ? 13.140  -3.496  5.083   1.00 28.50 ? 72  CYS B SG  1 
ATOM   1344 N N   . THR B 1 73 ? 14.047  -5.600  0.605   1.00 27.62 ? 73  THR B N   1 
ATOM   1345 C CA  . THR B 1 73 ? 14.007  -5.593  -0.830  1.00 32.82 ? 73  THR B CA  1 
ATOM   1346 C C   . THR B 1 73 ? 12.958  -6.541  -1.466  1.00 32.27 ? 73  THR B C   1 
ATOM   1347 O O   . THR B 1 73 ? 12.665  -6.428  -2.638  1.00 29.22 ? 73  THR B O   1 
ATOM   1348 C CB  . THR B 1 73 ? 15.400  -5.778  -1.486  1.00 35.22 ? 73  THR B CB  1 
ATOM   1349 O OG1 . THR B 1 73 ? 15.969  -7.013  -1.114  1.00 37.77 ? 73  THR B OG1 1 
ATOM   1350 C CG2 . THR B 1 73 ? 16.302  -4.700  -1.111  1.00 37.87 ? 73  THR B CG2 1 
ATOM   1351 N N   . LYS B 1 74 ? 12.381  -7.426  -0.669  1.00 30.04 ? 74  LYS B N   1 
ATOM   1352 C CA  . LYS B 1 74 ? 11.476  -8.449  -1.142  1.00 32.99 ? 74  LYS B CA  1 
ATOM   1353 C C   . LYS B 1 74 ? 10.325  -7.834  -1.884  1.00 30.72 ? 74  LYS B C   1 
ATOM   1354 O O   . LYS B 1 74 ? 10.000  -8.265  -2.941  1.00 33.34 ? 74  LYS B O   1 
ATOM   1355 C CB  . LYS B 1 74 ? 10.887  -9.177  0.054   1.00 35.36 ? 74  LYS B CB  1 
ATOM   1356 C CG  . LYS B 1 74 ? 9.998   -10.363 -0.230  1.00 27.29 ? 74  LYS B CG  1 
ATOM   1357 C CD  . LYS B 1 74 ? 9.682   -11.105 1.033   1.00 34.21 ? 74  LYS B CD  1 
ATOM   1358 C CE  . LYS B 1 74 ? 9.540   -12.603 0.895   1.00 32.91 ? 74  LYS B CE  1 
ATOM   1359 N NZ  . LYS B 1 74 ? 10.277  -13.281 -0.195  1.00 33.66 ? 74  LYS B NZ  1 
ATOM   1360 N N   . PHE B 1 75 ? 9.751   -6.801  -1.335  1.00 30.70 ? 75  PHE B N   1 
ATOM   1361 C CA  . PHE B 1 75 ? 8.587   -6.224  -1.946  1.00 32.33 ? 75  PHE B CA  1 
ATOM   1362 C C   . PHE B 1 75 ? 8.810   -5.656  -3.317  1.00 33.33 ? 75  PHE B C   1 
ATOM   1363 O O   . PHE B 1 75 ? 8.053   -5.920  -4.198  1.00 37.01 ? 75  PHE B O   1 
ATOM   1364 C CB  . PHE B 1 75 ? 7.997   -5.204  -1.023  1.00 30.88 ? 75  PHE B CB  1 
ATOM   1365 C CG  . PHE B 1 75 ? 7.756   -5.740  0.311   1.00 33.41 ? 75  PHE B CG  1 
ATOM   1366 C CD1 . PHE B 1 75 ? 6.733   -6.577  0.533   1.00 32.78 ? 75  PHE B CD1 1 
ATOM   1367 C CD2 . PHE B 1 75 ? 8.598   -5.464  1.315   1.00 33.61 ? 75  PHE B CD2 1 
ATOM   1368 C CE1 . PHE B 1 75 ? 6.522   -7.107  1.747   1.00 32.62 ? 75  PHE B CE1 1 
ATOM   1369 C CE2 . PHE B 1 75 ? 8.397   -5.970  2.535   1.00 32.21 ? 75  PHE B CE2 1 
ATOM   1370 C CZ  . PHE B 1 75 ? 7.371   -6.796  2.756   1.00 34.66 ? 75  PHE B CZ  1 
ATOM   1371 N N   . SER B 1 76 ? 9.851   -4.909  -3.477  1.00 28.68 ? 76  SER B N   1 
ATOM   1372 C CA  . SER B 1 76 ? 10.170  -4.370  -4.745  1.00 32.08 ? 76  SER B CA  1 
ATOM   1373 C C   . SER B 1 76 ? 10.517  -5.472  -5.734  1.00 28.70 ? 76  SER B C   1 
ATOM   1374 O O   . SER B 1 76 ? 10.218  -5.397  -6.857  1.00 28.09 ? 76  SER B O   1 
ATOM   1375 C CB  . SER B 1 76 ? 11.187  -3.256  -4.614  1.00 36.31 ? 76  SER B CB  1 
ATOM   1376 O OG  . SER B 1 76 ? 12.342  -3.501  -5.290  1.00 37.24 ? 76  SER B OG  1 
ATOM   1377 N N   . GLU B 1 77 ? 11.130  -6.512  -5.240  1.00 32.41 ? 77  GLU B N   1 
ATOM   1378 C CA  . GLU B 1 77 ? 11.422  -7.666  -6.040  1.00 32.60 ? 77  GLU B CA  1 
ATOM   1379 C C   . GLU B 1 77 ? 10.170  -8.381  -6.539  1.00 28.56 ? 77  GLU B C   1 
ATOM   1380 O O   . GLU B 1 77 ? 10.108  -8.771  -7.653  1.00 30.33 ? 77  GLU B O   1 
ATOM   1381 C CB  . GLU B 1 77 ? 12.307  -8.621  -5.284  1.00 35.65 ? 77  GLU B CB  1 
ATOM   1382 C CG  . GLU B 1 77 ? 13.754  -8.414  -5.586  1.00 43.34 ? 77  GLU B CG  1 
ATOM   1383 C CD  . GLU B 1 77 ? 14.533  -9.677  -5.690  1.00 43.16 ? 77  GLU B CD  1 
ATOM   1384 O OE1 . GLU B 1 77 ? 13.969  -10.720 -5.909  1.00 45.84 ? 77  GLU B OE1 1 
ATOM   1385 O OE2 . GLU B 1 77 ? 15.730  -9.600  -5.564  1.00 52.53 ? 77  GLU B OE2 1 
ATOM   1386 N N   . ILE B 1 78 ? 9.208   -8.551  -5.676  1.00 28.41 ? 78  ILE B N   1 
ATOM   1387 C CA  . ILE B 1 78 ? 7.969   -9.123  -6.061  1.00 31.33 ? 78  ILE B CA  1 
ATOM   1388 C C   . ILE B 1 78 ? 7.301   -8.207  -7.084  1.00 32.62 ? 78  ILE B C   1 
ATOM   1389 O O   . ILE B 1 78 ? 6.755   -8.680  -8.012  1.00 32.70 ? 78  ILE B O   1 
ATOM   1390 C CB  . ILE B 1 78 ? 7.043   -9.374  -4.881  1.00 35.64 ? 78  ILE B CB  1 
ATOM   1391 C CG1 . ILE B 1 78 ? 7.679   -10.250 -3.848  1.00 38.37 ? 78  ILE B CG1 1 
ATOM   1392 C CG2 . ILE B 1 78 ? 5.802   -10.107 -5.303  1.00 34.54 ? 78  ILE B CG2 1 
ATOM   1393 C CD1 . ILE B 1 78 ? 7.062   -10.031 -2.505  1.00 32.37 ? 78  ILE B CD1 1 
ATOM   1394 N N   . TYR B 1 79 ? 7.390   -6.907  -6.883  1.00 28.32 ? 79  TYR B N   1 
ATOM   1395 C CA  . TYR B 1 79 ? 6.846   -5.932  -7.781  1.00 30.58 ? 79  TYR B CA  1 
ATOM   1396 C C   . TYR B 1 79 ? 7.490   -6.027  -9.137  1.00 28.53 ? 79  TYR B C   1 
ATOM   1397 O O   . TYR B 1 79 ? 6.810   -6.081  -10.070 1.00 28.03 ? 79  TYR B O   1 
ATOM   1398 C CB  . TYR B 1 79 ? 6.978   -4.488  -7.244  1.00 27.27 ? 79  TYR B CB  1 
ATOM   1399 C CG  . TYR B 1 79 ? 6.795   -3.402  -8.292  1.00 27.28 ? 79  TYR B CG  1 
ATOM   1400 C CD1 . TYR B 1 79 ? 5.552   -3.116  -8.800  1.00 28.74 ? 79  TYR B CD1 1 
ATOM   1401 C CD2 . TYR B 1 79 ? 7.869   -2.726  -8.813  1.00 27.37 ? 79  TYR B CD2 1 
ATOM   1402 C CE1 . TYR B 1 79 ? 5.370   -2.175  -9.769  1.00 30.43 ? 79  TYR B CE1 1 
ATOM   1403 C CE2 . TYR B 1 79 ? 7.706   -1.771  -9.777  1.00 28.65 ? 79  TYR B CE2 1 
ATOM   1404 C CZ  . TYR B 1 79 ? 6.446   -1.500  -10.268 1.00 30.22 ? 79  TYR B CZ  1 
ATOM   1405 O OH  . TYR B 1 79 ? 6.258   -0.574  -11.222 1.00 33.88 ? 79  TYR B OH  1 
ATOM   1406 N N   . ASP B 1 80 ? 8.807   -6.076  -9.211  1.00 31.60 ? 80  ASP B N   1 
ATOM   1407 C CA  . ASP B 1 80 ? 9.504   -6.144  -10.486 1.00 31.73 ? 80  ASP B CA  1 
ATOM   1408 C C   . ASP B 1 80 ? 9.098   -7.392  -11.241 1.00 31.59 ? 80  ASP B C   1 
ATOM   1409 O O   . ASP B 1 80 ? 9.089   -7.390  -12.414 1.00 33.82 ? 80  ASP B O   1 
ATOM   1410 C CB  . ASP B 1 80 ? 11.029  -6.079  -10.362 1.00 31.42 ? 80  ASP B CB  1 
ATOM   1411 C CG  . ASP B 1 80 ? 11.543  -4.767  -9.810  1.00 31.81 ? 80  ASP B CG  1 
ATOM   1412 O OD1 . ASP B 1 80 ? 10.913  -3.746  -9.886  1.00 27.66 ? 80  ASP B OD1 1 
ATOM   1413 O OD2 . ASP B 1 80 ? 12.628  -4.790  -9.303  1.00 36.65 ? 80  ASP B OD2 1 
ATOM   1414 N N   . CYS B 1 81 ? 8.846   -8.471  -10.546 1.00 34.07 ? 81  CYS B N   1 
ATOM   1415 C CA  . CYS B 1 81 ? 8.363   -9.666  -11.182 1.00 32.08 ? 81  CYS B CA  1 
ATOM   1416 C C   . CYS B 1 81 ? 6.978   -9.551  -11.729 1.00 36.29 ? 81  CYS B C   1 
ATOM   1417 O O   . CYS B 1 81 ? 6.736   -9.990  -12.794 1.00 36.84 ? 81  CYS B O   1 
ATOM   1418 C CB  . CYS B 1 81 ? 8.500   -10.881 -10.306 1.00 32.14 ? 81  CYS B CB  1 
ATOM   1419 S SG  . CYS B 1 81 ? 7.924   -12.389 -11.047 1.00 34.49 ? 81  CYS B SG  1 
ATOM   1420 N N   . TYR B 1 82 ? 6.082   -8.933  -10.993 1.00 32.27 ? 82  TYR B N   1 
ATOM   1421 C CA  . TYR B 1 82 ? 4.765   -8.727  -11.465 1.00 28.96 ? 82  TYR B CA  1 
ATOM   1422 C C   . TYR B 1 82 ? 4.858   -7.907  -12.727 1.00 32.24 ? 82  TYR B C   1 
ATOM   1423 O O   . TYR B 1 82 ? 4.229   -8.206  -13.661 1.00 35.86 ? 82  TYR B O   1 
ATOM   1424 C CB  . TYR B 1 82 ? 3.946   -7.941  -10.452 1.00 32.59 ? 82  TYR B CB  1 
ATOM   1425 C CG  . TYR B 1 82 ? 3.590   -8.623  -9.159  1.00 34.30 ? 82  TYR B CG  1 
ATOM   1426 C CD1 . TYR B 1 82 ? 3.823   -9.953  -8.973  1.00 32.08 ? 82  TYR B CD1 1 
ATOM   1427 C CD2 . TYR B 1 82 ? 3.039   -7.924  -8.136  1.00 32.82 ? 82  TYR B CD2 1 
ATOM   1428 C CE1 . TYR B 1 82 ? 3.515   -10.564 -7.797  1.00 35.01 ? 82  TYR B CE1 1 
ATOM   1429 C CE2 . TYR B 1 82 ? 2.728   -8.518  -6.968  1.00 28.89 ? 82  TYR B CE2 1 
ATOM   1430 C CZ  . TYR B 1 82 ? 2.964   -9.845  -6.797  1.00 36.08 ? 82  TYR B CZ  1 
ATOM   1431 O OH  . TYR B 1 82 ? 2.655   -10.443 -5.642  1.00 31.99 ? 82  TYR B OH  1 
ATOM   1432 N N   . MET B 1 83 ? 5.661   -6.872  -12.733 1.00 31.07 ? 83  MET B N   1 
ATOM   1433 C CA  . MET B 1 83 ? 5.818   -6.042  -13.894 1.00 34.65 ? 83  MET B CA  1 
ATOM   1434 C C   . MET B 1 83 ? 6.439   -6.765  -15.083 1.00 35.28 ? 83  MET B C   1 
ATOM   1435 O O   . MET B 1 83 ? 6.167   -6.438  -16.206 1.00 32.21 ? 83  MET B O   1 
ATOM   1436 C CB  . MET B 1 83 ? 6.611   -4.798  -13.601 1.00 32.40 ? 83  MET B CB  1 
ATOM   1437 C CG  . MET B 1 83 ? 6.003   -3.859  -12.610 1.00 33.00 ? 83  MET B CG  1 
ATOM   1438 S SD  . MET B 1 83 ? 4.463   -3.239  -13.184 1.00 48.21 ? 83  MET B SD  1 
ATOM   1439 C CE  . MET B 1 83 ? 3.419   -3.965  -11.959 1.00 34.08 ? 83  MET B CE  1 
ATOM   1440 N N   . LYS B 1 84 ? 7.339   -7.682  -14.806 1.00 29.31 ? 84  LYS B N   1 
ATOM   1441 C CA  . LYS B 1 84 ? 7.985   -8.446  -15.845 1.00 34.75 ? 84  LYS B CA  1 
ATOM   1442 C C   . LYS B 1 84 ? 6.989   -9.336  -16.568 1.00 36.39 ? 84  LYS B C   1 
ATOM   1443 O O   . LYS B 1 84 ? 7.057   -9.490  -17.740 1.00 37.31 ? 84  LYS B O   1 
ATOM   1444 C CB  . LYS B 1 84 ? 9.149   -9.240  -15.341 1.00 32.65 ? 84  LYS B CB  1 
ATOM   1445 C CG  . LYS B 1 84 ? 10.192  -9.475  -16.389 1.00 38.92 ? 84  LYS B CG  1 
ATOM   1446 C CD  . LYS B 1 84 ? 11.318  -10.298 -15.804 1.00 41.89 ? 84  LYS B CD  1 
ATOM   1447 C CE  . LYS B 1 84 ? 12.596  -10.219 -16.608 1.00 50.72 ? 84  LYS B CE  1 
ATOM   1448 N NZ  . LYS B 1 84 ? 13.814  -10.507 -15.855 1.00 40.11 ? 84  LYS B NZ  1 
ATOM   1449 N N   . LYS B 1 85 ? 6.065   -9.874  -15.819 1.00 31.29 ? 85  LYS B N   1 
ATOM   1450 C CA  . LYS B 1 85 ? 5.016   -10.683 -16.341 1.00 34.20 ? 85  LYS B CA  1 
ATOM   1451 C C   . LYS B 1 85 ? 3.900   -9.808  -16.909 1.00 36.24 ? 85  LYS B C   1 
ATOM   1452 O O   . LYS B 1 85 ? 2.943   -10.291 -17.411 1.00 36.57 ? 85  LYS B O   1 
ATOM   1453 C CB  . LYS B 1 85 ? 4.500   -11.622 -15.293 1.00 31.19 ? 85  LYS B CB  1 
ATOM   1454 C CG  . LYS B 1 85 ? 5.560   -12.387 -14.552 1.00 41.59 ? 85  LYS B CG  1 
ATOM   1455 C CD  . LYS B 1 85 ? 6.354   -13.294 -15.439 1.00 35.42 ? 85  LYS B CD  1 
ATOM   1456 C CE  . LYS B 1 85 ? 7.496   -13.951 -14.706 1.00 40.54 ? 85  LYS B CE  1 
ATOM   1457 N NZ  . LYS B 1 85 ? 7.930   -15.202 -15.345 1.00 39.08 ? 85  LYS B NZ  1 
ATOM   1458 N N   . LYS B 1 86 ? 4.082   -8.508  -16.849 1.00 34.10 ? 86  LYS B N   1 
ATOM   1459 C CA  . LYS B 1 86 ? 3.092   -7.581  -17.342 1.00 33.00 ? 86  LYS B CA  1 
ATOM   1460 C C   . LYS B 1 86 ? 1.717   -7.758  -16.734 1.00 33.21 ? 86  LYS B C   1 
ATOM   1461 O O   . LYS B 1 86 ? 0.746   -7.727  -17.406 1.00 38.18 ? 86  LYS B O   1 
ATOM   1462 C CB  . LYS B 1 86 ? 3.021   -7.641  -18.861 1.00 38.73 ? 86  LYS B CB  1 
ATOM   1463 C CG  . LYS B 1 86 ? 4.286   -7.236  -19.530 1.00 34.34 ? 86  LYS B CG  1 
ATOM   1464 C CD  . LYS B 1 86 ? 4.406   -7.780  -20.910 1.00 41.64 ? 86  LYS B CD  1 
ATOM   1465 C CE  . LYS B 1 86 ? 5.589   -7.161  -21.611 1.00 38.60 ? 86  LYS B CE  1 
ATOM   1466 N NZ  . LYS B 1 86 ? 5.529   -5.692  -21.563 1.00 39.55 ? 86  LYS B NZ  1 
ATOM   1467 N N   . ILE B 1 87 ? 1.668   -7.893  -15.428 1.00 36.08 ? 87  ILE B N   1 
ATOM   1468 C CA  . ILE B 1 87 ? 0.500   -8.298  -14.722 1.00 32.11 ? 87  ILE B CA  1 
ATOM   1469 C C   . ILE B 1 87 ? -0.653  -7.334  -14.936 1.00 34.01 ? 87  ILE B C   1 
ATOM   1470 O O   . ILE B 1 87 ? -1.732  -7.741  -15.078 1.00 30.86 ? 87  ILE B O   1 
ATOM   1471 C CB  . ILE B 1 87 ? 0.801   -8.479  -13.234 1.00 31.13 ? 87  ILE B CB  1 
ATOM   1472 C CG1 . ILE B 1 87 ? -0.252  -9.301  -12.557 1.00 33.34 ? 87  ILE B CG1 1 
ATOM   1473 C CG2 . ILE B 1 87 ? 0.878   -7.158  -12.533 1.00 32.58 ? 87  ILE B CG2 1 
ATOM   1474 C CD1 . ILE B 1 87 ? 0.002   -9.547  -11.110 1.00 34.37 ? 87  ILE B CD1 1 
ATOM   1475 N N   . CYS B 1 88 ? -0.361  -6.038  -14.968 1.00 35.29 ? 88  CYS B N   1 
ATOM   1476 C CA  . CYS B 1 88 ? -1.398  -5.017  -15.121 1.00 34.37 ? 88  CYS B CA  1 
ATOM   1477 C C   . CYS B 1 88 ? -2.175  -5.126  -16.435 1.00 35.81 ? 88  CYS B C   1 
ATOM   1478 O O   . CYS B 1 88 ? -3.208  -4.480  -16.609 1.00 30.76 ? 88  CYS B O   1 
ATOM   1479 C CB  . CYS B 1 88 ? -0.791  -3.617  -14.989 1.00 36.50 ? 88  CYS B CB  1 
ATOM   1480 S SG  . CYS B 1 88 ? -0.569  -3.058  -13.284 1.00 33.23 ? 88  CYS B SG  1 
ATOM   1481 N N   . ASN B 1 89 ? -1.673  -5.943  -17.354 1.00 35.45 ? 89  ASN B N   1 
ATOM   1482 C CA  . ASN B 1 89 ? -2.285  -6.122  -18.648 1.00 38.52 ? 89  ASN B CA  1 
ATOM   1483 C C   . ASN B 1 89 ? -3.641  -6.726  -18.534 1.00 33.93 ? 89  ASN B C   1 
ATOM   1484 O O   . ASN B 1 89 ? -4.416  -6.550  -19.385 1.00 36.16 ? 89  ASN B O   1 
ATOM   1485 C CB  . ASN B 1 89 ? -1.406  -6.864  -19.633 1.00 29.94 ? 89  ASN B CB  1 
ATOM   1486 C CG  . ASN B 1 89 ? -0.340  -5.985  -20.214 1.00 37.84 ? 89  ASN B CG  1 
ATOM   1487 O OD1 . ASN B 1 89 ? -0.383  -4.804  -20.049 1.00 36.60 ? 89  ASN B OD1 1 
ATOM   1488 N ND2 . ASN B 1 89 ? 0.602   -6.564  -20.905 1.00 24.98 ? 89  ASN B ND2 1 
ATOM   1489 N N   . TYR B 1 90 ? -3.875  -7.457  -17.469 1.00 34.96 ? 90  TYR B N   1 
ATOM   1490 C CA  . TYR B 1 90 ? -5.151  -8.047  -17.192 1.00 33.50 ? 90  TYR B CA  1 
ATOM   1491 C C   . TYR B 1 90 ? -6.123  -7.079  -16.519 1.00 37.94 ? 90  TYR B C   1 
ATOM   1492 O O   . TYR B 1 90 ? -7.266  -7.376  -16.383 1.00 42.10 ? 90  TYR B O   1 
ATOM   1493 C CB  . TYR B 1 90 ? -4.993  -9.302  -16.360 1.00 37.66 ? 90  TYR B CB  1 
ATOM   1494 C CG  . TYR B 1 90 ? -4.248  -10.448 -16.991 1.00 37.66 ? 90  TYR B CG  1 
ATOM   1495 C CD1 . TYR B 1 90 ? -2.886  -10.497 -16.992 1.00 38.17 ? 90  TYR B CD1 1 
ATOM   1496 C CD2 . TYR B 1 90 ? -4.912  -11.492 -17.549 1.00 35.46 ? 90  TYR B CD2 1 
ATOM   1497 C CE1 . TYR B 1 90 ? -2.211  -11.553 -17.544 1.00 41.41 ? 90  TYR B CE1 1 
ATOM   1498 C CE2 . TYR B 1 90 ? -4.241  -12.549 -18.103 1.00 41.26 ? 90  TYR B CE2 1 
ATOM   1499 C CZ  . TYR B 1 90 ? -2.886  -12.573 -18.092 1.00 39.13 ? 90  TYR B CZ  1 
ATOM   1500 O OH  . TYR B 1 90 ? -2.224  -13.609 -18.629 1.00 42.30 ? 90  TYR B OH  1 
ATOM   1501 N N   . TYR B 1 91 ? -5.654  -5.930  -16.101 1.00 32.40 ? 91  TYR B N   1 
ATOM   1502 C CA  . TYR B 1 91 ? -6.489  -5.036  -15.330 1.00 35.66 ? 91  TYR B CA  1 
ATOM   1503 C C   . TYR B 1 91 ? -7.160  -3.870  -16.088 1.00 32.44 ? 91  TYR B C   1 
ATOM   1504 O O   . TYR B 1 91 ? -6.749  -3.482  -17.108 1.00 33.91 ? 91  TYR B O   1 
ATOM   1505 C CB  . TYR B 1 91 ? -5.707  -4.490  -14.125 1.00 35.22 ? 91  TYR B CB  1 
ATOM   1506 C CG  . TYR B 1 91 ? -5.393  -5.465  -13.008 1.00 34.45 ? 91  TYR B CG  1 
ATOM   1507 C CD1 . TYR B 1 91 ? -4.377  -6.354  -13.117 1.00 32.33 ? 91  TYR B CD1 1 
ATOM   1508 C CD2 . TYR B 1 91 ? -6.100  -5.445  -11.838 1.00 35.15 ? 91  TYR B CD2 1 
ATOM   1509 C CE1 . TYR B 1 91 ? -4.083  -7.222  -12.103 1.00 34.96 ? 91  TYR B CE1 1 
ATOM   1510 C CE2 . TYR B 1 91 ? -5.833  -6.304  -10.820 1.00 32.47 ? 91  TYR B CE2 1 
ATOM   1511 C CZ  . TYR B 1 91 ? -4.810  -7.193  -10.948 1.00 36.08 ? 91  TYR B CZ  1 
ATOM   1512 O OH  . TYR B 1 91 ? -4.532  -8.033  -9.954  1.00 32.62 ? 91  TYR B OH  1 
ATOM   1513 N N   . PRO B 1 92 ? -8.185  -3.265  -15.505 1.00 36.98 ? 92  PRO B N   1 
ATOM   1514 C CA  . PRO B 1 92 ? -8.865  -2.088  -16.049 1.00 38.39 ? 92  PRO B CA  1 
ATOM   1515 C C   . PRO B 1 92 ? -8.040  -0.815  -16.240 1.00 44.28 ? 92  PRO B C   1 
ATOM   1516 O O   . PRO B 1 92 ? -7.068  -0.645  -15.568 1.00 44.09 ? 92  PRO B O   1 
ATOM   1517 C CB  . PRO B 1 92 ? -9.880  -1.796  -14.989 1.00 44.16 ? 92  PRO B CB  1 
ATOM   1518 C CG  . PRO B 1 92 ? -10.198 -3.095  -14.414 1.00 38.53 ? 92  PRO B CG  1 
ATOM   1519 C CD  . PRO B 1 92 ? -9.003  -3.931  -14.505 1.00 36.68 ? 92  PRO B CD  1 
ATOM   1520 N N   . GLU B 1 93 ? -8.424  0.065   -17.152 1.00 46.07 ? 93  GLU B N   1 
ATOM   1521 C CA  . GLU B 1 93 ? -7.668  1.301   -17.338 1.00 51.96 ? 93  GLU B CA  1 
ATOM   1522 C C   . GLU B 1 93 ? -8.262  2.434   -16.519 1.00 54.14 ? 93  GLU B C   1 
ATOM   1523 O O   . GLU B 1 93 ? -9.439  2.437   -16.298 1.00 53.88 ? 93  GLU B O   1 
ATOM   1524 C CB  . GLU B 1 93 ? -7.551  1.687   -18.795 1.00 50.45 ? 93  GLU B CB  1 
ATOM   1525 C CG  . GLU B 1 93 ? -7.198  3.130   -19.069 1.00 47.79 ? 93  GLU B CG  1 
ATOM   1526 C CD  . GLU B 1 93 ? -6.758  3.356   -20.482 1.00 51.80 ? 93  GLU B CD  1 
ATOM   1527 O OE1 . GLU B 1 93 ? -7.012  2.505   -21.309 1.00 52.03 ? 93  GLU B OE1 1 
ATOM   1528 O OE2 . GLU B 1 93 ? -6.150  4.381   -20.795 1.00 57.96 ? 93  GLU B OE2 1 
HETATM 1529 O O   . HOH C 2 .  ? -2.415  -10.003 11.131  1.00 37.35 ? 201 HOH A O   1 
HETATM 1530 O O   . HOH C 2 .  ? -1.356  4.900   4.508   1.00 41.27 ? 202 HOH A O   1 
HETATM 1531 O O   . HOH C 2 .  ? -6.224  19.770  6.184   1.00 45.50 ? 203 HOH A O   1 
HETATM 1532 O O   . HOH C 2 .  ? -2.451  20.828  -2.730  1.00 39.59 ? 204 HOH A O   1 
HETATM 1533 O O   . HOH C 2 .  ? 3.693   -6.476  11.322  1.00 37.12 ? 205 HOH A O   1 
HETATM 1534 O O   . HOH C 2 .  ? 4.734   -8.430  9.581   1.00 40.44 ? 206 HOH A O   1 
HETATM 1535 O O   . HOH C 2 .  ? -8.969  -4.385  2.671   1.00 36.33 ? 207 HOH A O   1 
HETATM 1536 O O   . HOH C 2 .  ? 0.155   6.563   6.899   1.00 44.22 ? 208 HOH A O   1 
HETATM 1537 O O   . HOH C 2 .  ? -3.662  13.957  -5.539  1.00 43.83 ? 209 HOH A O   1 
HETATM 1538 O O   . HOH C 2 .  ? -4.449  15.864  -3.701  1.00 41.50 ? 210 HOH A O   1 
HETATM 1539 O O   . HOH C 2 .  ? 1.595   9.616   16.590  1.00 42.35 ? 211 HOH A O   1 
HETATM 1540 O O   . HOH C 2 .  ? -13.480 10.200  6.810   1.00 38.54 ? 212 HOH A O   1 
HETATM 1541 O O   . HOH D 2 .  ? -17.325 -10.893 -6.383  1.00 46.46 ? 201 HOH B O   1 
HETATM 1542 O O   . HOH D 2 .  ? 10.846  -4.912  9.345   1.00 39.23 ? 202 HOH B O   1 
HETATM 1543 O O   . HOH D 2 .  ? -7.176  -5.784  -19.585 1.00 41.43 ? 203 HOH B O   1 
HETATM 1544 O O   . HOH D 2 .  ? 1.299   -3.922  -17.753 1.00 44.07 ? 204 HOH B O   1 
HETATM 1545 O O   . HOH D 2 .  ? 12.373  -17.711 2.375   1.00 42.63 ? 205 HOH B O   1 
HETATM 1546 O O   . HOH D 2 .  ? -5.348  -20.279 0.010   1.00 45.56 ? 206 HOH B O   1 
# 
